data_6PUE
#
_entry.id   6PUE
#
_cell.length_a   218.216
_cell.length_b   71.067
_cell.length_c   144.293
_cell.angle_alpha   90.000
_cell.angle_beta   104.766
_cell.angle_gamma   90.000
#
_symmetry.space_group_name_H-M   'C 1 2 1'
#
loop_
_entity.id
_entity.type
_entity.pdbx_description
1 polymer 'Major histocompatibility complex class I-related gene protein'
2 polymer Beta-2-microglobulin
3 polymer 'Human TCR alpha chain'
4 polymer 'Human TCR beta chain'
5 non-polymer GLYCEROL
6 non-polymer 1,4-dideoxy-1-({2,6-dioxo-5-[(E)-(2-oxopropylidene)amino]-1,2,3,6-tetrahydropyrimidin-4-yl}amino)-D-erythro-pentitol
7 non-polymer 'SODIUM ION'
8 water water
#
loop_
_entity_poly.entity_id
_entity_poly.type
_entity_poly.pdbx_seq_one_letter_code
_entity_poly.pdbx_strand_id
1 'polypeptide(L)'
;MRTHSLRYFRLGVSDPIHGVPEFISVGYVDSHPITTYDSVTRQKEPRAPWMAENLAPDHWERYTQLLRGWQQMFKVELKR
LQRHYNHSGSHTYQRMIGCELLEDGSTTGFLQYAYDGQDFLIFNKDTLSWLAVDNVAHTIKQAWEANQHELLYQKNWLEE
ECIAWLKRFLEYGKDTLQRTEPPLVRVNRKETFPGVTALFCKAHGFYPPEIYMTWMKNGEEIVQEIDYGDILPSGDGTYQ
AWASIELDPQSSNLYSCHVEHSGVHMVLQVP
;
A,C
2 'polypeptide(L)'
;MIQRTPKIQVYSRHPAENGKSNFLNCYVSGFHPSDIEVDLLKNGERIEKVEHSDLSFSKDWSFYLLYYTEFTPTEKDEYA
CRVNHVTLSQPKIVKWDRDM
;
B,F
3 'polypeptide(L)'
;MGQNIDQPTEMTATEGAIVQINCTYQTSGFNGLFWYQQHAGEAPTFLSYNVLDGLEEKGRFSSFLSRSKGYSYLLLKELQ
MKDSASYLCAVKDSNYQLIWGAGTKLIIKPDIQNPDPAVYQLRDSKSSDKSVCLFTDFDSQTNVSQSKDSDVYITDKCVL
DMRSMDFKSNSAVAWSNKSDFACANAFNNSIIPEDTFFPSPESS
;
D,G
4 'polypeptide(L)'
;MNAGVTQTPKFQVLKTGQSMTLQCAQDMNHNSMYWYRQDPGMGLRLIYYSASEGTTDKGEVPNGYNVSRLNKREFSLRLE
SAAPSQTSVYFCASSVWTGEGSGELFFGEGSRLTVLEDLKNVFPPEVAVFEPSEAEISHTQKATLVCLATGFYPDHVELS
WWVNGKEVHSGVCTDPQPLKEQPALNDSRYALSSRLRVSATFWQNPRNHFRCQVQFYGLSENDEWTQDRAKPVTQIVSAE
AWGRAD
;
E,H
#
# COMPACT_ATOMS: atom_id res chain seq x y z
N MET A 1 16.15 37.37 52.81
CA MET A 1 17.27 36.47 52.57
C MET A 1 18.55 37.26 52.29
N ARG A 2 19.69 36.59 52.48
CA ARG A 2 20.97 37.08 51.95
C ARG A 2 20.96 36.96 50.42
N THR A 3 22.02 37.45 49.79
CA THR A 3 22.19 37.25 48.35
C THR A 3 22.43 35.77 48.04
N HIS A 4 21.76 35.26 46.99
CA HIS A 4 21.93 33.87 46.56
C HIS A 4 22.10 33.86 45.04
N SER A 5 22.70 32.79 44.52
CA SER A 5 22.93 32.70 43.09
C SER A 5 22.77 31.26 42.61
N LEU A 6 22.45 31.12 41.34
CA LEU A 6 22.40 29.83 40.66
C LEU A 6 23.27 29.95 39.44
N ARG A 7 24.15 28.97 39.22
CA ARG A 7 24.92 29.00 37.98
C ARG A 7 25.23 27.57 37.52
N TYR A 8 25.30 27.41 36.21
CA TYR A 8 25.71 26.16 35.58
C TYR A 8 26.97 26.37 34.77
N PHE A 9 27.95 25.51 34.98
CA PHE A 9 29.18 25.47 34.19
C PHE A 9 29.17 24.30 33.22
N ARG A 10 29.89 24.47 32.13
CA ARG A 10 30.24 23.38 31.22
C ARG A 10 31.73 23.48 30.93
N LEU A 11 32.36 22.33 30.81
CA LEU A 11 33.76 22.24 30.41
C LEU A 11 33.88 21.26 29.26
N GLY A 12 34.51 21.69 28.18
CA GLY A 12 34.87 20.80 27.07
C GLY A 12 36.37 20.73 26.91
N VAL A 13 36.88 19.53 26.66
CA VAL A 13 38.30 19.29 26.45
C VAL A 13 38.47 18.59 25.10
N SER A 14 39.38 19.09 24.26
CA SER A 14 39.37 18.60 22.87
C SER A 14 40.10 17.27 22.70
N ASP A 15 41.16 17.01 23.44
CA ASP A 15 41.91 15.76 23.32
C ASP A 15 42.26 15.26 24.72
N PRO A 16 41.26 14.84 25.49
CA PRO A 16 41.51 14.48 26.89
C PRO A 16 42.33 13.22 27.03
N ILE A 17 43.14 13.18 28.10
CA ILE A 17 43.82 11.97 28.52
C ILE A 17 42.81 10.85 28.75
N HIS A 18 43.25 9.61 28.51
CA HIS A 18 42.40 8.43 28.70
C HIS A 18 41.79 8.42 30.10
N GLY A 19 40.48 8.17 30.15
CA GLY A 19 39.73 8.11 31.40
C GLY A 19 39.03 9.40 31.79
N VAL A 20 39.56 10.56 31.42
CA VAL A 20 38.97 11.83 31.84
C VAL A 20 37.94 12.29 30.82
N PRO A 21 36.82 12.85 31.26
CA PRO A 21 35.72 13.14 30.33
C PRO A 21 36.05 14.29 29.39
N GLU A 22 35.56 14.18 28.16
CA GLU A 22 35.64 15.32 27.25
C GLU A 22 34.66 16.42 27.62
N PHE A 23 33.65 16.13 28.44
CA PHE A 23 32.58 17.08 28.73
C PHE A 23 32.11 16.87 30.16
N ILE A 24 32.00 17.96 30.92
CA ILE A 24 31.45 17.95 32.28
C ILE A 24 30.51 19.15 32.40
N SER A 25 29.44 18.99 33.15
CA SER A 25 28.59 20.15 33.45
C SER A 25 28.06 20.04 34.87
N VAL A 26 28.25 21.11 35.67
CA VAL A 26 27.91 21.14 37.09
C VAL A 26 27.11 22.40 37.38
N GLY A 27 26.05 22.27 38.19
CA GLY A 27 25.28 23.41 38.67
C GLY A 27 25.60 23.70 40.13
N TYR A 28 25.47 24.97 40.52
CA TYR A 28 25.74 25.41 41.88
C TYR A 28 24.64 26.35 42.34
N VAL A 29 24.21 26.18 43.59
CA VAL A 29 23.52 27.23 44.31
C VAL A 29 24.47 27.75 45.37
N ASP A 30 24.82 29.04 45.27
CA ASP A 30 25.90 29.62 46.08
C ASP A 30 27.15 28.76 45.86
N SER A 31 27.80 28.28 46.93
CA SER A 31 28.96 27.42 46.83
CA SER A 31 28.96 27.42 46.81
C SER A 31 28.61 25.93 46.85
N HIS A 32 27.32 25.59 46.82
CA HIS A 32 26.88 24.21 46.93
C HIS A 32 26.67 23.61 45.55
N PRO A 33 27.43 22.59 45.15
CA PRO A 33 27.06 21.85 43.94
C PRO A 33 25.69 21.22 44.10
N ILE A 34 24.86 21.37 43.06
CA ILE A 34 23.54 20.75 43.09
C ILE A 34 23.36 19.67 42.01
N THR A 35 24.06 19.76 40.88
CA THR A 35 23.86 18.81 39.78
C THR A 35 25.20 18.50 39.13
N THR A 36 25.33 17.30 38.55
CA THR A 36 26.52 16.99 37.75
C THR A 36 26.14 16.12 36.55
N TYR A 37 26.92 16.23 35.49
CA TYR A 37 26.77 15.46 34.28
C TYR A 37 28.16 15.34 33.65
N ASP A 38 28.48 14.18 33.07
CA ASP A 38 29.69 14.16 32.26
C ASP A 38 29.56 13.12 31.15
N SER A 39 30.52 13.16 30.22
CA SER A 39 30.42 12.31 29.03
C SER A 39 30.68 10.84 29.33
N VAL A 40 31.12 10.52 30.55
CA VAL A 40 31.32 9.12 30.95
C VAL A 40 30.05 8.54 31.56
N THR A 41 29.45 9.20 32.55
CA THR A 41 28.21 8.68 33.12
C THR A 41 27.05 8.86 32.16
N ARG A 42 27.07 9.93 31.37
CA ARG A 42 25.98 10.33 30.48
CA ARG A 42 25.98 10.34 30.49
C ARG A 42 24.65 10.45 31.22
N GLN A 43 24.70 10.73 32.52
CA GLN A 43 23.52 10.88 33.34
C GLN A 43 23.62 12.18 34.13
N LYS A 44 22.52 12.92 34.19
CA LYS A 44 22.47 14.06 35.11
C LYS A 44 22.03 13.54 36.48
N GLU A 45 22.80 13.89 37.51
CA GLU A 45 22.61 13.37 38.86
C GLU A 45 22.66 14.50 39.89
N PRO A 46 21.95 14.35 41.01
CA PRO A 46 22.01 15.36 42.07
C PRO A 46 23.33 15.28 42.83
N ARG A 47 23.76 16.43 43.34
CA ARG A 47 24.96 16.53 44.14
C ARG A 47 24.67 17.08 45.52
N ALA A 48 23.41 17.38 45.83
CA ALA A 48 22.97 17.74 47.16
C ALA A 48 21.75 16.90 47.50
N PRO A 49 21.66 16.40 48.73
CA PRO A 49 20.51 15.54 49.10
C PRO A 49 19.17 16.25 48.98
N TRP A 50 19.12 17.57 49.20
CA TRP A 50 17.85 18.27 49.05
C TRP A 50 17.45 18.49 47.58
N MET A 51 18.34 18.26 46.62
CA MET A 51 17.91 18.18 45.22
C MET A 51 17.29 16.83 44.90
N ALA A 52 17.91 15.74 45.37
CA ALA A 52 17.39 14.41 45.07
C ALA A 52 15.99 14.21 45.64
N GLU A 53 15.72 14.78 46.80
CA GLU A 53 14.46 14.55 47.51
C GLU A 53 13.30 15.39 47.01
N ASN A 54 13.55 16.37 46.13
CA ASN A 54 12.52 17.30 45.70
C ASN A 54 12.28 17.33 44.20
N LEU A 55 13.14 16.70 43.42
CA LEU A 55 13.02 16.64 41.97
C LEU A 55 12.74 15.20 41.59
N ALA A 56 11.59 14.96 40.95
CA ALA A 56 11.16 13.62 40.57
C ALA A 56 12.07 13.03 39.49
N PRO A 57 12.05 11.70 39.33
CA PRO A 57 12.83 11.07 38.26
C PRO A 57 12.62 11.67 36.88
N ASP A 58 11.41 12.20 36.59
CA ASP A 58 11.16 12.82 35.30
C ASP A 58 12.10 13.99 35.05
N HIS A 59 12.48 14.69 36.11
CA HIS A 59 13.37 15.83 35.95
C HIS A 59 14.75 15.39 35.51
N TRP A 60 15.35 14.42 36.22
CA TRP A 60 16.67 13.93 35.86
C TRP A 60 16.67 13.24 34.49
N GLU A 61 15.58 12.55 34.13
CA GLU A 61 15.54 11.89 32.82
C GLU A 61 15.55 12.90 31.69
N ARG A 62 14.76 13.96 31.85
CA ARG A 62 14.62 14.94 30.77
C ARG A 62 15.91 15.74 30.60
N TYR A 63 16.44 16.31 31.70
CA TYR A 63 17.70 17.03 31.55
C TYR A 63 18.87 16.12 31.18
N THR A 64 18.80 14.82 31.49
CA THR A 64 19.83 13.92 30.98
C THR A 64 19.85 13.93 29.44
N GLN A 65 18.67 13.93 28.81
CA GLN A 65 18.60 13.99 27.35
C GLN A 65 19.09 15.35 26.83
N LEU A 66 18.73 16.43 27.51
CA LEU A 66 19.18 17.76 27.05
C LEU A 66 20.70 17.87 27.15
N LEU A 67 21.29 17.30 28.20
CA LEU A 67 22.73 17.39 28.39
C LEU A 67 23.48 16.52 27.40
N ARG A 68 22.90 15.38 27.01
CA ARG A 68 23.49 14.62 25.92
C ARG A 68 23.56 15.47 24.65
N GLY A 69 22.54 16.29 24.40
CA GLY A 69 22.60 17.21 23.27
C GLY A 69 23.57 18.36 23.49
N TRP A 70 23.56 18.97 24.69
CA TRP A 70 24.49 20.06 24.95
C TRP A 70 25.93 19.58 24.87
N GLN A 71 26.19 18.34 25.26
CA GLN A 71 27.53 17.77 25.12
C GLN A 71 27.96 17.75 23.64
N GLN A 72 27.06 17.31 22.75
CA GLN A 72 27.42 17.30 21.34
C GLN A 72 27.63 18.71 20.81
N MET A 73 26.75 19.64 21.18
CA MET A 73 26.92 21.03 20.74
C MET A 73 28.26 21.59 21.18
N PHE A 74 28.69 21.28 22.41
CA PHE A 74 29.97 21.75 22.92
C PHE A 74 31.13 21.16 22.14
N LYS A 75 31.06 19.87 21.81
CA LYS A 75 32.09 19.26 20.98
C LYS A 75 32.24 19.98 19.64
N VAL A 76 31.10 20.27 18.98
CA VAL A 76 31.14 20.90 17.67
C VAL A 76 31.63 22.34 17.76
N GLU A 77 31.17 23.10 18.77
CA GLU A 77 31.66 24.46 18.96
C GLU A 77 33.16 24.49 19.24
N LEU A 78 33.67 23.55 20.05
CA LEU A 78 35.10 23.53 20.34
C LEU A 78 35.93 23.17 19.11
N LYS A 79 35.45 22.21 18.33
CA LYS A 79 36.14 21.86 17.09
C LYS A 79 36.25 23.07 16.16
N ARG A 80 35.17 23.86 16.04
CA ARG A 80 35.20 25.04 15.19
C ARG A 80 36.18 26.09 15.72
N LEU A 81 36.21 26.27 17.05
CA LEU A 81 37.13 27.25 17.63
C LEU A 81 38.59 26.85 17.37
N GLN A 82 38.93 25.57 17.59
CA GLN A 82 40.32 25.16 17.46
C GLN A 82 40.78 25.20 16.00
N ARG A 83 39.85 24.97 15.06
CA ARG A 83 40.18 25.13 13.65
C ARG A 83 40.41 26.59 13.28
N HIS A 84 39.58 27.49 13.80
CA HIS A 84 39.77 28.90 13.48
CA HIS A 84 39.75 28.92 13.51
C HIS A 84 41.01 29.47 14.15
N TYR A 85 41.34 29.02 15.36
CA TYR A 85 42.58 29.44 15.98
C TYR A 85 43.80 28.80 15.33
N ASN A 86 43.59 27.75 14.53
CA ASN A 86 44.67 26.91 14.00
C ASN A 86 45.54 26.37 15.14
N HIS A 87 44.89 25.75 16.13
CA HIS A 87 45.56 25.23 17.31
C HIS A 87 45.64 23.72 17.27
N SER A 88 46.80 23.17 17.62
CA SER A 88 46.96 21.74 17.81
C SER A 88 47.01 21.41 19.30
N GLY A 89 46.83 20.12 19.60
CA GLY A 89 46.86 19.66 20.98
C GLY A 89 45.50 19.72 21.63
N SER A 90 45.50 19.62 22.96
CA SER A 90 44.29 19.70 23.76
C SER A 90 44.03 21.13 24.21
N HIS A 91 42.80 21.60 23.99
CA HIS A 91 42.37 22.93 24.38
C HIS A 91 41.02 22.83 25.07
N THR A 92 40.69 23.83 25.89
CA THR A 92 39.47 23.77 26.68
C THR A 92 38.48 24.83 26.22
N TYR A 93 37.21 24.53 26.46
CA TYR A 93 36.08 25.39 26.17
C TYR A 93 35.20 25.41 27.41
N GLN A 94 34.69 26.58 27.78
CA GLN A 94 33.94 26.67 29.02
C GLN A 94 32.77 27.62 28.83
N ARG A 95 31.70 27.33 29.54
CA ARG A 95 30.51 28.17 29.56
C ARG A 95 30.05 28.33 30.99
N MET A 96 29.55 29.51 31.33
CA MET A 96 28.94 29.75 32.62
CA MET A 96 28.94 29.76 32.63
C MET A 96 27.67 30.57 32.41
N ILE A 97 26.56 30.11 32.96
CA ILE A 97 25.32 30.86 32.90
C ILE A 97 24.74 30.90 34.30
N GLY A 98 24.04 31.98 34.62
CA GLY A 98 23.43 32.02 35.93
C GLY A 98 22.87 33.38 36.26
N CYS A 99 22.45 33.49 37.52
CA CYS A 99 21.71 34.67 37.98
C CYS A 99 21.92 34.80 39.47
N GLU A 100 21.66 36.00 39.97
CA GLU A 100 21.73 36.30 41.40
C GLU A 100 20.44 37.00 41.82
N LEU A 101 19.98 36.68 43.00
CA LEU A 101 18.86 37.35 43.63
C LEU A 101 19.47 38.10 44.80
N LEU A 102 19.55 39.43 44.68
CA LEU A 102 20.24 40.23 45.69
C LEU A 102 19.35 40.42 46.91
N GLU A 103 20.00 40.70 48.04
CA GLU A 103 19.27 40.90 49.29
C GLU A 103 18.16 41.93 49.16
N ASP A 104 18.41 43.04 48.46
CA ASP A 104 17.42 44.09 48.27
C ASP A 104 16.33 43.73 47.28
N GLY A 105 16.38 42.54 46.68
CA GLY A 105 15.35 42.09 45.76
C GLY A 105 15.65 42.33 44.29
N SER A 106 16.76 43.00 43.96
CA SER A 106 17.14 43.14 42.58
C SER A 106 17.79 41.85 42.07
N THR A 107 18.00 41.78 40.77
CA THR A 107 18.53 40.57 40.15
C THR A 107 19.64 40.94 39.18
N THR A 108 20.55 40.00 38.96
CA THR A 108 21.52 40.06 37.87
C THR A 108 21.46 38.75 37.10
N GLY A 109 21.94 38.77 35.87
CA GLY A 109 21.96 37.59 35.03
C GLY A 109 23.17 37.68 34.13
N PHE A 110 23.77 36.52 33.84
CA PHE A 110 25.05 36.53 33.11
C PHE A 110 25.22 35.23 32.33
N LEU A 111 25.96 35.34 31.23
CA LEU A 111 26.27 34.22 30.35
C LEU A 111 27.58 34.53 29.65
N GLN A 112 28.55 33.64 29.76
CA GLN A 112 29.80 33.89 29.08
C GLN A 112 30.51 32.59 28.76
N TYR A 113 31.47 32.70 27.85
CA TYR A 113 32.23 31.59 27.32
C TYR A 113 33.71 31.91 27.47
N ALA A 114 34.52 30.86 27.58
CA ALA A 114 35.97 31.00 27.67
C ALA A 114 36.63 29.93 26.82
N TYR A 115 37.78 30.28 26.26
CA TYR A 115 38.62 29.36 25.52
C TYR A 115 39.99 29.30 26.20
N ASP A 116 40.44 28.10 26.54
CA ASP A 116 41.68 27.92 27.29
C ASP A 116 41.70 28.77 28.56
N GLY A 117 40.55 28.84 29.23
CA GLY A 117 40.46 29.52 30.50
C GLY A 117 40.45 31.05 30.45
N GLN A 118 40.40 31.65 29.26
CA GLN A 118 40.35 33.10 29.14
C GLN A 118 39.01 33.52 28.55
N ASP A 119 38.47 34.65 29.02
CA ASP A 119 37.24 35.22 28.46
C ASP A 119 37.26 35.16 26.93
N PHE A 120 36.13 34.74 26.36
CA PHE A 120 36.05 34.60 24.91
C PHE A 120 34.85 35.37 24.34
N LEU A 121 33.66 35.13 24.90
CA LEU A 121 32.46 35.84 24.48
C LEU A 121 31.63 36.11 25.73
N ILE A 122 31.15 37.34 25.88
CA ILE A 122 30.41 37.73 27.07
C ILE A 122 29.11 38.38 26.62
N PHE A 123 27.98 37.87 27.13
CA PHE A 123 26.66 38.31 26.71
C PHE A 123 26.21 39.52 27.52
N ASN A 124 25.62 40.50 26.84
CA ASN A 124 25.03 41.67 27.48
C ASN A 124 23.54 41.60 27.22
N LYS A 125 22.78 41.24 28.24
CA LYS A 125 21.35 41.02 28.04
C LYS A 125 20.56 42.34 27.98
N ASP A 126 21.20 43.48 28.17
CA ASP A 126 20.48 44.75 28.06
C ASP A 126 20.59 45.33 26.66
N THR A 127 21.79 45.35 26.11
CA THR A 127 21.99 45.73 24.73
C THR A 127 21.79 44.56 23.77
N LEU A 128 21.54 43.35 24.29
CA LEU A 128 21.32 42.15 23.47
C LEU A 128 22.42 41.98 22.43
N SER A 129 23.63 41.76 22.91
CA SER A 129 24.77 41.61 22.02
C SER A 129 25.86 40.85 22.76
N TRP A 130 26.85 40.42 21.99
CA TRP A 130 27.97 39.63 22.49
C TRP A 130 29.25 40.44 22.37
N LEU A 131 30.03 40.48 23.45
CA LEU A 131 31.34 41.10 23.43
C LEU A 131 32.38 40.05 23.04
N ALA A 132 33.11 40.33 21.96
CA ALA A 132 34.14 39.44 21.44
C ALA A 132 35.52 39.97 21.81
N VAL A 133 36.40 39.07 22.25
CA VAL A 133 37.74 39.47 22.67
C VAL A 133 38.79 39.41 21.56
N ASP A 134 38.50 38.71 20.46
CA ASP A 134 39.45 38.62 19.36
C ASP A 134 38.65 38.29 18.09
N ASN A 135 39.36 38.06 17.00
CA ASN A 135 38.69 37.87 15.71
C ASN A 135 38.04 36.52 15.54
N VAL A 136 38.50 35.50 16.26
CA VAL A 136 37.76 34.25 16.24
C VAL A 136 36.41 34.44 16.91
N ALA A 137 36.40 35.06 18.10
CA ALA A 137 35.15 35.37 18.78
C ALA A 137 34.30 36.33 17.95
N HIS A 138 34.94 37.27 17.26
CA HIS A 138 34.21 38.21 16.41
C HIS A 138 33.43 37.49 15.32
N THR A 139 34.00 36.40 14.79
CA THR A 139 33.28 35.59 13.81
C THR A 139 32.09 34.89 14.45
N ILE A 140 32.27 34.31 15.65
CA ILE A 140 31.13 33.68 16.33
C ILE A 140 30.08 34.72 16.68
N LYS A 141 30.50 35.87 17.20
CA LYS A 141 29.58 36.94 17.55
C LYS A 141 28.64 37.27 16.40
N GLN A 142 29.18 37.46 15.19
CA GLN A 142 28.34 37.78 14.04
CA GLN A 142 28.33 37.79 14.05
C GLN A 142 27.31 36.69 13.80
N ALA A 143 27.72 35.42 13.89
CA ALA A 143 26.78 34.33 13.64
C ALA A 143 25.69 34.27 14.71
N TRP A 144 26.07 34.46 15.97
CA TRP A 144 25.11 34.39 17.06
C TRP A 144 24.18 35.59 17.06
N GLU A 145 24.69 36.77 16.71
CA GLU A 145 23.84 37.95 16.74
C GLU A 145 22.90 37.99 15.55
N ALA A 146 23.16 37.18 14.53
CA ALA A 146 22.26 37.11 13.38
C ALA A 146 20.93 36.47 13.75
N ASN A 147 20.88 35.77 14.88
CA ASN A 147 19.71 35.03 15.31
C ASN A 147 19.11 35.81 16.48
N GLN A 148 18.40 36.88 16.14
CA GLN A 148 17.89 37.78 17.16
C GLN A 148 16.98 37.08 18.16
N HIS A 149 16.18 36.11 17.70
CA HIS A 149 15.25 35.44 18.60
C HIS A 149 15.99 34.68 19.70
N GLU A 150 17.18 34.20 19.40
CA GLU A 150 17.93 33.47 20.41
C GLU A 150 18.49 34.42 21.47
N LEU A 151 18.87 35.64 21.06
CA LEU A 151 19.25 36.64 22.05
C LEU A 151 18.10 36.95 22.99
N LEU A 152 16.90 37.16 22.42
CA LEU A 152 15.71 37.40 23.22
C LEU A 152 15.45 36.23 24.15
N TYR A 153 15.59 35.01 23.64
CA TYR A 153 15.38 33.81 24.45
C TYR A 153 16.31 33.80 25.64
N GLN A 154 17.60 34.13 25.42
CA GLN A 154 18.54 34.13 26.53
CA GLN A 154 18.58 34.17 26.50
C GLN A 154 18.23 35.23 27.55
N LYS A 155 17.77 36.39 27.10
CA LYS A 155 17.41 37.43 28.06
C LYS A 155 16.25 36.97 28.94
N ASN A 156 15.22 36.38 28.34
CA ASN A 156 14.12 35.88 29.14
C ASN A 156 14.58 34.77 30.09
N TRP A 157 15.46 33.87 29.64
CA TRP A 157 15.89 32.78 30.54
C TRP A 157 16.65 33.37 31.74
N LEU A 158 17.55 34.31 31.47
CA LEU A 158 18.35 34.90 32.53
C LEU A 158 17.51 35.73 33.49
N GLU A 159 16.52 36.47 32.97
CA GLU A 159 15.79 37.38 33.85
C GLU A 159 14.61 36.72 34.54
N GLU A 160 13.96 35.73 33.92
CA GLU A 160 12.76 35.13 34.49
C GLU A 160 12.96 33.68 34.89
N GLU A 161 13.37 32.83 33.96
CA GLU A 161 13.43 31.40 34.25
C GLU A 161 14.46 31.10 35.31
N CYS A 162 15.67 31.65 35.16
CA CYS A 162 16.75 31.38 36.10
C CYS A 162 16.37 31.79 37.52
N ILE A 163 15.80 32.98 37.67
CA ILE A 163 15.39 33.44 38.99
C ILE A 163 14.32 32.51 39.57
N ALA A 164 13.40 32.03 38.73
CA ALA A 164 12.38 31.09 39.20
C ALA A 164 13.00 29.79 39.70
N TRP A 165 13.95 29.24 38.92
CA TRP A 165 14.69 28.06 39.38
C TRP A 165 15.41 28.34 40.69
N LEU A 166 16.08 29.49 40.78
CA LEU A 166 16.82 29.83 41.99
C LEU A 166 15.90 29.82 43.21
N LYS A 167 14.75 30.49 43.12
CA LYS A 167 13.87 30.54 44.29
C LYS A 167 13.31 29.16 44.65
N ARG A 168 13.14 28.31 43.64
CA ARG A 168 12.69 26.96 43.88
C ARG A 168 13.76 26.17 44.63
N PHE A 169 15.01 26.26 44.18
CA PHE A 169 16.08 25.51 44.84
C PHE A 169 16.35 26.05 46.25
N LEU A 170 16.22 27.38 46.43
CA LEU A 170 16.44 27.97 47.75
C LEU A 170 15.45 27.43 48.77
N GLU A 171 14.22 27.16 48.34
CA GLU A 171 13.23 26.56 49.23
C GLU A 171 13.57 25.10 49.52
N TYR A 172 13.94 24.34 48.48
CA TYR A 172 14.38 22.95 48.68
C TYR A 172 15.51 22.86 49.69
N GLY A 173 16.52 23.73 49.57
CA GLY A 173 17.71 23.63 50.40
C GLY A 173 17.77 24.61 51.55
N LYS A 174 16.61 25.11 51.98
CA LYS A 174 16.57 26.21 52.95
C LYS A 174 17.29 25.86 54.25
N ASP A 175 17.17 24.61 54.72
CA ASP A 175 17.81 24.27 55.99
C ASP A 175 19.31 24.37 55.90
N THR A 176 19.86 24.18 54.70
CA THR A 176 21.28 24.32 54.47
C THR A 176 21.66 25.75 54.12
N LEU A 177 20.95 26.33 53.14
CA LEU A 177 21.39 27.57 52.52
C LEU A 177 21.04 28.81 53.33
N GLN A 178 19.99 28.75 54.14
CA GLN A 178 19.52 29.93 54.85
C GLN A 178 19.89 29.92 56.33
N ARG A 179 20.69 28.96 56.77
CA ARG A 179 21.12 28.92 58.17
C ARG A 179 22.30 29.87 58.41
N THR A 180 22.62 30.05 59.68
CA THR A 180 23.76 30.86 60.09
C THR A 180 24.49 30.14 61.21
N GLU A 181 25.78 29.91 61.02
CA GLU A 181 26.62 29.37 62.10
C GLU A 181 27.69 30.40 62.39
N PRO A 182 27.68 31.06 63.56
CA PRO A 182 28.61 32.17 63.78
C PRO A 182 30.04 31.67 63.92
N PRO A 183 31.02 32.51 63.60
CA PRO A 183 32.42 32.09 63.69
C PRO A 183 32.92 32.06 65.13
N LEU A 184 33.89 31.18 65.36
CA LEU A 184 34.69 31.20 66.58
C LEU A 184 36.03 31.84 66.25
N VAL A 185 36.37 32.94 66.93
CA VAL A 185 37.47 33.79 66.52
C VAL A 185 38.50 33.87 67.63
N ARG A 186 39.77 33.80 67.26
CA ARG A 186 40.85 33.80 68.25
C ARG A 186 42.06 34.50 67.64
N VAL A 187 42.94 34.98 68.53
CA VAL A 187 44.15 35.71 68.15
C VAL A 187 45.35 35.01 68.78
N ASN A 188 46.44 34.90 68.03
CA ASN A 188 47.70 34.41 68.57
C ASN A 188 48.87 35.10 67.86
N ARG A 189 50.09 34.83 68.35
CA ARG A 189 51.33 35.36 67.79
C ARG A 189 52.17 34.24 67.18
N LYS A 190 52.93 34.59 66.14
CA LYS A 190 53.77 33.63 65.44
C LYS A 190 54.98 34.31 64.78
N THR A 197 57.63 39.11 64.30
CA THR A 197 56.43 38.72 65.03
C THR A 197 55.17 39.31 64.40
N ALA A 198 54.16 38.47 64.19
CA ALA A 198 52.91 38.86 63.55
C ALA A 198 51.72 38.41 64.37
N LEU A 199 50.67 39.24 64.37
CA LEU A 199 49.41 38.91 65.01
C LEU A 199 48.54 38.20 64.00
N PHE A 200 48.11 36.98 64.34
CA PHE A 200 47.18 36.22 63.52
C PHE A 200 45.80 36.25 64.15
N CYS A 201 44.80 36.49 63.32
CA CYS A 201 43.40 36.43 63.74
C CYS A 201 42.74 35.32 62.95
N LYS A 202 42.23 34.29 63.64
CA LYS A 202 41.73 33.09 62.98
C LYS A 202 40.28 32.83 63.33
N ALA A 203 39.48 32.50 62.32
CA ALA A 203 38.06 32.21 62.50
C ALA A 203 37.73 30.87 61.87
N HIS A 204 36.87 30.11 62.53
CA HIS A 204 36.44 28.83 61.99
C HIS A 204 35.00 28.56 62.43
N GLY A 205 34.42 27.51 61.86
CA GLY A 205 33.08 27.07 62.21
C GLY A 205 31.93 27.86 61.61
N PHE A 206 32.16 28.76 60.65
CA PHE A 206 31.09 29.66 60.25
C PHE A 206 30.42 29.23 58.94
N TYR A 207 29.17 29.67 58.78
CA TYR A 207 28.37 29.50 57.58
C TYR A 207 27.38 30.66 57.59
N PRO A 208 27.17 31.36 56.46
CA PRO A 208 27.74 31.17 55.12
C PRO A 208 29.21 31.57 55.04
N PRO A 209 29.90 31.23 53.94
CA PRO A 209 31.34 31.49 53.87
C PRO A 209 31.71 32.96 53.77
N GLU A 210 30.76 33.83 53.42
CA GLU A 210 31.04 35.25 53.29
C GLU A 210 31.38 35.85 54.67
N ILE A 211 32.60 36.38 54.80
CA ILE A 211 33.07 36.93 56.06
C ILE A 211 34.11 38.00 55.73
N TYR A 212 34.28 38.96 56.63
CA TYR A 212 35.32 39.97 56.45
C TYR A 212 36.10 40.09 57.74
N MET A 213 37.39 39.80 57.67
CA MET A 213 38.31 39.93 58.78
C MET A 213 39.35 40.96 58.42
N THR A 214 39.61 41.89 59.35
CA THR A 214 40.65 42.88 59.10
C THR A 214 41.26 43.27 60.43
N TRP A 215 42.41 43.93 60.35
CA TRP A 215 43.13 44.41 61.52
C TRP A 215 43.08 45.93 61.55
N MET A 216 42.87 46.49 62.75
CA MET A 216 42.93 47.93 62.96
C MET A 216 44.02 48.24 63.95
N LYS A 217 44.76 49.32 63.67
CA LYS A 217 45.81 49.83 64.54
C LYS A 217 45.37 51.18 65.06
N ASN A 218 45.22 51.28 66.40
CA ASN A 218 44.77 52.51 67.05
C ASN A 218 43.46 53.02 66.43
N GLY A 219 42.56 52.08 66.12
CA GLY A 219 41.26 52.44 65.57
C GLY A 219 41.26 52.84 64.11
N GLU A 220 42.33 52.55 63.36
CA GLU A 220 42.40 52.86 61.94
C GLU A 220 42.81 51.61 61.17
N GLU A 221 42.16 51.41 60.02
CA GLU A 221 42.39 50.27 59.16
C GLU A 221 43.36 50.65 58.06
N ILE A 222 44.26 49.74 57.70
CA ILE A 222 45.19 49.96 56.60
C ILE A 222 45.41 48.64 55.87
N VAL A 223 44.66 48.43 54.78
CA VAL A 223 44.67 47.15 54.07
C VAL A 223 46.04 46.83 53.46
N GLN A 224 46.86 47.84 53.18
CA GLN A 224 48.16 47.60 52.57
C GLN A 224 49.09 46.83 53.51
N GLU A 225 48.95 47.02 54.82
CA GLU A 225 49.81 46.38 55.81
C GLU A 225 49.31 44.99 56.24
N ILE A 226 48.17 44.54 55.73
CA ILE A 226 47.49 43.34 56.22
C ILE A 226 47.62 42.22 55.20
N ASP A 227 47.89 41.01 55.70
CA ASP A 227 47.86 39.81 54.88
C ASP A 227 46.52 39.10 55.10
N TYR A 228 45.70 39.04 54.05
CA TYR A 228 44.37 38.43 54.13
C TYR A 228 44.44 36.99 53.59
N GLY A 229 44.10 36.02 54.45
CA GLY A 229 44.00 34.64 54.00
C GLY A 229 42.66 34.34 53.33
N ASP A 230 42.64 33.24 52.56
CA ASP A 230 41.42 32.89 51.84
C ASP A 230 40.40 32.25 52.77
N ILE A 231 39.14 32.36 52.39
CA ILE A 231 38.06 31.63 53.07
C ILE A 231 38.09 30.21 52.55
N LEU A 232 38.32 29.25 53.44
CA LEU A 232 38.55 27.87 53.00
C LEU A 232 37.50 26.93 53.57
N PRO A 233 37.12 25.89 52.82
CA PRO A 233 36.17 24.91 53.35
C PRO A 233 36.85 24.00 54.35
N SER A 234 36.19 23.80 55.49
CA SER A 234 36.71 22.95 56.54
C SER A 234 36.39 21.47 56.30
N GLY A 235 35.48 21.17 55.39
CA GLY A 235 35.10 19.81 55.06
C GLY A 235 33.80 19.35 55.69
N ASP A 236 33.31 20.05 56.71
CA ASP A 236 32.08 19.65 57.39
C ASP A 236 30.89 20.54 57.06
N GLY A 237 30.98 21.36 56.00
CA GLY A 237 29.96 22.33 55.67
C GLY A 237 30.23 23.74 56.18
N THR A 238 31.19 23.93 57.07
CA THR A 238 31.57 25.26 57.54
C THR A 238 32.89 25.68 56.92
N TYR A 239 33.33 26.90 57.23
CA TYR A 239 34.48 27.51 56.62
C TYR A 239 35.40 28.11 57.67
N GLN A 240 36.61 28.46 57.25
CA GLN A 240 37.59 29.08 58.11
C GLN A 240 38.38 30.11 57.32
N ALA A 241 38.91 31.10 58.04
CA ALA A 241 39.66 32.19 57.41
C ALA A 241 40.61 32.77 58.45
N TRP A 242 41.48 33.65 58.00
CA TRP A 242 42.44 34.29 58.88
C TRP A 242 42.94 35.57 58.24
N ALA A 243 43.52 36.44 59.07
CA ALA A 243 44.20 37.63 58.61
C ALA A 243 45.33 37.92 59.58
N SER A 244 46.48 38.33 59.06
CA SER A 244 47.66 38.57 59.88
C SER A 244 48.17 39.98 59.68
N ILE A 245 48.94 40.44 60.67
CA ILE A 245 49.57 41.76 60.62
C ILE A 245 50.83 41.71 61.47
N GLU A 246 51.88 42.40 61.01
CA GLU A 246 53.17 42.42 61.69
C GLU A 246 53.21 43.56 62.71
N LEU A 247 53.83 43.28 63.86
CA LEU A 247 53.86 44.23 64.96
C LEU A 247 55.02 45.20 64.83
N ASP A 248 54.77 46.46 65.21
CA ASP A 248 55.80 47.49 65.20
C ASP A 248 56.48 47.52 66.57
N PRO A 249 57.74 47.09 66.69
CA PRO A 249 58.42 47.13 67.98
C PRO A 249 58.92 48.51 68.38
N GLN A 250 58.82 49.51 67.49
CA GLN A 250 59.35 50.84 67.74
C GLN A 250 58.34 51.77 68.41
N SER A 251 57.05 51.45 68.36
CA SER A 251 56.02 52.29 68.96
C SER A 251 54.95 51.42 69.58
N SER A 252 54.30 51.95 70.62
CA SER A 252 53.17 51.28 71.26
C SER A 252 51.90 51.60 70.48
N ASN A 253 51.21 50.56 70.03
CA ASN A 253 49.96 50.73 69.31
C ASN A 253 48.95 49.70 69.79
N LEU A 254 47.68 50.08 69.76
CA LEU A 254 46.58 49.17 70.08
C LEU A 254 46.15 48.48 68.80
N TYR A 255 46.23 47.15 68.78
CA TYR A 255 45.79 46.35 67.65
C TYR A 255 44.51 45.61 67.98
N SER A 256 43.60 45.52 67.01
CA SER A 256 42.35 44.83 67.24
C SER A 256 41.92 44.13 65.97
N CYS A 257 41.44 42.90 66.10
CA CYS A 257 40.87 42.16 64.98
C CYS A 257 39.38 42.46 64.92
N HIS A 258 38.90 42.80 63.72
CA HIS A 258 37.49 43.04 63.46
C HIS A 258 36.98 41.96 62.51
N VAL A 259 35.86 41.32 62.88
CA VAL A 259 35.26 40.28 62.05
C VAL A 259 33.79 40.62 61.85
N GLU A 260 33.34 40.54 60.60
CA GLU A 260 31.95 40.83 60.25
C GLU A 260 31.37 39.59 59.58
N HIS A 261 30.25 39.11 60.10
CA HIS A 261 29.63 37.90 59.58
C HIS A 261 28.12 37.98 59.81
N SER A 262 27.35 37.89 58.72
CA SER A 262 25.88 37.77 58.76
C SER A 262 25.23 38.78 59.68
N GLY A 263 25.67 40.04 59.58
CA GLY A 263 25.05 41.10 60.32
C GLY A 263 25.49 41.25 61.76
N VAL A 264 26.57 40.57 62.17
CA VAL A 264 27.15 40.69 63.51
C VAL A 264 28.59 41.16 63.33
N HIS A 265 29.00 42.16 64.13
CA HIS A 265 30.39 42.61 64.11
C HIS A 265 31.04 42.21 65.43
N MET A 266 32.31 41.85 65.35
CA MET A 266 33.05 41.34 66.50
C MET A 266 34.41 42.03 66.51
N VAL A 267 34.88 42.39 67.70
CA VAL A 267 36.18 43.03 67.87
C VAL A 267 36.96 42.28 68.94
N LEU A 268 38.22 41.93 68.62
CA LEU A 268 39.11 41.27 69.57
C LEU A 268 40.30 42.20 69.79
N GLN A 269 40.36 42.79 70.99
CA GLN A 269 41.44 43.69 71.37
C GLN A 269 42.65 42.90 71.85
N VAL A 270 43.81 43.22 71.31
CA VAL A 270 45.07 42.58 71.71
C VAL A 270 45.67 43.42 72.83
N PRO A 271 45.79 42.89 74.06
CA PRO A 271 46.33 43.62 75.20
C PRO A 271 47.82 43.91 75.06
N ILE B 2 47.37 30.60 28.09
CA ILE B 2 47.81 30.87 29.46
C ILE B 2 47.37 29.75 30.41
N GLN B 3 48.34 29.20 31.14
CA GLN B 3 48.08 28.21 32.17
C GLN B 3 48.32 28.83 33.53
N ARG B 4 47.55 28.38 34.52
CA ARG B 4 47.64 28.90 35.88
C ARG B 4 48.07 27.78 36.82
N THR B 5 49.06 28.06 37.66
CA THR B 5 49.54 27.04 38.56
C THR B 5 48.66 26.97 39.81
N PRO B 6 48.51 25.79 40.40
CA PRO B 6 47.62 25.67 41.56
C PRO B 6 48.20 26.31 42.82
N LYS B 7 47.34 27.02 43.53
CA LYS B 7 47.59 27.41 44.91
C LYS B 7 47.28 26.22 45.82
N ILE B 8 48.08 26.02 46.87
CA ILE B 8 47.99 24.80 47.67
C ILE B 8 48.03 25.19 49.14
N GLN B 9 46.96 24.86 49.87
CA GLN B 9 46.88 25.19 51.28
C GLN B 9 46.52 23.94 52.07
N VAL B 10 47.29 23.69 53.13
CA VAL B 10 47.17 22.49 53.95
C VAL B 10 46.82 22.94 55.36
N TYR B 11 45.79 22.34 55.93
CA TYR B 11 45.23 22.83 57.19
C TYR B 11 44.32 21.76 57.77
N SER B 12 44.09 21.85 59.08
CA SER B 12 43.17 20.96 59.76
C SER B 12 41.76 21.55 59.78
N ARG B 13 40.78 20.65 59.77
CA ARG B 13 39.38 21.06 59.87
C ARG B 13 39.12 21.93 61.09
N HIS B 14 39.54 21.46 62.26
CA HIS B 14 39.45 22.16 63.54
C HIS B 14 40.83 22.55 64.01
N PRO B 15 40.95 23.54 64.89
CA PRO B 15 42.24 23.81 65.53
C PRO B 15 42.81 22.53 66.12
N ALA B 16 44.07 22.24 65.78
CA ALA B 16 44.66 20.95 66.11
C ALA B 16 45.06 20.88 67.58
N GLU B 17 44.75 19.74 68.20
CA GLU B 17 45.23 19.41 69.53
C GLU B 17 45.72 17.97 69.49
N ASN B 18 46.94 17.74 69.96
CA ASN B 18 47.52 16.40 69.90
C ASN B 18 46.65 15.40 70.63
N GLY B 19 46.51 14.21 70.04
CA GLY B 19 45.69 13.15 70.60
C GLY B 19 44.21 13.24 70.30
N LYS B 20 43.74 14.35 69.71
CA LYS B 20 42.33 14.52 69.36
C LYS B 20 42.14 14.26 67.87
N SER B 21 41.12 13.47 67.54
CA SER B 21 40.88 13.12 66.14
C SER B 21 40.47 14.36 65.35
N ASN B 22 40.94 14.45 64.11
CA ASN B 22 40.75 15.64 63.29
C ASN B 22 40.65 15.21 61.83
N PHE B 23 40.63 16.20 60.94
CA PHE B 23 40.72 15.99 59.50
C PHE B 23 41.80 16.90 58.95
N LEU B 24 42.71 16.33 58.14
CA LEU B 24 43.73 17.12 57.46
C LEU B 24 43.22 17.42 56.05
N ASN B 25 43.17 18.71 55.69
CA ASN B 25 42.64 19.19 54.42
C ASN B 25 43.76 19.68 53.52
N CYS B 26 43.64 19.43 52.22
CA CYS B 26 44.50 20.06 51.21
C CYS B 26 43.59 20.66 50.17
N TYR B 27 43.56 21.97 50.09
CA TYR B 27 42.66 22.68 49.19
C TYR B 27 43.52 23.19 48.04
N VAL B 28 43.27 22.67 46.85
CA VAL B 28 44.01 23.08 45.65
C VAL B 28 43.08 23.89 44.78
N SER B 29 43.55 25.07 44.33
CA SER B 29 42.64 26.01 43.67
C SER B 29 43.38 26.89 42.67
N GLY B 30 42.60 27.61 41.86
CA GLY B 30 43.15 28.59 40.94
C GLY B 30 43.88 28.03 39.74
N PHE B 31 43.87 26.72 39.53
CA PHE B 31 44.64 26.13 38.45
C PHE B 31 43.81 25.99 37.17
N HIS B 32 44.52 25.90 36.05
CA HIS B 32 43.99 25.70 34.70
C HIS B 32 45.13 25.17 33.83
N PRO B 33 44.92 24.09 33.06
CA PRO B 33 43.71 23.27 32.90
C PRO B 33 43.43 22.34 34.08
N SER B 34 42.45 21.45 33.91
CA SER B 34 41.82 20.78 35.04
C SER B 34 42.51 19.50 35.51
N ASP B 35 43.42 18.92 34.72
CA ASP B 35 44.12 17.73 35.20
C ASP B 35 45.05 18.09 36.35
N ILE B 36 45.05 17.26 37.39
CA ILE B 36 45.87 17.54 38.56
C ILE B 36 46.05 16.25 39.36
N GLU B 37 47.21 16.12 40.00
CA GLU B 37 47.55 15.02 40.90
C GLU B 37 47.69 15.55 42.32
N VAL B 38 47.04 14.90 43.28
CA VAL B 38 47.12 15.33 44.69
C VAL B 38 47.29 14.11 45.60
N ASP B 39 48.33 14.13 46.43
CA ASP B 39 48.57 13.11 47.44
C ASP B 39 48.79 13.78 48.79
N LEU B 40 48.20 13.20 49.83
CA LEU B 40 48.49 13.59 51.20
C LEU B 40 49.60 12.69 51.74
N LEU B 41 50.58 13.29 52.41
CA LEU B 41 51.78 12.59 52.86
C LEU B 41 51.86 12.61 54.38
N LYS B 42 52.18 11.46 54.97
CA LYS B 42 52.44 11.33 56.40
C LYS B 42 53.88 10.85 56.58
N ASN B 43 54.73 11.72 57.13
CA ASN B 43 56.16 11.45 57.27
C ASN B 43 56.79 11.11 55.92
N GLY B 44 56.34 11.79 54.87
CA GLY B 44 56.84 11.58 53.53
C GLY B 44 56.26 10.39 52.79
N GLU B 45 55.33 9.65 53.39
CA GLU B 45 54.73 8.49 52.76
C GLU B 45 53.28 8.79 52.43
N ARG B 46 52.87 8.43 51.20
CA ARG B 46 51.50 8.70 50.76
C ARG B 46 50.50 7.99 51.65
N ILE B 47 49.40 8.67 51.95
CA ILE B 47 48.30 8.13 52.74
C ILE B 47 47.30 7.49 51.79
N GLU B 48 46.84 6.28 52.12
CA GLU B 48 45.96 5.55 51.21
C GLU B 48 44.53 6.06 51.27
N LYS B 49 43.89 6.00 52.45
CA LYS B 49 42.50 6.38 52.62
C LYS B 49 42.37 7.89 52.56
N VAL B 50 42.32 8.41 51.34
CA VAL B 50 42.26 9.85 51.08
C VAL B 50 41.07 10.13 50.18
N GLU B 51 40.16 10.99 50.64
CA GLU B 51 38.96 11.36 49.91
C GLU B 51 39.11 12.75 49.31
N HIS B 52 38.25 13.05 48.33
CA HIS B 52 38.31 14.36 47.68
C HIS B 52 36.95 14.70 47.09
N SER B 53 36.64 15.99 47.06
CA SER B 53 35.43 16.48 46.42
C SER B 53 35.55 16.30 44.89
N ASP B 54 34.42 16.46 44.21
CA ASP B 54 34.46 16.52 42.75
C ASP B 54 35.16 17.81 42.32
N LEU B 55 35.77 17.77 41.13
CA LEU B 55 36.27 18.96 40.46
C LEU B 55 35.22 20.07 40.52
N SER B 56 35.66 21.27 40.91
CA SER B 56 34.77 22.41 41.06
C SER B 56 35.24 23.56 40.17
N PHE B 57 34.30 24.44 39.82
CA PHE B 57 34.51 25.48 38.81
C PHE B 57 34.39 26.85 39.46
N SER B 58 35.36 27.71 39.20
CA SER B 58 35.30 29.10 39.66
C SER B 58 34.85 30.03 38.54
N LYS B 59 34.34 31.20 38.96
CA LYS B 59 33.86 32.20 38.00
C LYS B 59 34.97 32.73 37.08
N ASP B 60 36.23 32.63 37.48
CA ASP B 60 37.33 33.11 36.67
C ASP B 60 37.87 32.03 35.76
N TRP B 61 37.15 30.92 35.64
CA TRP B 61 37.38 29.83 34.72
C TRP B 61 38.42 28.86 35.27
N SER B 62 38.97 29.08 36.47
CA SER B 62 39.89 28.11 37.05
C SER B 62 39.10 27.05 37.83
N PHE B 63 39.83 26.10 38.40
CA PHE B 63 39.23 24.95 39.07
C PHE B 63 39.79 24.83 40.47
N TYR B 64 39.03 24.17 41.34
CA TYR B 64 39.49 23.86 42.69
C TYR B 64 38.94 22.52 43.14
N LEU B 65 39.58 21.98 44.18
CA LEU B 65 39.36 20.66 44.73
C LEU B 65 39.79 20.64 46.20
N LEU B 66 39.08 19.87 47.01
CA LEU B 66 39.47 19.64 48.40
C LEU B 66 39.80 18.17 48.60
N TYR B 67 41.00 17.89 49.09
CA TYR B 67 41.45 16.56 49.49
C TYR B 67 41.59 16.53 51.00
N TYR B 68 41.11 15.45 51.61
CA TYR B 68 41.03 15.36 53.06
C TYR B 68 41.13 13.91 53.52
N THR B 69 41.65 13.73 54.72
CA THR B 69 41.79 12.42 55.34
C THR B 69 41.64 12.57 56.84
N GLU B 70 41.04 11.56 57.47
CA GLU B 70 40.90 11.53 58.91
C GLU B 70 42.25 11.22 59.55
N PHE B 71 42.62 11.98 60.58
CA PHE B 71 43.90 11.73 61.24
C PHE B 71 43.85 12.24 62.67
N THR B 72 44.74 11.68 63.50
CA THR B 72 44.94 12.19 64.86
C THR B 72 46.35 12.76 64.93
N PRO B 73 46.52 14.08 65.05
CA PRO B 73 47.87 14.63 65.06
C PRO B 73 48.61 14.29 66.33
N THR B 74 49.90 13.96 66.18
CA THR B 74 50.79 13.70 67.29
C THR B 74 51.96 14.66 67.22
N GLU B 75 52.84 14.60 68.23
CA GLU B 75 53.96 15.53 68.27
C GLU B 75 54.99 15.20 67.20
N LYS B 76 55.22 13.92 66.90
CA LYS B 76 56.30 13.51 66.03
C LYS B 76 55.91 13.43 64.56
N ASP B 77 54.64 13.15 64.26
CA ASP B 77 54.22 12.92 62.88
C ASP B 77 54.20 14.22 62.08
N GLU B 78 54.70 14.15 60.85
CA GLU B 78 54.71 15.29 59.93
C GLU B 78 53.82 14.98 58.73
N TYR B 79 52.98 15.96 58.37
CA TYR B 79 52.03 15.81 57.27
C TYR B 79 52.30 16.84 56.19
N ALA B 80 51.93 16.49 54.95
CA ALA B 80 52.18 17.37 53.83
C ALA B 80 51.21 17.02 52.70
N CYS B 81 51.16 17.91 51.71
CA CYS B 81 50.38 17.69 50.49
C CYS B 81 51.31 17.79 49.29
N ARG B 82 51.22 16.80 48.40
CA ARG B 82 52.04 16.76 47.19
C ARG B 82 51.14 16.89 45.97
N VAL B 83 51.46 17.85 45.10
CA VAL B 83 50.60 18.22 43.97
C VAL B 83 51.44 18.21 42.69
N ASN B 84 50.88 17.66 41.61
CA ASN B 84 51.51 17.75 40.30
C ASN B 84 50.52 18.27 39.27
N HIS B 85 51.01 19.19 38.44
CA HIS B 85 50.20 19.88 37.45
C HIS B 85 51.08 20.13 36.24
N VAL B 86 50.45 20.34 35.09
CA VAL B 86 51.21 20.60 33.87
C VAL B 86 52.08 21.84 34.02
N THR B 87 51.71 22.76 34.91
CA THR B 87 52.51 23.96 35.17
C THR B 87 53.70 23.71 36.10
N LEU B 88 53.91 22.47 36.55
CA LEU B 88 54.94 22.15 37.53
C LEU B 88 55.97 21.22 36.89
N SER B 89 57.22 21.69 36.79
CA SER B 89 58.27 20.84 36.27
C SER B 89 58.50 19.61 37.14
N GLN B 90 58.19 19.72 38.44
CA GLN B 90 58.32 18.61 39.38
C GLN B 90 57.22 18.76 40.42
N PRO B 91 56.80 17.65 41.05
CA PRO B 91 55.75 17.76 42.07
C PRO B 91 56.14 18.71 43.20
N LYS B 92 55.16 19.44 43.71
CA LYS B 92 55.36 20.45 44.74
C LYS B 92 54.79 19.94 46.06
N ILE B 93 55.55 20.10 47.13
CA ILE B 93 55.17 19.62 48.46
C ILE B 93 54.98 20.82 49.36
N VAL B 94 53.84 20.88 50.05
CA VAL B 94 53.52 21.95 50.99
C VAL B 94 53.27 21.28 52.34
N LYS B 95 54.18 21.50 53.28
CA LYS B 95 54.06 20.87 54.59
C LYS B 95 52.91 21.49 55.38
N TRP B 96 52.27 20.68 56.22
CA TRP B 96 51.26 21.18 57.14
C TRP B 96 51.96 21.92 58.28
N ASP B 97 51.62 23.19 58.46
CA ASP B 97 52.19 24.00 59.53
C ASP B 97 51.10 24.54 60.45
N MET C 1 5.64 6.90 -23.88
CA MET C 1 4.62 6.47 -24.82
C MET C 1 3.37 7.34 -24.66
N ARG C 2 2.67 7.58 -25.76
CA ARG C 2 1.39 8.26 -25.67
C ARG C 2 0.31 7.24 -25.37
N THR C 3 -0.92 7.71 -25.22
CA THR C 3 -2.02 6.84 -24.84
C THR C 3 -2.37 5.92 -26.01
N HIS C 4 -2.76 4.69 -25.68
CA HIS C 4 -3.14 3.68 -26.67
C HIS C 4 -4.30 2.87 -26.14
N SER C 5 -5.03 2.20 -27.04
CA SER C 5 -6.18 1.43 -26.60
C SER C 5 -6.34 0.19 -27.48
N LEU C 6 -6.95 -0.83 -26.90
CA LEU C 6 -7.32 -2.04 -27.62
C LEU C 6 -8.80 -2.26 -27.38
N ARG C 7 -9.58 -2.57 -28.41
CA ARG C 7 -10.97 -2.90 -28.15
CA ARG C 7 -10.97 -2.89 -28.14
C ARG C 7 -11.51 -3.86 -29.19
N TYR C 8 -12.51 -4.63 -28.79
CA TYR C 8 -13.18 -5.58 -29.68
C TYR C 8 -14.67 -5.29 -29.65
N PHE C 9 -15.25 -5.15 -30.84
CA PHE C 9 -16.68 -5.00 -31.00
C PHE C 9 -17.30 -6.28 -31.57
N ARG C 10 -18.54 -6.54 -31.17
CA ARG C 10 -19.39 -7.52 -31.85
C ARG C 10 -20.67 -6.83 -32.30
N LEU C 11 -21.20 -7.25 -33.45
CA LEU C 11 -22.50 -6.82 -33.94
C LEU C 11 -23.30 -8.05 -34.33
N GLY C 12 -24.47 -8.21 -33.74
CA GLY C 12 -25.40 -9.24 -34.16
C GLY C 12 -26.65 -8.60 -34.72
N VAL C 13 -27.15 -9.16 -35.81
CA VAL C 13 -28.38 -8.71 -36.45
C VAL C 13 -29.29 -9.93 -36.60
N SER C 14 -30.53 -9.82 -36.15
CA SER C 14 -31.53 -10.85 -36.37
C SER C 14 -32.22 -10.61 -37.71
N ASP C 15 -32.64 -11.69 -38.36
CA ASP C 15 -33.29 -11.67 -39.66
C ASP C 15 -32.64 -10.63 -40.60
N PRO C 16 -31.35 -10.81 -40.92
CA PRO C 16 -30.65 -9.78 -41.70
C PRO C 16 -31.08 -9.77 -43.16
N ILE C 17 -31.25 -8.56 -43.70
CA ILE C 17 -31.48 -8.43 -45.13
C ILE C 17 -30.24 -8.89 -45.89
N HIS C 18 -30.45 -9.32 -47.13
CA HIS C 18 -29.37 -9.86 -47.95
C HIS C 18 -28.17 -8.92 -47.98
N GLY C 19 -26.98 -9.50 -47.77
CA GLY C 19 -25.74 -8.75 -47.74
C GLY C 19 -25.23 -8.40 -46.36
N VAL C 20 -26.10 -8.39 -45.35
CA VAL C 20 -25.72 -8.07 -43.99
C VAL C 20 -25.49 -9.39 -43.25
N PRO C 21 -24.28 -9.66 -42.77
CA PRO C 21 -24.04 -10.89 -42.00
C PRO C 21 -24.85 -10.90 -40.72
N GLU C 22 -25.11 -12.11 -40.22
CA GLU C 22 -25.76 -12.22 -38.92
C GLU C 22 -24.85 -11.74 -37.79
N PHE C 23 -23.54 -11.83 -37.95
CA PHE C 23 -22.59 -11.55 -36.87
C PHE C 23 -21.28 -11.05 -37.45
N ILE C 24 -20.75 -9.97 -36.87
CA ILE C 24 -19.44 -9.44 -37.24
C ILE C 24 -18.71 -9.12 -35.95
N SER C 25 -17.40 -9.35 -35.91
CA SER C 25 -16.61 -8.94 -34.76
C SER C 25 -15.27 -8.44 -35.26
N VAL C 26 -14.88 -7.24 -34.81
CA VAL C 26 -13.70 -6.58 -35.30
C VAL C 26 -12.90 -6.03 -34.12
N GLY C 27 -11.57 -6.13 -34.19
CA GLY C 27 -10.68 -5.58 -33.18
C GLY C 27 -9.94 -4.35 -33.68
N TYR C 28 -9.61 -3.45 -32.76
CA TYR C 28 -8.85 -2.24 -33.07
C TYR C 28 -7.74 -2.02 -32.05
N VAL C 29 -6.60 -1.54 -32.53
CA VAL C 29 -5.64 -0.82 -31.69
C VAL C 29 -5.71 0.64 -32.12
N ASP C 30 -6.07 1.52 -31.18
CA ASP C 30 -6.41 2.91 -31.50
C ASP C 30 -7.44 2.94 -32.62
N SER C 31 -7.21 3.61 -33.73
CA SER C 31 -8.18 3.62 -34.81
CA SER C 31 -8.19 3.60 -34.81
C SER C 31 -7.82 2.65 -35.93
N HIS C 32 -6.89 1.71 -35.68
CA HIS C 32 -6.42 0.77 -36.69
C HIS C 32 -7.14 -0.55 -36.55
N PRO C 33 -7.87 -1.00 -37.56
CA PRO C 33 -8.41 -2.37 -37.50
C PRO C 33 -7.27 -3.38 -37.47
N ILE C 34 -7.40 -4.39 -36.61
CA ILE C 34 -6.36 -5.40 -36.47
C ILE C 34 -6.88 -6.81 -36.79
N THR C 35 -8.17 -7.06 -36.58
CA THR C 35 -8.75 -8.41 -36.74
C THR C 35 -10.20 -8.30 -37.20
N THR C 36 -10.66 -9.34 -37.90
CA THR C 36 -12.05 -9.40 -38.31
C THR C 36 -12.51 -10.85 -38.43
N TYR C 37 -13.81 -11.02 -38.23
CA TYR C 37 -14.49 -12.31 -38.27
C TYR C 37 -15.93 -12.00 -38.60
N ASP C 38 -16.57 -12.81 -39.45
CA ASP C 38 -18.01 -12.68 -39.57
C ASP C 38 -18.61 -14.05 -39.86
N SER C 39 -19.95 -14.11 -39.82
CA SER C 39 -20.69 -15.34 -39.99
C SER C 39 -20.68 -15.84 -41.42
N VAL C 40 -20.19 -15.04 -42.36
CA VAL C 40 -20.04 -15.52 -43.74
C VAL C 40 -18.69 -16.19 -43.95
N THR C 41 -17.58 -15.51 -43.62
CA THR C 41 -16.28 -16.16 -43.74
C THR C 41 -16.11 -17.27 -42.70
N ARG C 42 -16.72 -17.11 -41.53
CA ARG C 42 -16.50 -17.97 -40.36
C ARG C 42 -15.03 -18.15 -40.02
N GLN C 43 -14.19 -17.15 -40.31
CA GLN C 43 -12.76 -17.20 -40.03
C GLN C 43 -12.30 -15.90 -39.39
N LYS C 44 -11.39 -15.98 -38.41
CA LYS C 44 -10.74 -14.80 -37.89
C LYS C 44 -9.51 -14.50 -38.73
N GLU C 45 -9.40 -13.26 -39.18
CA GLU C 45 -8.39 -12.83 -40.13
C GLU C 45 -7.76 -11.53 -39.68
N PRO C 46 -6.49 -11.33 -40.00
CA PRO C 46 -5.83 -10.05 -39.67
C PRO C 46 -6.34 -8.92 -40.56
N ARG C 47 -6.31 -7.71 -40.02
CA ARG C 47 -6.61 -6.52 -40.80
C ARG C 47 -5.44 -5.53 -40.81
N ALA C 48 -4.30 -5.91 -40.24
CA ALA C 48 -3.09 -5.12 -40.31
C ALA C 48 -1.95 -6.06 -40.69
N PRO C 49 -1.04 -5.63 -41.56
CA PRO C 49 0.08 -6.51 -41.95
C PRO C 49 0.98 -6.86 -40.79
N TRP C 50 1.07 -6.02 -39.76
CA TRP C 50 1.92 -6.37 -38.63
C TRP C 50 1.27 -7.33 -37.63
N MET C 51 -0.06 -7.52 -37.72
CA MET C 51 -0.71 -8.64 -37.04
C MET C 51 -0.43 -9.95 -37.75
N ALA C 52 -0.56 -9.95 -39.08
CA ALA C 52 -0.35 -11.16 -39.86
C ALA C 52 1.07 -11.70 -39.69
N GLU C 53 2.06 -10.80 -39.64
CA GLU C 53 3.46 -11.20 -39.62
C GLU C 53 3.94 -11.66 -38.26
N ASN C 54 3.20 -11.39 -37.19
CA ASN C 54 3.70 -11.67 -35.85
C ASN C 54 2.89 -12.71 -35.09
N LEU C 55 1.72 -13.12 -35.57
CA LEU C 55 0.92 -14.14 -34.90
C LEU C 55 0.80 -15.36 -35.80
N ALA C 56 1.17 -16.52 -35.25
CA ALA C 56 1.27 -17.75 -36.00
C ALA C 56 -0.12 -18.26 -36.37
N PRO C 57 -0.21 -19.17 -37.35
CA PRO C 57 -1.53 -19.74 -37.70
C PRO C 57 -2.27 -20.32 -36.52
N ASP C 58 -1.57 -20.88 -35.53
CA ASP C 58 -2.23 -21.40 -34.34
C ASP C 58 -3.11 -20.35 -33.68
N HIS C 59 -2.68 -19.09 -33.71
CA HIS C 59 -3.49 -18.02 -33.12
C HIS C 59 -4.82 -17.90 -33.85
N TRP C 60 -4.78 -17.73 -35.16
CA TRP C 60 -6.00 -17.48 -35.90
C TRP C 60 -6.92 -18.68 -35.87
N GLU C 61 -6.34 -19.90 -35.82
CA GLU C 61 -7.14 -21.11 -35.76
C GLU C 61 -7.90 -21.22 -34.45
N ARG C 62 -7.21 -21.03 -33.33
CA ARG C 62 -7.84 -21.07 -32.01
C ARG C 62 -8.94 -20.04 -31.88
N TYR C 63 -8.63 -18.78 -32.18
CA TYR C 63 -9.66 -17.76 -32.03
C TYR C 63 -10.77 -17.89 -33.06
N THR C 64 -10.51 -18.49 -34.23
CA THR C 64 -11.62 -18.75 -35.14
C THR C 64 -12.67 -19.63 -34.45
N GLN C 65 -12.24 -20.67 -33.72
CA GLN C 65 -13.19 -21.51 -33.00
C GLN C 65 -13.89 -20.77 -31.87
N LEU C 66 -13.16 -19.94 -31.12
CA LEU C 66 -13.80 -19.15 -30.08
C LEU C 66 -14.86 -18.22 -30.67
N LEU C 67 -14.56 -17.62 -31.82
CA LEU C 67 -15.50 -16.69 -32.45
C LEU C 67 -16.74 -17.41 -32.98
N ARG C 68 -16.59 -18.63 -33.51
CA ARG C 68 -17.77 -19.43 -33.84
C ARG C 68 -18.66 -19.63 -32.63
N GLY C 69 -18.06 -19.79 -31.45
CA GLY C 69 -18.85 -19.91 -30.24
C GLY C 69 -19.50 -18.60 -29.82
N TRP C 70 -18.73 -17.50 -29.82
CA TRP C 70 -19.29 -16.19 -29.49
C TRP C 70 -20.37 -15.80 -30.48
N GLN C 71 -20.28 -16.26 -31.73
CA GLN C 71 -21.35 -16.00 -32.69
C GLN C 71 -22.66 -16.66 -32.23
N GLN C 72 -22.56 -17.92 -31.76
CA GLN C 72 -23.74 -18.62 -31.26
C GLN C 72 -24.27 -17.98 -29.98
N MET C 73 -23.38 -17.62 -29.06
CA MET C 73 -23.79 -16.89 -27.87
C MET C 73 -24.58 -15.64 -28.24
N PHE C 74 -24.05 -14.82 -29.16
CA PHE C 74 -24.75 -13.61 -29.57
C PHE C 74 -26.11 -13.93 -30.17
N LYS C 75 -26.19 -14.99 -30.98
CA LYS C 75 -27.46 -15.33 -31.64
C LYS C 75 -28.55 -15.59 -30.60
N VAL C 76 -28.25 -16.41 -29.59
CA VAL C 76 -29.29 -16.76 -28.62
C VAL C 76 -29.55 -15.61 -27.63
N GLU C 77 -28.53 -14.85 -27.24
CA GLU C 77 -28.77 -13.70 -26.36
C GLU C 77 -29.70 -12.70 -27.03
N LEU C 78 -29.49 -12.44 -28.32
CA LEU C 78 -30.39 -11.54 -29.03
C LEU C 78 -31.80 -12.14 -29.14
N LYS C 79 -31.92 -13.45 -29.33
CA LYS C 79 -33.26 -14.04 -29.35
C LYS C 79 -33.97 -13.83 -28.01
N ARG C 80 -33.23 -14.00 -26.91
CA ARG C 80 -33.83 -13.83 -25.60
CA ARG C 80 -33.79 -13.83 -25.58
C ARG C 80 -34.16 -12.38 -25.30
N LEU C 81 -33.33 -11.44 -25.76
CA LEU C 81 -33.65 -10.03 -25.59
C LEU C 81 -34.94 -9.67 -26.32
N GLN C 82 -35.08 -10.15 -27.56
CA GLN C 82 -36.31 -9.86 -28.31
C GLN C 82 -37.52 -10.46 -27.62
N ARG C 83 -37.37 -11.64 -27.01
CA ARG C 83 -38.49 -12.23 -26.28
C ARG C 83 -38.84 -11.39 -25.06
N HIS C 84 -37.83 -10.92 -24.32
CA HIS C 84 -38.07 -10.00 -23.20
C HIS C 84 -38.83 -8.76 -23.63
N TYR C 85 -38.46 -8.17 -24.78
CA TYR C 85 -39.07 -6.94 -25.25
C TYR C 85 -40.34 -7.15 -26.06
N ASN C 86 -40.73 -8.40 -26.33
CA ASN C 86 -41.84 -8.70 -27.24
CA ASN C 86 -41.84 -8.69 -27.24
C ASN C 86 -41.64 -8.00 -28.58
N HIS C 87 -40.43 -8.13 -29.13
CA HIS C 87 -40.06 -7.49 -30.38
C HIS C 87 -39.98 -8.51 -31.49
N SER C 88 -40.42 -8.12 -32.68
CA SER C 88 -40.31 -8.95 -33.86
C SER C 88 -39.49 -8.21 -34.91
N GLY C 89 -39.18 -8.90 -36.00
CA GLY C 89 -38.43 -8.25 -37.05
C GLY C 89 -36.95 -8.20 -36.72
N SER C 90 -36.26 -7.29 -37.39
CA SER C 90 -34.80 -7.21 -37.31
C SER C 90 -34.38 -6.23 -36.23
N HIS C 91 -33.51 -6.71 -35.32
CA HIS C 91 -32.95 -5.90 -34.25
C HIS C 91 -31.46 -6.19 -34.17
N THR C 92 -30.72 -5.25 -33.57
CA THR C 92 -29.26 -5.37 -33.46
C THR C 92 -28.85 -5.50 -32.00
N TYR C 93 -27.72 -6.15 -31.80
CA TYR C 93 -27.13 -6.41 -30.49
C TYR C 93 -25.65 -6.12 -30.64
N GLN C 94 -25.07 -5.34 -29.73
CA GLN C 94 -23.66 -4.95 -29.85
C GLN C 94 -22.94 -5.06 -28.53
N ARG C 95 -21.64 -5.33 -28.62
CA ARG C 95 -20.77 -5.41 -27.47
C ARG C 95 -19.48 -4.70 -27.80
N MET C 96 -18.89 -4.03 -26.82
CA MET C 96 -17.56 -3.46 -26.95
C MET C 96 -16.78 -3.80 -25.68
N ILE C 97 -15.60 -4.38 -25.80
CA ILE C 97 -14.75 -4.61 -24.64
C ILE C 97 -13.39 -4.01 -24.95
N GLY C 98 -12.71 -3.49 -23.95
CA GLY C 98 -11.35 -3.06 -24.22
C GLY C 98 -10.73 -2.32 -23.08
N CYS C 99 -9.55 -1.77 -23.37
CA CYS C 99 -8.72 -1.17 -22.33
C CYS C 99 -7.91 -0.05 -22.94
N GLU C 100 -7.42 0.82 -22.07
CA GLU C 100 -6.53 1.93 -22.45
C GLU C 100 -5.31 1.89 -21.56
N LEU C 101 -4.16 2.14 -22.14
CA LEU C 101 -2.92 2.34 -21.41
C LEU C 101 -2.58 3.81 -21.54
N LEU C 102 -2.79 4.57 -20.47
CA LEU C 102 -2.64 6.02 -20.52
C LEU C 102 -1.17 6.44 -20.52
N GLU C 103 -0.94 7.69 -20.91
CA GLU C 103 0.42 8.22 -21.03
C GLU C 103 1.17 8.18 -19.69
N ASP C 104 0.48 8.49 -18.59
CA ASP C 104 1.10 8.41 -17.26
C ASP C 104 1.27 6.96 -16.77
N GLY C 105 0.90 5.96 -17.57
CA GLY C 105 1.06 4.57 -17.20
C GLY C 105 -0.13 3.93 -16.49
N SER C 106 -1.16 4.70 -16.19
CA SER C 106 -2.34 4.12 -15.60
C SER C 106 -3.20 3.48 -16.69
N THR C 107 -4.27 2.80 -16.27
CA THR C 107 -5.08 2.01 -17.20
C THR C 107 -6.55 2.23 -16.95
N THR C 108 -7.35 2.02 -17.99
CA THR C 108 -8.79 1.93 -17.88
C THR C 108 -9.25 0.69 -18.64
N GLY C 109 -10.50 0.33 -18.39
CA GLY C 109 -11.10 -0.85 -19.02
C GLY C 109 -12.59 -0.66 -19.04
N PHE C 110 -13.23 -1.29 -20.02
CA PHE C 110 -14.64 -1.06 -20.24
C PHE C 110 -15.25 -2.31 -20.88
N LEU C 111 -16.51 -2.54 -20.59
CA LEU C 111 -17.25 -3.64 -21.20
C LEU C 111 -18.70 -3.22 -21.20
N GLN C 112 -19.30 -3.16 -22.39
CA GLN C 112 -20.59 -2.53 -22.58
C GLN C 112 -21.38 -3.27 -23.65
N TYR C 113 -22.70 -3.30 -23.48
CA TYR C 113 -23.64 -3.86 -24.45
C TYR C 113 -24.65 -2.80 -24.87
N ALA C 114 -25.10 -2.87 -26.12
CA ALA C 114 -26.17 -2.03 -26.62
C ALA C 114 -27.22 -2.88 -27.31
N TYR C 115 -28.48 -2.44 -27.25
CA TYR C 115 -29.55 -3.08 -28.01
C TYR C 115 -30.14 -2.03 -28.94
N ASP C 116 -30.28 -2.39 -30.22
CA ASP C 116 -30.79 -1.46 -31.22
C ASP C 116 -30.04 -0.12 -31.21
N GLY C 117 -28.73 -0.19 -31.01
CA GLY C 117 -27.88 0.99 -31.06
C GLY C 117 -27.87 1.89 -29.83
N GLN C 118 -28.53 1.50 -28.74
CA GLN C 118 -28.61 2.32 -27.54
C GLN C 118 -28.02 1.56 -26.37
N ASP C 119 -27.35 2.29 -25.47
CA ASP C 119 -26.83 1.69 -24.23
C ASP C 119 -27.87 0.76 -23.62
N PHE C 120 -27.39 -0.40 -23.16
CA PHE C 120 -28.25 -1.43 -22.57
C PHE C 120 -27.69 -1.87 -21.22
N LEU C 121 -26.43 -2.34 -21.19
CA LEU C 121 -25.76 -2.78 -19.96
C LEU C 121 -24.31 -2.32 -19.95
N ILE C 122 -23.88 -1.69 -18.85
CA ILE C 122 -22.53 -1.16 -18.73
C ILE C 122 -21.87 -1.81 -17.52
N PHE C 123 -20.71 -2.44 -17.73
CA PHE C 123 -20.04 -3.14 -16.63
C PHE C 123 -19.22 -2.16 -15.79
N ASN C 124 -19.34 -2.27 -14.47
CA ASN C 124 -18.56 -1.46 -13.53
C ASN C 124 -17.57 -2.41 -12.87
N LYS C 125 -16.32 -2.40 -13.36
CA LYS C 125 -15.35 -3.36 -12.84
C LYS C 125 -14.87 -3.00 -11.43
N ASP C 126 -15.21 -1.81 -10.92
CA ASP C 126 -14.76 -1.44 -9.59
C ASP C 126 -15.69 -1.94 -8.50
N THR C 127 -16.98 -2.10 -8.81
CA THR C 127 -17.93 -2.70 -7.89
C THR C 127 -18.42 -4.07 -8.33
N LEU C 128 -17.92 -4.61 -9.45
CA LEU C 128 -18.39 -5.90 -10.00
C LEU C 128 -19.90 -5.92 -10.18
N SER C 129 -20.42 -4.94 -10.91
CA SER C 129 -21.84 -4.91 -11.14
C SER C 129 -22.10 -4.39 -12.54
N TRP C 130 -23.31 -4.62 -12.98
CA TRP C 130 -23.78 -4.20 -14.28
C TRP C 130 -24.82 -3.11 -14.10
N LEU C 131 -24.64 -1.99 -14.79
CA LEU C 131 -25.63 -0.92 -14.80
C LEU C 131 -26.63 -1.16 -15.93
N ALA C 132 -27.91 -1.26 -15.58
CA ALA C 132 -29.01 -1.56 -16.50
C ALA C 132 -29.81 -0.31 -16.85
N VAL C 133 -30.13 -0.14 -18.14
CA VAL C 133 -30.91 1.03 -18.56
C VAL C 133 -32.41 0.89 -18.29
N ASP C 134 -32.98 -0.31 -18.34
CA ASP C 134 -34.43 -0.44 -18.20
C ASP C 134 -34.75 -1.75 -17.49
N ASN C 135 -36.03 -2.10 -17.48
CA ASN C 135 -36.49 -3.31 -16.79
CA ASN C 135 -36.46 -3.31 -16.77
C ASN C 135 -35.90 -4.57 -17.42
N VAL C 136 -35.78 -4.59 -18.75
CA VAL C 136 -35.29 -5.79 -19.42
C VAL C 136 -33.81 -5.99 -19.13
N ALA C 137 -33.03 -4.90 -19.27
CA ALA C 137 -31.63 -4.94 -18.88
C ALA C 137 -31.47 -5.37 -17.43
N HIS C 138 -32.41 -4.98 -16.56
CA HIS C 138 -32.31 -5.38 -15.15
C HIS C 138 -32.45 -6.89 -14.99
N THR C 139 -33.34 -7.50 -15.77
CA THR C 139 -33.47 -8.96 -15.75
C THR C 139 -32.16 -9.62 -16.13
N ILE C 140 -31.50 -9.12 -17.19
CA ILE C 140 -30.21 -9.68 -17.60
C ILE C 140 -29.15 -9.42 -16.52
N LYS C 141 -29.11 -8.19 -15.98
CA LYS C 141 -28.18 -7.88 -14.91
C LYS C 141 -28.29 -8.87 -13.75
N GLN C 142 -29.51 -9.20 -13.32
CA GLN C 142 -29.63 -10.13 -12.20
C GLN C 142 -29.04 -11.49 -12.54
N ALA C 143 -29.23 -11.94 -13.77
CA ALA C 143 -28.69 -13.23 -14.19
C ALA C 143 -27.18 -13.20 -14.21
N TRP C 144 -26.60 -12.15 -14.83
CA TRP C 144 -25.14 -12.10 -14.94
C TRP C 144 -24.48 -11.85 -13.58
N GLU C 145 -25.12 -11.10 -12.69
CA GLU C 145 -24.51 -10.81 -11.40
C GLU C 145 -24.54 -12.00 -10.44
N ALA C 146 -25.33 -13.02 -10.74
CA ALA C 146 -25.40 -14.23 -9.92
C ALA C 146 -24.15 -15.09 -10.05
N ASN C 147 -23.36 -14.89 -11.12
CA ASN C 147 -22.15 -15.65 -11.34
C ASN C 147 -20.97 -14.80 -10.90
N GLN C 148 -20.65 -14.89 -9.59
CA GLN C 148 -19.59 -14.06 -9.01
C GLN C 148 -18.24 -14.31 -9.67
N HIS C 149 -17.92 -15.57 -9.96
CA HIS C 149 -16.62 -15.90 -10.55
C HIS C 149 -16.48 -15.35 -11.96
N GLU C 150 -17.57 -15.25 -12.71
CA GLU C 150 -17.43 -14.68 -14.04
C GLU C 150 -17.21 -13.17 -13.99
N LEU C 151 -17.78 -12.48 -12.99
CA LEU C 151 -17.46 -11.06 -12.81
C LEU C 151 -15.98 -10.87 -12.53
N LEU C 152 -15.40 -11.73 -11.69
CA LEU C 152 -13.98 -11.65 -11.38
C LEU C 152 -13.12 -11.95 -12.60
N TYR C 153 -13.58 -12.89 -13.43
CA TYR C 153 -12.87 -13.19 -14.68
C TYR C 153 -12.84 -11.96 -15.59
N GLN C 154 -13.98 -11.25 -15.69
CA GLN C 154 -14.01 -10.07 -16.56
CA GLN C 154 -14.05 -10.04 -16.53
C GLN C 154 -13.13 -8.96 -16.00
N LYS C 155 -13.13 -8.76 -14.70
CA LYS C 155 -12.21 -7.78 -14.12
C LYS C 155 -10.76 -8.13 -14.43
N ASN C 156 -10.40 -9.41 -14.28
CA ASN C 156 -9.03 -9.80 -14.61
C ASN C 156 -8.73 -9.57 -16.09
N TRP C 157 -9.67 -9.90 -16.99
CA TRP C 157 -9.37 -9.74 -18.41
C TRP C 157 -9.17 -8.25 -18.76
N LEU C 158 -10.07 -7.38 -18.30
CA LEU C 158 -9.93 -5.94 -18.55
C LEU C 158 -8.63 -5.37 -17.98
N GLU C 159 -8.27 -5.77 -16.75
CA GLU C 159 -7.16 -5.10 -16.07
C GLU C 159 -5.80 -5.71 -16.37
N GLU C 160 -5.71 -7.01 -16.64
CA GLU C 160 -4.42 -7.66 -16.88
C GLU C 160 -4.28 -8.16 -18.30
N GLU C 161 -5.20 -9.01 -18.78
CA GLU C 161 -5.01 -9.66 -20.08
C GLU C 161 -5.04 -8.66 -21.20
N CYS C 162 -6.04 -7.77 -21.20
CA CYS C 162 -6.19 -6.79 -22.26
C CYS C 162 -4.96 -5.91 -22.39
N ILE C 163 -4.47 -5.39 -21.25
CA ILE C 163 -3.28 -4.53 -21.27
C ILE C 163 -2.07 -5.30 -21.79
N ALA C 164 -1.91 -6.57 -21.38
CA ALA C 164 -0.81 -7.37 -21.89
C ALA C 164 -0.93 -7.62 -23.40
N TRP C 165 -2.16 -7.85 -23.90
CA TRP C 165 -2.37 -7.93 -25.35
C TRP C 165 -2.01 -6.60 -26.02
N LEU C 166 -2.52 -5.50 -25.47
CA LEU C 166 -2.24 -4.19 -26.03
C LEU C 166 -0.74 -3.94 -26.15
N LYS C 167 0.03 -4.23 -25.09
CA LYS C 167 1.47 -3.98 -25.13
C LYS C 167 2.13 -4.86 -26.19
N ARG C 168 1.66 -6.09 -26.32
CA ARG C 168 2.23 -6.98 -27.32
C ARG C 168 1.95 -6.44 -28.72
N PHE C 169 0.70 -6.05 -28.98
CA PHE C 169 0.33 -5.50 -30.28
C PHE C 169 1.06 -4.18 -30.56
N LEU C 170 1.26 -3.35 -29.55
CA LEU C 170 1.96 -2.09 -29.76
C LEU C 170 3.39 -2.34 -30.22
N GLU C 171 4.02 -3.39 -29.71
CA GLU C 171 5.36 -3.73 -30.21
C GLU C 171 5.30 -4.22 -31.65
N TYR C 172 4.36 -5.13 -31.95
CA TYR C 172 4.21 -5.63 -33.32
C TYR C 172 4.07 -4.49 -34.33
N GLY C 173 3.19 -3.54 -34.04
CA GLY C 173 2.91 -2.51 -35.01
C GLY C 173 3.60 -1.19 -34.71
N LYS C 174 4.74 -1.25 -34.04
CA LYS C 174 5.35 0.00 -33.55
C LYS C 174 5.75 0.93 -34.70
N ASP C 175 6.14 0.38 -35.86
CA ASP C 175 6.52 1.26 -36.97
C ASP C 175 5.34 2.08 -37.47
N THR C 176 4.12 1.57 -37.31
CA THR C 176 2.91 2.31 -37.63
C THR C 176 2.39 3.11 -36.44
N LEU C 177 2.21 2.42 -35.31
CA LEU C 177 1.46 2.96 -34.17
C LEU C 177 2.23 4.02 -33.40
N GLN C 178 3.55 3.98 -33.41
CA GLN C 178 4.33 4.91 -32.60
C GLN C 178 5.04 5.97 -33.44
N ARG C 179 4.82 6.00 -34.74
CA ARG C 179 5.46 7.03 -35.56
C ARG C 179 4.79 8.38 -35.35
N THR C 180 5.44 9.42 -35.88
CA THR C 180 4.89 10.76 -35.84
C THR C 180 5.02 11.38 -37.23
N GLU C 181 3.91 11.78 -37.82
CA GLU C 181 3.95 12.59 -39.02
CA GLU C 181 3.94 12.58 -39.03
C GLU C 181 3.43 13.98 -38.68
N PRO C 182 4.27 15.02 -38.71
CA PRO C 182 3.82 16.34 -38.25
C PRO C 182 2.82 16.95 -39.21
N PRO C 183 1.93 17.81 -38.72
CA PRO C 183 0.91 18.39 -39.62
C PRO C 183 1.50 19.47 -40.51
N LEU C 184 0.93 19.60 -41.69
CA LEU C 184 1.19 20.77 -42.53
C LEU C 184 0.02 21.70 -42.31
N VAL C 185 0.29 22.94 -41.91
CA VAL C 185 -0.74 23.87 -41.43
C VAL C 185 -0.65 25.17 -42.21
N ARG C 186 -1.81 25.71 -42.58
CA ARG C 186 -1.90 26.94 -43.36
C ARG C 186 -3.13 27.71 -42.89
N VAL C 187 -3.05 29.02 -42.97
CA VAL C 187 -4.19 29.89 -42.68
C VAL C 187 -4.64 30.53 -43.99
N ASN C 188 -5.95 30.48 -44.23
CA ASN C 188 -6.59 31.10 -45.38
C ASN C 188 -7.56 32.17 -44.87
N ARG C 189 -7.66 33.29 -45.59
CA ARG C 189 -8.63 34.31 -45.25
C ARG C 189 -9.36 34.76 -46.52
N LYS C 190 -10.61 35.17 -46.34
CA LYS C 190 -11.46 35.52 -47.46
C LYS C 190 -12.64 36.33 -46.92
N GLU C 191 -13.03 37.38 -47.64
CA GLU C 191 -14.29 38.03 -47.31
C GLU C 191 -15.44 37.19 -47.84
N THR C 192 -16.43 36.94 -46.99
CA THR C 192 -17.54 36.08 -47.40
C THR C 192 -18.78 36.93 -47.66
N PHE C 193 -19.78 36.84 -46.78
CA PHE C 193 -20.87 37.79 -46.80
C PHE C 193 -20.30 39.20 -46.69
N PRO C 194 -20.87 40.19 -47.39
CA PRO C 194 -20.33 41.56 -47.31
C PRO C 194 -20.04 42.02 -45.89
N GLY C 195 -18.79 42.38 -45.62
CA GLY C 195 -18.36 42.82 -44.30
C GLY C 195 -17.88 41.71 -43.38
N VAL C 196 -17.99 40.44 -43.76
CA VAL C 196 -17.61 39.31 -42.93
C VAL C 196 -16.34 38.69 -43.51
N THR C 197 -15.27 38.72 -42.72
CA THR C 197 -14.02 38.07 -43.08
C THR C 197 -13.88 36.81 -42.23
N ALA C 198 -13.71 35.68 -42.90
CA ALA C 198 -13.54 34.38 -42.24
C ALA C 198 -12.10 33.92 -42.35
N LEU C 199 -11.58 33.40 -41.25
CA LEU C 199 -10.23 32.86 -41.18
C LEU C 199 -10.31 31.35 -40.98
N PHE C 200 -9.64 30.60 -41.84
CA PHE C 200 -9.58 29.15 -41.77
C PHE C 200 -8.17 28.69 -41.43
N CYS C 201 -8.04 27.86 -40.40
CA CYS C 201 -6.77 27.21 -40.07
C CYS C 201 -6.94 25.73 -40.40
N LYS C 202 -6.16 25.23 -41.36
CA LYS C 202 -6.36 23.90 -41.91
C LYS C 202 -5.09 23.08 -41.77
N ALA C 203 -5.24 21.84 -41.30
CA ALA C 203 -4.11 20.96 -41.04
C ALA C 203 -4.32 19.65 -41.78
N HIS C 204 -3.26 19.13 -42.37
CA HIS C 204 -3.36 17.81 -42.99
C HIS C 204 -2.01 17.13 -42.93
N GLY C 205 -2.02 15.83 -43.27
CA GLY C 205 -0.81 15.06 -43.32
C GLY C 205 -0.31 14.53 -41.99
N PHE C 206 -1.10 14.61 -40.93
CA PHE C 206 -0.55 14.29 -39.61
C PHE C 206 -0.99 12.91 -39.13
N TYR C 207 -0.12 12.30 -38.32
CA TYR C 207 -0.35 11.06 -37.60
C TYR C 207 0.46 11.19 -36.31
N PRO C 208 -0.11 10.88 -35.15
CA PRO C 208 -1.45 10.30 -34.91
C PRO C 208 -2.57 11.30 -35.14
N PRO C 209 -3.81 10.81 -35.17
CA PRO C 209 -4.95 11.72 -35.43
C PRO C 209 -5.20 12.74 -34.32
N GLU C 210 -4.76 12.50 -33.08
CA GLU C 210 -5.06 13.48 -32.04
C GLU C 210 -4.28 14.77 -32.29
N ILE C 211 -5.01 15.87 -32.30
CA ILE C 211 -4.43 17.18 -32.60
C ILE C 211 -5.29 18.20 -31.86
N TYR C 212 -4.68 19.32 -31.50
CA TYR C 212 -5.40 20.41 -30.86
C TYR C 212 -5.23 21.65 -31.72
N MET C 213 -6.35 22.28 -32.09
CA MET C 213 -6.31 23.51 -32.87
C MET C 213 -7.21 24.53 -32.19
N THR C 214 -6.69 25.73 -31.94
CA THR C 214 -7.51 26.77 -31.37
CA THR C 214 -7.46 26.78 -31.30
C THR C 214 -7.09 28.11 -31.95
N TRP C 215 -8.04 29.05 -31.91
CA TRP C 215 -7.78 30.41 -32.37
C TRP C 215 -7.60 31.30 -31.14
N MET C 216 -6.60 32.17 -31.20
CA MET C 216 -6.31 33.11 -30.14
C MET C 216 -6.33 34.53 -30.71
N LYS C 217 -6.90 35.46 -29.95
CA LYS C 217 -6.89 36.89 -30.29
C LYS C 217 -6.01 37.61 -29.28
N ASN C 218 -5.02 38.34 -29.78
CA ASN C 218 -4.07 39.06 -28.94
C ASN C 218 -3.46 38.14 -27.87
N GLY C 219 -3.21 36.89 -28.25
CA GLY C 219 -2.59 35.94 -27.36
C GLY C 219 -3.47 35.34 -26.27
N GLU C 220 -4.73 35.75 -26.17
CA GLU C 220 -5.64 35.17 -25.19
C GLU C 220 -6.77 34.44 -25.90
N GLU C 221 -7.46 33.58 -25.14
CA GLU C 221 -8.55 32.76 -25.70
C GLU C 221 -9.65 33.64 -26.29
N ILE C 222 -10.23 33.16 -27.38
CA ILE C 222 -11.29 33.87 -28.10
C ILE C 222 -12.63 33.49 -27.50
N VAL C 223 -13.54 34.47 -27.42
CA VAL C 223 -14.88 34.24 -26.88
C VAL C 223 -15.91 34.04 -28.00
N GLN C 224 -15.56 34.33 -29.25
CA GLN C 224 -16.49 34.21 -30.36
C GLN C 224 -16.74 32.75 -30.73
N GLU C 225 -17.73 32.55 -31.60
CA GLU C 225 -18.07 31.22 -32.07
C GLU C 225 -16.95 30.69 -32.96
N ILE C 226 -16.57 29.44 -32.73
CA ILE C 226 -15.52 28.78 -33.51
C ILE C 226 -16.11 27.55 -34.16
N ASP C 227 -15.92 27.40 -35.47
CA ASP C 227 -16.35 26.21 -36.19
CA ASP C 227 -16.33 26.22 -36.21
C ASP C 227 -15.17 25.24 -36.29
N TYR C 228 -15.45 23.95 -36.09
CA TYR C 228 -14.45 22.90 -36.10
C TYR C 228 -14.74 21.85 -37.17
N GLY C 229 -13.72 21.49 -37.93
CA GLY C 229 -13.84 20.37 -38.84
C GLY C 229 -13.50 19.06 -38.12
N ASP C 230 -14.19 18.00 -38.50
CA ASP C 230 -13.87 16.70 -37.93
C ASP C 230 -12.44 16.32 -38.28
N ILE C 231 -11.86 15.44 -37.47
CA ILE C 231 -10.59 14.81 -37.82
C ILE C 231 -10.92 13.67 -38.78
N LEU C 232 -10.53 13.82 -40.02
CA LEU C 232 -10.92 12.88 -41.07
C LEU C 232 -9.71 12.16 -41.64
N PRO C 233 -9.84 10.86 -41.93
CA PRO C 233 -8.74 10.13 -42.54
C PRO C 233 -8.59 10.54 -44.00
N SER C 234 -7.35 10.77 -44.42
CA SER C 234 -7.12 11.24 -45.77
C SER C 234 -6.94 10.10 -46.77
N GLY C 235 -6.95 8.85 -46.29
CA GLY C 235 -6.87 7.66 -47.12
C GLY C 235 -5.50 7.03 -47.18
N ASP C 236 -4.47 7.75 -46.76
CA ASP C 236 -3.09 7.29 -46.85
C ASP C 236 -2.48 6.98 -45.49
N GLY C 237 -3.28 6.89 -44.44
CA GLY C 237 -2.76 6.71 -43.11
C GLY C 237 -2.60 8.00 -42.31
N THR C 238 -2.83 9.17 -42.93
CA THR C 238 -2.74 10.44 -42.24
C THR C 238 -4.14 11.05 -42.14
N TYR C 239 -4.22 12.20 -41.44
CA TYR C 239 -5.50 12.81 -41.11
C TYR C 239 -5.48 14.30 -41.41
N GLN C 240 -6.67 14.91 -41.45
CA GLN C 240 -6.83 16.34 -41.69
C GLN C 240 -7.93 16.88 -40.79
N ALA C 241 -7.82 18.16 -40.47
CA ALA C 241 -8.81 18.86 -39.66
C ALA C 241 -8.65 20.35 -39.89
N TRP C 242 -9.55 21.12 -39.31
CA TRP C 242 -9.53 22.58 -39.46
C TRP C 242 -10.38 23.22 -38.37
N ALA C 243 -10.15 24.50 -38.18
CA ALA C 243 -10.97 25.33 -37.31
C ALA C 243 -11.08 26.72 -37.96
N SER C 244 -12.24 27.36 -37.79
CA SER C 244 -12.42 28.66 -38.43
C SER C 244 -13.09 29.65 -37.48
N ILE C 245 -12.88 30.94 -37.76
CA ILE C 245 -13.47 32.05 -37.01
C ILE C 245 -13.79 33.20 -37.97
N GLU C 246 -14.50 34.19 -37.44
CA GLU C 246 -14.75 35.46 -38.12
C GLU C 246 -13.84 36.53 -37.56
N LEU C 247 -13.20 37.30 -38.45
CA LEU C 247 -12.29 38.35 -38.02
C LEU C 247 -13.09 39.50 -37.45
N LEU C 254 -5.03 41.15 -33.64
CA LEU C 254 -4.02 40.12 -33.87
C LEU C 254 -4.60 38.73 -33.60
N TYR C 255 -4.89 37.99 -34.68
CA TYR C 255 -5.36 36.62 -34.56
C TYR C 255 -4.24 35.65 -34.85
N SER C 256 -4.23 34.53 -34.13
CA SER C 256 -3.25 33.48 -34.39
C SER C 256 -3.91 32.12 -34.18
N CYS C 257 -3.55 31.19 -35.04
CA CYS C 257 -3.99 29.81 -34.92
C CYS C 257 -2.90 29.02 -34.20
N HIS C 258 -3.29 28.27 -33.18
CA HIS C 258 -2.34 27.47 -32.43
C HIS C 258 -2.63 26.00 -32.66
N VAL C 259 -1.59 25.23 -33.00
CA VAL C 259 -1.74 23.82 -33.27
C VAL C 259 -0.75 23.07 -32.40
N GLU C 260 -1.25 22.13 -31.61
CA GLU C 260 -0.37 21.26 -30.83
C GLU C 260 -0.53 19.83 -31.34
N HIS C 261 0.59 19.22 -31.72
CA HIS C 261 0.60 17.83 -32.19
C HIS C 261 1.84 17.13 -31.67
N SER C 262 1.62 16.01 -30.97
CA SER C 262 2.68 15.09 -30.56
C SER C 262 3.89 15.82 -29.94
N GLY C 263 3.61 16.68 -28.97
CA GLY C 263 4.67 17.37 -28.25
C GLY C 263 5.32 18.53 -28.98
N VAL C 264 4.73 19.01 -30.07
CA VAL C 264 5.23 20.16 -30.81
C VAL C 264 4.11 21.19 -30.89
N HIS C 265 4.42 22.44 -30.57
CA HIS C 265 3.45 23.52 -30.68
C HIS C 265 3.80 24.40 -31.86
N MET C 266 2.79 24.86 -32.59
CA MET C 266 2.96 25.69 -33.78
CA MET C 266 3.04 25.75 -33.70
C MET C 266 2.02 26.88 -33.69
N VAL C 267 2.48 28.05 -34.14
CA VAL C 267 1.68 29.26 -34.14
C VAL C 267 1.72 29.85 -35.54
N LEU C 268 0.55 30.21 -36.06
CA LEU C 268 0.46 30.90 -37.34
C LEU C 268 -0.26 32.22 -37.07
N GLN C 269 0.46 33.32 -37.18
CA GLN C 269 -0.12 34.63 -36.92
C GLN C 269 -0.65 35.23 -38.22
N VAL C 270 -1.89 35.69 -38.19
CA VAL C 270 -2.54 36.29 -39.34
C VAL C 270 -2.10 37.76 -39.44
N PRO C 271 -1.53 38.18 -40.58
CA PRO C 271 -1.01 39.55 -40.79
C PRO C 271 -2.06 40.65 -40.60
N GLN D 3 4.88 -23.54 -22.14
CA GLN D 3 3.97 -23.43 -21.01
C GLN D 3 4.04 -24.66 -20.12
N ASN D 4 3.86 -24.47 -18.81
CA ASN D 4 4.18 -25.52 -17.85
C ASN D 4 3.36 -25.36 -16.58
N ILE D 5 2.92 -26.47 -16.02
CA ILE D 5 2.18 -26.54 -14.76
C ILE D 5 2.87 -27.57 -13.88
N ASP D 6 3.18 -27.21 -12.64
CA ASP D 6 3.89 -28.12 -11.75
C ASP D 6 3.12 -28.31 -10.45
N GLN D 7 2.92 -29.58 -10.07
CA GLN D 7 2.36 -29.90 -8.77
C GLN D 7 3.01 -31.21 -8.34
N PRO D 8 3.17 -31.43 -7.03
CA PRO D 8 3.83 -32.67 -6.57
C PRO D 8 3.14 -33.90 -7.13
N THR D 9 3.95 -34.96 -7.34
CA THR D 9 3.43 -36.22 -7.81
C THR D 9 2.53 -36.87 -6.76
N GLU D 10 2.98 -36.88 -5.51
CA GLU D 10 2.24 -37.54 -4.46
C GLU D 10 2.47 -36.79 -3.16
N MET D 11 1.44 -36.81 -2.30
CA MET D 11 1.57 -36.34 -0.94
C MET D 11 0.86 -37.31 -0.01
N THR D 12 1.39 -37.44 1.20
CA THR D 12 0.84 -38.26 2.27
C THR D 12 0.65 -37.41 3.52
N ALA D 13 -0.54 -37.50 4.12
CA ALA D 13 -0.82 -36.78 5.36
C ALA D 13 -1.65 -37.69 6.26
N THR D 14 -1.82 -37.27 7.52
CA THR D 14 -2.53 -38.05 8.51
C THR D 14 -3.97 -37.58 8.64
N GLU D 15 -4.88 -38.54 8.77
CA GLU D 15 -6.30 -38.28 9.00
C GLU D 15 -6.48 -37.30 10.15
N GLY D 16 -7.42 -36.38 9.98
CA GLY D 16 -7.67 -35.32 10.92
C GLY D 16 -6.74 -34.12 10.83
N ALA D 17 -5.63 -34.22 10.11
CA ALA D 17 -4.70 -33.11 10.03
C ALA D 17 -5.03 -32.26 8.79
N ILE D 18 -4.05 -31.54 8.26
CA ILE D 18 -4.24 -30.66 7.11
C ILE D 18 -3.20 -30.98 6.06
N VAL D 19 -3.50 -30.65 4.81
CA VAL D 19 -2.50 -30.79 3.76
C VAL D 19 -2.70 -29.66 2.76
N GLN D 20 -1.58 -29.14 2.24
CA GLN D 20 -1.60 -28.05 1.27
C GLN D 20 -0.95 -28.56 -0.01
N ILE D 21 -1.69 -28.52 -1.13
CA ILE D 21 -1.20 -29.00 -2.41
C ILE D 21 -0.87 -27.78 -3.26
N ASN D 22 0.41 -27.58 -3.55
CA ASN D 22 0.88 -26.43 -4.31
C ASN D 22 0.81 -26.67 -5.81
N CYS D 23 0.53 -25.62 -6.56
CA CYS D 23 0.53 -25.67 -8.02
C CYS D 23 1.18 -24.39 -8.53
N THR D 24 2.27 -24.50 -9.28
CA THR D 24 2.88 -23.32 -9.91
C THR D 24 2.75 -23.43 -11.42
N TYR D 25 2.52 -22.29 -12.08
CA TYR D 25 2.25 -22.31 -13.52
C TYR D 25 3.06 -21.23 -14.22
N GLN D 26 3.54 -21.56 -15.43
CA GLN D 26 4.18 -20.59 -16.31
C GLN D 26 3.46 -20.68 -17.64
N THR D 27 2.60 -19.72 -17.93
CA THR D 27 1.75 -19.77 -19.10
C THR D 27 1.85 -18.47 -19.88
N SER D 28 1.44 -18.55 -21.15
CA SER D 28 1.23 -17.34 -21.95
C SER D 28 -0.17 -16.84 -21.62
N GLY D 29 -0.25 -15.94 -20.66
CA GLY D 29 -1.52 -15.36 -20.24
C GLY D 29 -2.22 -16.18 -19.18
N PHE D 30 -3.27 -15.59 -18.61
CA PHE D 30 -3.94 -16.22 -17.48
C PHE D 30 -5.40 -15.81 -17.47
N ASN D 31 -6.29 -16.81 -17.53
CA ASN D 31 -7.73 -16.56 -17.47
C ASN D 31 -8.38 -17.40 -16.37
N GLY D 32 -7.61 -17.87 -15.40
CA GLY D 32 -8.13 -18.54 -14.23
C GLY D 32 -7.44 -19.87 -14.02
N LEU D 33 -7.53 -20.38 -12.79
CA LEU D 33 -6.91 -21.63 -12.38
C LEU D 33 -8.00 -22.48 -11.72
N PHE D 34 -8.09 -23.74 -12.13
CA PHE D 34 -9.08 -24.69 -11.65
C PHE D 34 -8.41 -25.79 -10.83
N TRP D 35 -9.14 -26.28 -9.83
CA TRP D 35 -8.78 -27.51 -9.14
C TRP D 35 -9.90 -28.53 -9.35
N TYR D 36 -9.51 -29.77 -9.67
CA TYR D 36 -10.44 -30.89 -9.79
C TYR D 36 -10.00 -32.03 -8.86
N GLN D 37 -10.97 -32.80 -8.38
CA GLN D 37 -10.73 -34.03 -7.65
C GLN D 37 -11.04 -35.22 -8.57
N GLN D 38 -10.18 -36.23 -8.54
CA GLN D 38 -10.45 -37.46 -9.30
C GLN D 38 -10.16 -38.66 -8.40
N HIS D 39 -11.22 -39.29 -7.90
CA HIS D 39 -11.04 -40.55 -7.19
C HIS D 39 -10.54 -41.63 -8.16
N ALA D 40 -9.86 -42.61 -7.60
CA ALA D 40 -9.33 -43.71 -8.41
C ALA D 40 -10.45 -44.39 -9.18
N GLY D 41 -10.24 -44.57 -10.49
CA GLY D 41 -11.23 -45.17 -11.36
C GLY D 41 -12.44 -44.31 -11.66
N GLU D 42 -12.49 -43.07 -11.17
CA GLU D 42 -13.62 -42.17 -11.35
C GLU D 42 -13.25 -41.02 -12.28
N ALA D 43 -14.26 -40.24 -12.64
CA ALA D 43 -14.08 -39.05 -13.45
C ALA D 43 -13.66 -37.86 -12.58
N PRO D 44 -12.90 -36.92 -13.13
CA PRO D 44 -12.59 -35.69 -12.38
C PRO D 44 -13.86 -34.88 -12.14
N THR D 45 -13.90 -34.20 -10.99
CA THR D 45 -15.00 -33.31 -10.64
C THR D 45 -14.44 -31.97 -10.17
N PHE D 46 -15.09 -30.90 -10.63
CA PHE D 46 -14.68 -29.54 -10.29
C PHE D 46 -14.69 -29.30 -8.79
N LEU D 47 -13.63 -28.65 -8.30
CA LEU D 47 -13.51 -28.20 -6.91
C LEU D 47 -13.54 -26.69 -6.77
N SER D 48 -12.72 -25.97 -7.52
CA SER D 48 -12.60 -24.54 -7.29
C SER D 48 -12.07 -23.84 -8.53
N TYR D 49 -12.33 -22.53 -8.58
CA TYR D 49 -11.79 -21.64 -9.60
C TYR D 49 -11.32 -20.37 -8.92
N ASN D 50 -10.12 -19.91 -9.28
CA ASN D 50 -9.60 -18.64 -8.80
C ASN D 50 -9.06 -17.89 -10.01
N VAL D 51 -9.22 -16.57 -10.02
CA VAL D 51 -8.67 -15.78 -11.11
C VAL D 51 -8.07 -14.47 -10.59
N LEU D 52 -8.60 -13.95 -9.48
CA LEU D 52 -8.01 -12.80 -8.80
C LEU D 52 -7.35 -13.27 -7.50
N ASP D 53 -6.63 -12.36 -6.85
CA ASP D 53 -5.79 -12.79 -5.73
C ASP D 53 -6.63 -12.97 -4.48
N GLY D 54 -6.37 -14.03 -3.76
CA GLY D 54 -7.04 -14.24 -2.50
C GLY D 54 -7.37 -15.70 -2.27
N LEU D 55 -8.14 -15.93 -1.22
CA LEU D 55 -8.38 -17.26 -0.66
C LEU D 55 -9.88 -17.45 -0.54
N GLU D 56 -10.40 -18.51 -1.14
CA GLU D 56 -11.83 -18.81 -1.07
C GLU D 56 -12.02 -20.18 -0.45
N GLU D 57 -13.02 -20.28 0.42
CA GLU D 57 -13.23 -21.48 1.23
C GLU D 57 -14.57 -22.12 0.84
N LYS D 58 -14.54 -23.43 0.56
CA LYS D 58 -15.74 -24.22 0.27
C LYS D 58 -15.74 -25.44 1.19
N GLY D 59 -16.40 -25.32 2.35
CA GLY D 59 -16.40 -26.41 3.31
C GLY D 59 -15.02 -26.59 3.90
N ARG D 60 -14.48 -27.81 3.82
CA ARG D 60 -13.14 -28.09 4.34
C ARG D 60 -12.03 -27.77 3.33
N PHE D 61 -12.38 -27.31 2.13
CA PHE D 61 -11.41 -27.08 1.06
C PHE D 61 -11.28 -25.57 0.80
N SER D 62 -10.05 -25.08 0.79
CA SER D 62 -9.79 -23.69 0.43
C SER D 62 -8.83 -23.64 -0.73
N SER D 63 -9.02 -22.68 -1.61
CA SER D 63 -8.16 -22.49 -2.77
CA SER D 63 -8.15 -22.49 -2.77
C SER D 63 -7.63 -21.07 -2.78
N PHE D 64 -6.31 -20.94 -2.90
CA PHE D 64 -5.57 -19.69 -2.85
C PHE D 64 -4.96 -19.42 -4.20
N LEU D 65 -4.85 -18.14 -4.56
CA LEU D 65 -4.15 -17.76 -5.79
C LEU D 65 -3.31 -16.52 -5.54
N SER D 66 -2.12 -16.51 -6.14
CA SER D 66 -1.29 -15.31 -6.23
C SER D 66 -0.86 -15.20 -7.68
N ARG D 67 -1.46 -14.26 -8.41
CA ARG D 67 -1.17 -14.14 -9.84
C ARG D 67 0.27 -13.69 -10.06
N SER D 68 0.79 -12.85 -9.17
CA SER D 68 2.13 -12.30 -9.37
C SER D 68 3.20 -13.35 -9.14
N LYS D 69 2.88 -14.39 -8.36
CA LYS D 69 3.79 -15.51 -8.16
C LYS D 69 3.49 -16.69 -9.08
N GLY D 70 2.38 -16.69 -9.82
CA GLY D 70 2.04 -17.85 -10.62
C GLY D 70 1.90 -19.08 -9.75
N TYR D 71 1.09 -18.95 -8.70
CA TYR D 71 1.11 -19.93 -7.63
C TYR D 71 -0.29 -20.08 -7.05
N SER D 72 -0.74 -21.32 -6.89
CA SER D 72 -1.99 -21.59 -6.18
C SER D 72 -1.74 -22.73 -5.20
N TYR D 73 -2.53 -22.79 -4.13
CA TYR D 73 -2.58 -24.04 -3.38
C TYR D 73 -4.03 -24.41 -3.11
N LEU D 74 -4.26 -25.71 -2.95
CA LEU D 74 -5.51 -26.25 -2.45
C LEU D 74 -5.26 -26.76 -1.05
N LEU D 75 -6.05 -26.29 -0.09
CA LEU D 75 -5.86 -26.60 1.33
C LEU D 75 -7.03 -27.44 1.81
N LEU D 76 -6.73 -28.61 2.38
CA LEU D 76 -7.73 -29.52 2.91
C LEU D 76 -7.55 -29.58 4.43
N LYS D 77 -8.60 -29.25 5.17
CA LYS D 77 -8.59 -29.32 6.62
C LYS D 77 -9.35 -30.54 7.13
N GLU D 78 -9.00 -30.99 8.34
CA GLU D 78 -9.67 -32.09 9.00
C GLU D 78 -9.81 -33.30 8.07
N LEU D 79 -8.65 -33.74 7.59
CA LEU D 79 -8.58 -34.74 6.53
C LEU D 79 -9.33 -36.01 6.90
N GLN D 80 -10.10 -36.53 5.95
CA GLN D 80 -10.83 -37.78 6.10
C GLN D 80 -10.31 -38.78 5.09
N MET D 81 -10.52 -40.07 5.37
CA MET D 81 -10.05 -41.08 4.44
C MET D 81 -10.65 -40.88 3.05
N LYS D 82 -11.88 -40.37 2.96
CA LYS D 82 -12.49 -40.15 1.64
C LYS D 82 -11.78 -39.07 0.84
N ASP D 83 -10.88 -38.31 1.45
CA ASP D 83 -10.10 -37.34 0.69
C ASP D 83 -8.99 -37.97 -0.13
N SER D 84 -8.70 -39.26 0.05
CA SER D 84 -7.74 -39.95 -0.81
C SER D 84 -8.20 -39.91 -2.26
N ALA D 85 -7.37 -39.35 -3.12
CA ALA D 85 -7.73 -39.12 -4.52
C ALA D 85 -6.58 -38.39 -5.19
N SER D 86 -6.68 -38.19 -6.50
CA SER D 86 -5.79 -37.28 -7.19
C SER D 86 -6.44 -35.91 -7.30
N TYR D 87 -5.63 -34.88 -7.15
CA TYR D 87 -6.07 -33.50 -7.30
C TYR D 87 -5.35 -32.91 -8.49
N LEU D 88 -6.13 -32.41 -9.45
CA LEU D 88 -5.59 -31.88 -10.69
C LEU D 88 -5.75 -30.37 -10.69
N CYS D 89 -4.67 -29.69 -11.06
N CYS D 89 -4.66 -29.65 -10.99
CA CYS D 89 -4.63 -28.25 -11.26
CA CYS D 89 -4.73 -28.21 -11.22
C CYS D 89 -4.58 -27.98 -12.76
C CYS D 89 -4.57 -27.94 -12.72
N ALA D 90 -5.38 -27.00 -13.22
CA ALA D 90 -5.40 -26.64 -14.63
C ALA D 90 -5.55 -25.14 -14.79
N VAL D 91 -4.85 -24.58 -15.79
CA VAL D 91 -4.82 -23.15 -16.02
C VAL D 91 -5.32 -22.85 -17.43
N LYS D 92 -6.19 -21.86 -17.52
CA LYS D 92 -6.66 -21.34 -18.80
C LYS D 92 -5.70 -20.25 -19.27
N ASP D 93 -5.10 -20.39 -20.45
CA ASP D 93 -4.10 -19.43 -20.90
C ASP D 93 -4.73 -18.29 -21.72
N SER D 94 -3.90 -17.47 -22.39
CA SER D 94 -4.39 -16.31 -23.13
CA SER D 94 -4.40 -16.31 -23.13
C SER D 94 -5.33 -16.70 -24.27
N ASN D 95 -5.22 -17.93 -24.77
CA ASN D 95 -6.03 -18.43 -25.86
C ASN D 95 -7.19 -19.28 -25.37
N TYR D 96 -7.46 -19.23 -24.07
CA TYR D 96 -8.51 -20.01 -23.40
C TYR D 96 -8.31 -21.51 -23.53
N GLN D 97 -7.09 -21.96 -23.77
CA GLN D 97 -6.78 -23.38 -23.72
C GLN D 97 -6.51 -23.78 -22.28
N LEU D 98 -7.07 -24.93 -21.86
CA LEU D 98 -6.77 -25.52 -20.56
C LEU D 98 -5.44 -26.25 -20.62
N ILE D 99 -4.51 -25.87 -19.76
CA ILE D 99 -3.26 -26.57 -19.55
C ILE D 99 -3.38 -27.35 -18.24
N TRP D 100 -3.16 -28.66 -18.29
CA TRP D 100 -3.43 -29.55 -17.17
C TRP D 100 -2.13 -29.95 -16.48
N GLY D 101 -2.10 -29.83 -15.15
CA GLY D 101 -1.04 -30.44 -14.38
C GLY D 101 -1.19 -31.95 -14.34
N ALA D 102 -0.09 -32.63 -13.98
CA ALA D 102 -0.06 -34.09 -14.02
C ALA D 102 -0.81 -34.72 -12.86
N GLY D 103 -1.29 -33.93 -11.92
CA GLY D 103 -2.04 -34.43 -10.80
C GLY D 103 -1.18 -34.77 -9.61
N THR D 104 -1.76 -34.60 -8.43
CA THR D 104 -1.15 -35.02 -7.16
C THR D 104 -2.00 -36.12 -6.56
N LYS D 105 -1.40 -37.30 -6.38
CA LYS D 105 -2.06 -38.35 -5.62
C LYS D 105 -1.92 -38.06 -4.13
N LEU D 106 -3.06 -37.93 -3.43
CA LEU D 106 -3.08 -37.68 -1.99
C LEU D 106 -3.44 -38.97 -1.26
N ILE D 107 -2.55 -39.40 -0.36
CA ILE D 107 -2.71 -40.62 0.43
C ILE D 107 -2.91 -40.21 1.88
N ILE D 108 -3.98 -40.71 2.50
CA ILE D 108 -4.33 -40.34 3.86
C ILE D 108 -3.97 -41.52 4.77
N LYS D 109 -3.03 -41.29 5.68
CA LYS D 109 -2.67 -42.31 6.65
C LYS D 109 -3.68 -42.30 7.80
N PRO D 110 -4.36 -43.42 8.07
CA PRO D 110 -5.32 -43.42 9.17
C PRO D 110 -4.61 -43.41 10.52
N ASP D 111 -5.33 -42.92 11.52
CA ASP D 111 -4.82 -42.83 12.88
C ASP D 111 -5.23 -44.10 13.63
N ILE D 112 -4.30 -45.06 13.72
CA ILE D 112 -4.60 -46.35 14.35
C ILE D 112 -4.50 -46.19 15.86
N GLN D 113 -5.63 -46.31 16.55
CA GLN D 113 -5.66 -46.04 17.99
C GLN D 113 -4.95 -47.14 18.78
N ASN D 114 -5.27 -48.41 18.49
CA ASN D 114 -4.74 -49.53 19.25
C ASN D 114 -4.11 -50.52 18.28
N PRO D 115 -2.88 -50.28 17.84
CA PRO D 115 -2.25 -51.21 16.90
C PRO D 115 -2.11 -52.61 17.48
N ASP D 116 -2.36 -53.61 16.63
CA ASP D 116 -2.28 -55.02 17.03
C ASP D 116 -1.70 -55.84 15.88
N PRO D 117 -0.44 -55.59 15.52
CA PRO D 117 0.11 -56.17 14.29
C PRO D 117 0.13 -57.70 14.35
N ALA D 118 -0.38 -58.32 13.29
CA ALA D 118 -0.49 -59.77 13.27
C ALA D 118 -0.50 -60.28 11.83
N VAL D 119 0.00 -61.49 11.65
CA VAL D 119 0.03 -62.17 10.36
C VAL D 119 -0.79 -63.43 10.51
N TYR D 120 -1.91 -63.51 9.81
CA TYR D 120 -2.83 -64.63 9.93
C TYR D 120 -2.77 -65.49 8.67
N GLN D 121 -3.21 -66.73 8.82
CA GLN D 121 -3.26 -67.69 7.73
C GLN D 121 -4.73 -67.97 7.41
N LEU D 122 -5.11 -67.80 6.14
CA LEU D 122 -6.48 -68.04 5.71
C LEU D 122 -6.56 -69.27 4.81
N ARG D 123 -7.57 -70.10 5.05
CA ARG D 123 -7.78 -71.32 4.27
C ARG D 123 -8.79 -71.08 3.16
N ASP D 124 -8.62 -71.81 2.05
CA ASP D 124 -9.53 -71.66 0.92
C ASP D 124 -10.91 -72.22 1.27
N SER D 125 -11.94 -71.59 0.72
CA SER D 125 -13.32 -72.06 0.89
C SER D 125 -13.65 -73.27 0.02
N LYS D 126 -12.90 -73.50 -1.05
CA LYS D 126 -13.08 -74.63 -1.96
C LYS D 126 -11.82 -75.45 -2.08
N SER D 127 -11.14 -75.69 -0.95
CA SER D 127 -9.95 -76.55 -0.88
C SER D 127 -8.82 -76.09 -1.80
N SER D 131 -4.05 -70.81 2.49
CA SER D 131 -3.29 -70.53 1.28
C SER D 131 -3.25 -69.02 0.95
N VAL D 132 -3.45 -68.19 1.97
CA VAL D 132 -3.32 -66.74 1.86
C VAL D 132 -2.89 -66.21 3.22
N CYS D 133 -1.90 -65.32 3.22
CA CYS D 133 -1.40 -64.70 4.45
C CYS D 133 -1.93 -63.28 4.55
N LEU D 134 -2.45 -62.93 5.71
CA LEU D 134 -3.01 -61.60 5.96
C LEU D 134 -2.18 -60.91 7.02
N PHE D 135 -1.42 -59.90 6.61
CA PHE D 135 -0.75 -59.00 7.53
C PHE D 135 -1.68 -57.83 7.80
N THR D 136 -2.11 -57.68 9.05
CA THR D 136 -3.18 -56.72 9.35
C THR D 136 -2.91 -56.02 10.68
N ASP D 137 -3.64 -54.92 10.90
CA ASP D 137 -3.72 -54.22 12.17
C ASP D 137 -2.40 -53.57 12.58
N PHE D 138 -1.48 -53.36 11.65
CA PHE D 138 -0.27 -52.61 11.95
C PHE D 138 -0.55 -51.11 11.84
N ASP D 139 0.31 -50.31 12.47
CA ASP D 139 0.07 -48.87 12.48
C ASP D 139 0.51 -48.25 11.16
N SER D 140 -0.04 -47.07 10.87
CA SER D 140 0.11 -46.46 9.56
C SER D 140 1.54 -46.08 9.22
N GLN D 141 2.44 -46.07 10.21
CA GLN D 141 3.84 -45.77 9.92
C GLN D 141 4.53 -46.93 9.22
N THR D 142 4.07 -48.15 9.44
CA THR D 142 4.62 -49.30 8.73
C THR D 142 4.24 -49.26 7.26
N ASN D 143 5.21 -49.53 6.39
CA ASN D 143 4.94 -49.67 4.97
C ASN D 143 5.39 -51.06 4.50
N VAL D 144 4.62 -51.63 3.58
CA VAL D 144 4.85 -52.97 3.05
C VAL D 144 5.64 -52.85 1.76
N SER D 145 6.50 -53.83 1.51
CA SER D 145 7.42 -53.77 0.39
C SER D 145 7.36 -55.05 -0.43
N GLN D 146 8.12 -55.06 -1.52
CA GLN D 146 8.37 -56.21 -2.39
C GLN D 146 7.10 -56.95 -2.82
N SER D 150 10.63 -64.87 -6.24
CA SER D 150 9.50 -63.96 -6.21
C SER D 150 8.39 -64.35 -7.20
N ASP D 151 8.07 -65.64 -7.22
CA ASP D 151 6.80 -66.12 -7.77
C ASP D 151 5.69 -66.07 -6.73
N VAL D 152 5.85 -65.23 -5.72
CA VAL D 152 4.82 -64.93 -4.72
C VAL D 152 4.41 -63.48 -4.88
N TYR D 153 3.18 -63.17 -4.47
CA TYR D 153 2.57 -61.89 -4.77
C TYR D 153 2.19 -61.17 -3.49
N ILE D 154 2.56 -59.90 -3.40
CA ILE D 154 2.34 -59.08 -2.23
C ILE D 154 1.61 -57.81 -2.65
N THR D 155 0.48 -57.54 -2.00
CA THR D 155 -0.34 -56.41 -2.40
C THR D 155 0.09 -55.14 -1.70
N ASP D 156 -0.38 -54.01 -2.22
CA ASP D 156 -0.25 -52.74 -1.55
C ASP D 156 -0.91 -52.79 -0.17
N LYS D 157 -0.48 -51.87 0.68
CA LYS D 157 -1.19 -51.63 1.94
C LYS D 157 -2.56 -51.01 1.66
N CYS D 158 -3.58 -51.56 2.31
CA CYS D 158 -4.97 -51.19 2.11
C CYS D 158 -5.60 -50.84 3.45
N VAL D 159 -6.47 -49.83 3.46
CA VAL D 159 -7.16 -49.38 4.66
C VAL D 159 -8.65 -49.64 4.51
N LEU D 160 -9.24 -50.34 5.46
CA LEU D 160 -10.68 -50.51 5.47
C LEU D 160 -11.24 -49.83 6.72
N ASP D 161 -12.49 -49.37 6.60
CA ASP D 161 -13.15 -48.61 7.67
C ASP D 161 -14.50 -49.26 7.95
N MET D 162 -14.59 -49.94 9.09
CA MET D 162 -15.87 -50.42 9.59
C MET D 162 -16.59 -49.24 10.24
N ARG D 163 -17.56 -48.66 9.53
CA ARG D 163 -18.15 -47.40 9.96
C ARG D 163 -18.99 -47.59 11.23
N SER D 164 -19.69 -48.72 11.35
CA SER D 164 -20.55 -48.95 12.51
C SER D 164 -19.78 -49.16 13.80
N MET D 165 -18.50 -49.53 13.72
CA MET D 165 -17.66 -49.66 14.91
C MET D 165 -16.69 -48.50 15.07
N ASP D 166 -16.67 -47.56 14.13
CA ASP D 166 -15.71 -46.45 14.12
C ASP D 166 -14.28 -47.00 14.29
N PHE D 167 -13.92 -47.90 13.38
CA PHE D 167 -12.65 -48.62 13.46
C PHE D 167 -12.04 -48.71 12.06
N LYS D 168 -10.73 -48.49 11.99
CA LYS D 168 -9.99 -48.62 10.74
C LYS D 168 -8.75 -49.49 10.98
N SER D 169 -8.35 -50.22 9.95
CA SER D 169 -7.18 -51.07 10.05
C SER D 169 -6.48 -51.12 8.70
N ASN D 170 -5.15 -51.22 8.73
CA ASN D 170 -4.34 -51.48 7.56
C ASN D 170 -4.21 -52.98 7.34
N SER D 171 -3.97 -53.36 6.09
CA SER D 171 -3.71 -54.77 5.79
C SER D 171 -2.99 -54.90 4.47
N ALA D 172 -2.26 -56.00 4.33
CA ALA D 172 -1.65 -56.45 3.09
C ALA D 172 -1.84 -57.95 2.98
N VAL D 173 -1.88 -58.44 1.75
CA VAL D 173 -2.13 -59.85 1.45
C VAL D 173 -0.95 -60.40 0.68
N ALA D 174 -0.55 -61.63 0.99
CA ALA D 174 0.50 -62.34 0.27
C ALA D 174 0.04 -63.77 0.03
N TRP D 175 0.45 -64.34 -1.11
CA TRP D 175 -0.01 -65.68 -1.44
C TRP D 175 0.90 -66.32 -2.48
N SER D 176 0.70 -67.63 -2.67
CA SER D 176 1.34 -68.45 -3.72
C SER D 176 0.79 -69.86 -3.63
N ASN D 177 1.01 -70.64 -4.69
CA ASN D 177 0.57 -72.04 -4.75
C ASN D 177 1.74 -73.01 -4.89
N LYS D 178 2.90 -72.63 -4.35
CA LYS D 178 4.07 -73.50 -4.35
C LYS D 178 3.97 -74.52 -3.22
N ASP D 180 7.09 -74.24 -0.65
CA ASP D 180 7.82 -73.76 0.52
C ASP D 180 7.10 -72.60 1.19
N PHE D 181 6.30 -71.87 0.42
CA PHE D 181 5.74 -70.61 0.90
C PHE D 181 4.94 -70.80 2.17
N ALA D 182 5.19 -69.92 3.15
CA ALA D 182 4.62 -70.01 4.47
C ALA D 182 4.61 -68.60 5.08
N CYS D 183 3.60 -68.33 5.89
CA CYS D 183 3.39 -66.97 6.39
C CYS D 183 4.47 -66.50 7.36
N ALA D 184 5.38 -67.38 7.76
CA ALA D 184 6.45 -66.96 8.68
C ALA D 184 7.42 -66.02 7.99
N ASN D 185 7.70 -66.23 6.71
CA ASN D 185 8.62 -65.38 5.96
C ASN D 185 7.93 -64.59 4.85
N ALA D 186 6.59 -64.53 4.88
CA ALA D 186 5.85 -63.95 3.77
C ALA D 186 6.14 -62.46 3.59
N PHE D 187 6.41 -61.74 4.68
CA PHE D 187 6.66 -60.31 4.62
C PHE D 187 8.07 -59.96 5.12
N ASN D 188 9.02 -60.89 4.91
CA ASN D 188 10.38 -60.67 5.40
C ASN D 188 11.02 -59.45 4.74
N ASN D 189 10.58 -59.09 3.54
CA ASN D 189 11.14 -57.94 2.83
C ASN D 189 10.66 -56.60 3.39
N SER D 190 9.77 -56.60 4.38
CA SER D 190 9.26 -55.39 4.98
C SER D 190 9.79 -55.24 6.41
N ILE D 191 9.86 -54.00 6.87
CA ILE D 191 10.21 -53.71 8.26
C ILE D 191 8.98 -53.91 9.11
N ILE D 192 8.69 -55.16 9.48
CA ILE D 192 7.53 -55.51 10.28
C ILE D 192 7.76 -55.08 11.72
N PRO D 193 6.73 -54.67 12.45
CA PRO D 193 6.92 -54.33 13.88
C PRO D 193 7.41 -55.53 14.67
N GLU D 194 8.21 -55.27 15.71
CA GLU D 194 8.87 -56.33 16.45
C GLU D 194 7.88 -57.24 17.17
N ASP D 195 6.77 -56.68 17.63
CA ASP D 195 5.76 -57.37 18.43
C ASP D 195 4.68 -58.04 17.58
N THR D 196 4.90 -58.18 16.28
CA THR D 196 3.87 -58.71 15.39
C THR D 196 3.54 -60.16 15.75
N PHE D 197 2.25 -60.45 15.83
CA PHE D 197 1.76 -61.74 16.31
C PHE D 197 1.81 -62.77 15.18
N PHE D 198 2.47 -63.90 15.46
CA PHE D 198 2.53 -65.03 14.53
C PHE D 198 1.96 -66.26 15.23
N PRO D 199 0.70 -66.63 14.97
CA PRO D 199 0.07 -67.82 15.57
C PRO D 199 0.74 -69.11 15.13
N GLY E 4 -25.13 -36.19 -15.74
CA GLY E 4 -24.78 -35.03 -16.56
C GLY E 4 -24.30 -35.42 -17.95
N VAL E 5 -23.09 -35.99 -18.01
CA VAL E 5 -22.45 -36.40 -19.26
C VAL E 5 -22.45 -37.93 -19.31
N THR E 6 -22.99 -38.49 -20.39
CA THR E 6 -23.12 -39.93 -20.55
C THR E 6 -22.25 -40.38 -21.71
N GLN E 7 -21.23 -41.20 -21.40
CA GLN E 7 -20.36 -41.74 -22.43
C GLN E 7 -20.31 -43.26 -22.33
N THR E 8 -20.15 -43.89 -23.49
CA THR E 8 -20.08 -45.34 -23.63
C THR E 8 -19.06 -45.70 -24.70
N PRO E 9 -18.46 -46.90 -24.61
CA PRO E 9 -18.65 -47.92 -23.57
C PRO E 9 -17.74 -47.68 -22.38
N LYS E 10 -18.01 -48.31 -21.23
CA LYS E 10 -17.10 -48.17 -20.09
C LYS E 10 -15.77 -48.88 -20.35
N PHE E 11 -15.80 -50.00 -21.07
CA PHE E 11 -14.64 -50.83 -21.34
C PHE E 11 -14.73 -51.41 -22.73
N GLN E 12 -13.58 -51.59 -23.39
CA GLN E 12 -13.57 -52.20 -24.71
C GLN E 12 -12.21 -52.81 -24.99
N VAL E 13 -12.19 -54.06 -25.47
CA VAL E 13 -10.99 -54.71 -25.98
C VAL E 13 -11.02 -54.60 -27.50
N LEU E 14 -9.89 -54.25 -28.10
CA LEU E 14 -9.80 -54.08 -29.54
C LEU E 14 -8.56 -54.78 -30.05
N LYS E 15 -8.70 -55.40 -31.22
CA LYS E 15 -7.55 -55.92 -31.94
C LYS E 15 -6.97 -54.80 -32.79
N THR E 16 -5.65 -54.74 -32.87
CA THR E 16 -4.99 -53.77 -33.74
C THR E 16 -5.64 -53.75 -35.12
N GLY E 17 -5.89 -52.54 -35.63
CA GLY E 17 -6.54 -52.37 -36.92
C GLY E 17 -8.06 -52.30 -36.88
N GLN E 18 -8.68 -52.62 -35.74
CA GLN E 18 -10.13 -52.53 -35.68
C GLN E 18 -10.55 -51.08 -35.51
N SER E 19 -11.79 -50.81 -35.88
CA SER E 19 -12.40 -49.50 -35.72
C SER E 19 -13.32 -49.50 -34.51
N MET E 20 -13.55 -48.30 -33.96
CA MET E 20 -14.41 -48.19 -32.81
CA MET E 20 -14.42 -48.19 -32.80
C MET E 20 -14.87 -46.74 -32.66
N THR E 21 -16.10 -46.56 -32.20
CA THR E 21 -16.68 -45.26 -31.94
C THR E 21 -17.07 -45.16 -30.49
N LEU E 22 -16.67 -44.07 -29.84
CA LEU E 22 -17.09 -43.79 -28.47
C LEU E 22 -18.18 -42.73 -28.50
N GLN E 23 -19.21 -42.91 -27.68
CA GLN E 23 -20.37 -42.04 -27.66
C GLN E 23 -20.32 -41.14 -26.44
N CYS E 24 -20.86 -39.93 -26.60
CA CYS E 24 -20.92 -38.99 -25.50
C CYS E 24 -22.11 -38.07 -25.71
N ALA E 25 -22.94 -37.95 -24.69
CA ALA E 25 -24.13 -37.13 -24.77
C ALA E 25 -24.27 -36.36 -23.46
N GLN E 26 -24.73 -35.12 -23.58
CA GLN E 26 -24.99 -34.28 -22.41
C GLN E 26 -26.29 -33.54 -22.67
N ASP E 27 -27.12 -33.41 -21.63
CA ASP E 27 -28.39 -32.71 -21.75
C ASP E 27 -28.41 -31.46 -20.87
N MET E 28 -27.24 -30.91 -20.62
CA MET E 28 -27.11 -29.69 -19.83
CA MET E 28 -27.12 -29.68 -19.84
C MET E 28 -27.17 -28.42 -20.70
N ASN E 29 -27.49 -28.56 -21.99
CA ASN E 29 -27.57 -27.45 -22.94
C ASN E 29 -26.21 -26.77 -23.09
N HIS E 30 -25.14 -27.53 -22.93
CA HIS E 30 -23.80 -26.98 -23.07
C HIS E 30 -23.45 -26.79 -24.54
N ASN E 31 -22.66 -25.74 -24.82
CA ASN E 31 -22.24 -25.51 -26.20
C ASN E 31 -20.93 -26.20 -26.56
N SER E 32 -20.05 -26.42 -25.59
CA SER E 32 -18.71 -26.93 -25.83
C SER E 32 -18.57 -28.37 -25.35
N MET E 33 -17.92 -29.20 -26.16
CA MET E 33 -17.67 -30.58 -25.79
C MET E 33 -16.24 -30.94 -26.18
N TYR E 34 -15.66 -31.91 -25.46
CA TYR E 34 -14.25 -32.21 -25.47
C TYR E 34 -14.04 -33.72 -25.38
N TRP E 35 -12.99 -34.23 -26.04
CA TRP E 35 -12.51 -35.58 -25.82
C TRP E 35 -11.06 -35.54 -25.35
N TYR E 36 -10.80 -36.10 -24.19
CA TYR E 36 -9.46 -36.21 -23.63
C TYR E 36 -9.04 -37.67 -23.53
N ARG E 37 -7.74 -37.91 -23.52
CA ARG E 37 -7.20 -39.17 -23.04
C ARG E 37 -6.32 -38.91 -21.82
N GLN E 38 -6.30 -39.87 -20.91
CA GLN E 38 -5.55 -39.79 -19.67
C GLN E 38 -4.61 -40.98 -19.59
N ASP E 39 -3.32 -40.72 -19.46
CA ASP E 39 -2.28 -41.72 -19.39
C ASP E 39 -1.43 -41.48 -18.15
N PRO E 40 -0.84 -42.53 -17.58
CA PRO E 40 -0.10 -42.36 -16.33
C PRO E 40 1.05 -41.36 -16.49
N GLY E 41 1.25 -40.55 -15.45
CA GLY E 41 2.41 -39.67 -15.41
C GLY E 41 2.27 -38.35 -16.12
N MET E 42 1.10 -38.04 -16.69
CA MET E 42 0.98 -36.81 -17.45
C MET E 42 -0.42 -36.22 -17.27
N GLY E 43 -0.54 -34.94 -17.60
CA GLY E 43 -1.84 -34.29 -17.58
C GLY E 43 -2.72 -34.78 -18.72
N LEU E 44 -4.03 -34.61 -18.53
CA LEU E 44 -4.98 -34.88 -19.59
C LEU E 44 -4.54 -34.24 -20.88
N ARG E 45 -4.69 -34.96 -21.99
CA ARG E 45 -4.34 -34.44 -23.30
C ARG E 45 -5.59 -34.37 -24.16
N LEU E 46 -5.83 -33.20 -24.73
CA LEU E 46 -7.00 -32.97 -25.57
C LEU E 46 -6.80 -33.60 -26.93
N ILE E 47 -7.80 -34.38 -27.38
CA ILE E 47 -7.74 -35.06 -28.67
C ILE E 47 -8.39 -34.18 -29.74
N TYR E 48 -9.67 -33.86 -29.55
CA TYR E 48 -10.46 -32.97 -30.38
C TYR E 48 -11.42 -32.23 -29.47
N TYR E 49 -11.89 -31.06 -29.91
CA TYR E 49 -12.95 -30.38 -29.18
C TYR E 49 -13.90 -29.74 -30.17
N SER E 50 -15.03 -29.30 -29.63
CA SER E 50 -16.10 -28.70 -30.40
C SER E 50 -16.55 -27.49 -29.59
N ALA E 51 -16.17 -26.30 -30.02
CA ALA E 51 -16.46 -25.13 -29.19
C ALA E 51 -17.92 -24.74 -29.26
N SER E 52 -18.63 -25.18 -30.28
CA SER E 52 -20.03 -24.87 -30.45
C SER E 52 -20.58 -25.90 -31.41
N GLU E 53 -21.90 -26.08 -31.40
CA GLU E 53 -22.50 -26.95 -32.38
C GLU E 53 -22.12 -26.48 -33.78
N GLY E 54 -21.79 -27.43 -34.66
CA GLY E 54 -21.41 -27.05 -36.01
C GLY E 54 -19.95 -26.67 -36.23
N THR E 55 -19.08 -26.85 -35.23
CA THR E 55 -17.65 -26.66 -35.45
C THR E 55 -16.90 -27.65 -34.56
N THR E 56 -15.76 -28.10 -35.06
CA THR E 56 -14.84 -28.97 -34.33
C THR E 56 -13.43 -28.55 -34.71
N ASP E 57 -12.46 -28.89 -33.86
CA ASP E 57 -11.08 -28.63 -34.23
C ASP E 57 -10.18 -29.57 -33.45
N LYS E 58 -8.95 -29.72 -33.95
CA LYS E 58 -8.00 -30.65 -33.34
CA LYS E 58 -8.05 -30.66 -33.32
C LYS E 58 -7.48 -30.12 -32.01
N GLY E 59 -7.15 -31.04 -31.12
CA GLY E 59 -6.48 -30.78 -29.87
C GLY E 59 -4.99 -31.01 -30.00
N GLU E 60 -4.38 -31.43 -28.90
CA GLU E 60 -2.95 -31.69 -28.86
C GLU E 60 -2.56 -33.00 -29.54
N VAL E 61 -3.40 -34.03 -29.44
CA VAL E 61 -3.05 -35.35 -29.98
C VAL E 61 -4.15 -35.89 -30.91
N PRO E 62 -4.43 -35.25 -32.04
CA PRO E 62 -5.52 -35.73 -32.93
C PRO E 62 -5.18 -36.92 -33.81
N ASN E 63 -3.92 -37.29 -33.99
CA ASN E 63 -3.56 -38.28 -34.98
C ASN E 63 -4.08 -39.67 -34.59
N GLY E 64 -4.77 -40.32 -35.53
CA GLY E 64 -5.39 -41.59 -35.27
C GLY E 64 -6.83 -41.50 -34.84
N TYR E 65 -7.37 -40.30 -34.68
CA TYR E 65 -8.74 -40.11 -34.25
C TYR E 65 -9.47 -39.16 -35.20
N ASN E 66 -10.80 -39.22 -35.12
CA ASN E 66 -11.62 -38.16 -35.65
CA ASN E 66 -11.66 -38.20 -35.70
C ASN E 66 -12.87 -38.05 -34.79
N VAL E 67 -13.63 -36.97 -35.01
CA VAL E 67 -14.83 -36.71 -34.20
C VAL E 67 -15.95 -36.23 -35.09
N SER E 68 -17.17 -36.36 -34.56
CA SER E 68 -18.36 -35.77 -35.18
CA SER E 68 -18.35 -35.77 -35.18
C SER E 68 -19.18 -35.11 -34.08
N ARG E 69 -19.42 -33.81 -34.24
CA ARG E 69 -20.38 -33.11 -33.38
C ARG E 69 -21.72 -33.26 -34.10
N LEU E 70 -22.43 -34.32 -33.72
CA LEU E 70 -23.62 -34.76 -34.45
C LEU E 70 -24.78 -33.80 -34.29
N ASN E 71 -24.89 -33.16 -33.13
CA ASN E 71 -25.90 -32.17 -32.80
C ASN E 71 -25.40 -31.47 -31.53
N LYS E 72 -26.26 -30.68 -30.88
CA LYS E 72 -25.82 -29.98 -29.68
C LYS E 72 -25.50 -30.93 -28.54
N ARG E 73 -26.17 -32.07 -28.49
CA ARG E 73 -26.01 -32.97 -27.36
C ARG E 73 -24.82 -33.91 -27.49
N GLU E 74 -24.40 -34.27 -28.70
CA GLU E 74 -23.61 -35.47 -28.93
C GLU E 74 -22.31 -35.17 -29.65
N PHE E 75 -21.23 -35.80 -29.18
CA PHE E 75 -19.89 -35.59 -29.71
C PHE E 75 -19.22 -36.96 -29.73
N SER E 76 -19.15 -37.57 -30.91
CA SER E 76 -18.58 -38.91 -31.06
C SER E 76 -17.10 -38.87 -31.35
N LEU E 77 -16.38 -39.86 -30.80
CA LEU E 77 -14.96 -40.08 -31.04
C LEU E 77 -14.78 -41.39 -31.79
N ARG E 78 -14.06 -41.34 -32.90
CA ARG E 78 -13.84 -42.51 -33.76
C ARG E 78 -12.37 -42.87 -33.76
N LEU E 79 -12.06 -44.15 -33.51
CA LEU E 79 -10.73 -44.70 -33.71
C LEU E 79 -10.74 -45.40 -35.07
N GLU E 80 -9.94 -44.87 -35.99
CA GLU E 80 -9.98 -45.29 -37.38
C GLU E 80 -9.34 -46.66 -37.54
N SER E 81 -8.12 -46.81 -37.05
CA SER E 81 -7.39 -48.08 -37.14
C SER E 81 -6.63 -48.23 -35.82
N ALA E 82 -7.25 -48.92 -34.87
CA ALA E 82 -6.74 -48.97 -33.51
C ALA E 82 -5.29 -49.44 -33.47
N ALA E 83 -4.46 -48.68 -32.77
CA ALA E 83 -3.08 -49.05 -32.53
C ALA E 83 -2.85 -49.22 -31.03
N PRO E 84 -1.88 -50.05 -30.63
CA PRO E 84 -1.65 -50.25 -29.20
C PRO E 84 -1.33 -48.97 -28.44
N SER E 85 -0.79 -47.95 -29.12
CA SER E 85 -0.52 -46.68 -28.45
C SER E 85 -1.80 -45.97 -28.03
N GLN E 86 -2.96 -46.43 -28.50
CA GLN E 86 -4.25 -45.84 -28.13
C GLN E 86 -4.91 -46.54 -26.94
N THR E 87 -4.25 -47.55 -26.36
CA THR E 87 -4.62 -48.02 -25.03
C THR E 87 -4.55 -46.86 -24.03
N SER E 88 -5.67 -46.55 -23.38
CA SER E 88 -5.79 -45.34 -22.56
C SER E 88 -7.15 -45.32 -21.88
N VAL E 89 -7.38 -44.29 -21.07
CA VAL E 89 -8.70 -43.97 -20.54
C VAL E 89 -9.16 -42.69 -21.22
N TYR E 90 -10.32 -42.74 -21.86
CA TYR E 90 -10.86 -41.64 -22.64
C TYR E 90 -11.96 -40.95 -21.84
N PHE E 91 -11.88 -39.62 -21.72
CA PHE E 91 -12.91 -38.85 -21.04
C PHE E 91 -13.51 -37.84 -22.01
N CYS E 92 -14.82 -37.86 -22.14
CA CYS E 92 -15.55 -36.78 -22.78
CA CYS E 92 -15.50 -36.75 -22.78
C CYS E 92 -15.97 -35.78 -21.72
N ALA E 93 -15.94 -34.49 -22.06
CA ALA E 93 -16.33 -33.45 -21.14
C ALA E 93 -17.15 -32.42 -21.89
N SER E 94 -17.84 -31.58 -21.12
CA SER E 94 -18.61 -30.49 -21.70
C SER E 94 -18.55 -29.28 -20.78
N SER E 95 -18.81 -28.12 -21.38
CA SER E 95 -18.89 -26.89 -20.62
C SER E 95 -19.86 -25.98 -21.34
N VAL E 96 -20.41 -25.00 -20.61
CA VAL E 96 -21.36 -24.07 -21.23
C VAL E 96 -20.73 -23.43 -22.47
N TRP E 97 -19.50 -22.92 -22.35
CA TRP E 97 -18.77 -22.27 -23.42
C TRP E 97 -17.28 -22.58 -23.30
N THR E 98 -16.52 -22.29 -24.36
CA THR E 98 -15.07 -22.42 -24.33
C THR E 98 -14.37 -21.08 -24.15
N GLY E 99 -14.83 -20.06 -24.87
CA GLY E 99 -14.15 -18.77 -24.82
C GLY E 99 -14.60 -17.89 -23.68
N GLU E 100 -14.85 -18.50 -22.52
CA GLU E 100 -15.14 -17.77 -21.29
C GLU E 100 -14.21 -18.28 -20.20
N GLY E 101 -14.27 -17.65 -19.05
CA GLY E 101 -13.22 -17.89 -18.09
C GLY E 101 -13.54 -18.92 -17.04
N SER E 102 -14.66 -18.77 -16.36
CA SER E 102 -14.88 -19.47 -15.11
C SER E 102 -15.72 -20.73 -15.24
N GLY E 103 -16.26 -21.01 -16.42
CA GLY E 103 -17.05 -22.22 -16.59
C GLY E 103 -16.17 -23.46 -16.45
N GLU E 104 -16.58 -24.37 -15.58
CA GLU E 104 -15.85 -25.61 -15.40
C GLU E 104 -16.28 -26.66 -16.43
N LEU E 105 -15.46 -27.71 -16.51
CA LEU E 105 -15.77 -28.90 -17.27
C LEU E 105 -16.57 -29.89 -16.43
N PHE E 106 -17.49 -30.58 -17.10
CA PHE E 106 -18.22 -31.71 -16.52
C PHE E 106 -17.80 -32.95 -17.30
N PHE E 107 -17.31 -33.97 -16.61
CA PHE E 107 -16.72 -35.14 -17.25
C PHE E 107 -17.68 -36.33 -17.28
N GLY E 108 -17.61 -37.09 -18.37
CA GLY E 108 -18.25 -38.40 -18.43
C GLY E 108 -17.50 -39.40 -17.56
N GLU E 109 -18.05 -40.62 -17.50
CA GLU E 109 -17.51 -41.58 -16.54
C GLU E 109 -16.21 -42.23 -17.00
N GLY E 110 -15.83 -42.06 -18.26
CA GLY E 110 -14.57 -42.59 -18.75
C GLY E 110 -14.76 -43.89 -19.51
N SER E 111 -13.88 -44.13 -20.48
CA SER E 111 -13.90 -45.35 -21.30
C SER E 111 -12.48 -45.91 -21.34
N ARG E 112 -12.29 -47.12 -20.81
CA ARG E 112 -10.97 -47.75 -20.84
CA ARG E 112 -10.97 -47.74 -20.84
C ARG E 112 -10.87 -48.63 -22.07
N LEU E 113 -9.96 -48.27 -22.98
CA LEU E 113 -9.69 -49.03 -24.18
C LEU E 113 -8.34 -49.73 -24.06
N THR E 114 -8.32 -51.00 -24.44
CA THR E 114 -7.06 -51.73 -24.56
C THR E 114 -6.98 -52.30 -25.96
N VAL E 115 -5.91 -51.95 -26.68
CA VAL E 115 -5.68 -52.41 -28.05
C VAL E 115 -4.58 -53.46 -28.01
N LEU E 116 -4.91 -54.67 -28.49
CA LEU E 116 -4.02 -55.84 -28.44
C LEU E 116 -3.69 -56.34 -29.85
N GLU E 117 -2.46 -56.83 -30.01
CA GLU E 117 -2.05 -57.45 -31.28
C GLU E 117 -3.01 -58.58 -31.68
N ASP E 118 -3.34 -59.46 -30.73
CA ASP E 118 -4.41 -60.42 -30.92
C ASP E 118 -5.09 -60.66 -29.58
N LEU E 119 -6.18 -61.43 -29.61
CA LEU E 119 -7.00 -61.65 -28.44
C LEU E 119 -6.69 -62.95 -27.72
N LYS E 120 -5.61 -63.63 -28.11
CA LYS E 120 -5.38 -64.99 -27.63
C LYS E 120 -4.89 -65.04 -26.18
N ASN E 121 -4.56 -63.92 -25.57
CA ASN E 121 -4.20 -63.91 -24.15
C ASN E 121 -5.32 -63.38 -23.27
N VAL E 122 -6.49 -63.08 -23.83
CA VAL E 122 -7.59 -62.55 -23.04
C VAL E 122 -8.15 -63.68 -22.19
N PHE E 123 -8.20 -63.47 -20.87
CA PHE E 123 -8.69 -64.48 -19.94
C PHE E 123 -9.58 -63.83 -18.89
N PRO E 124 -10.68 -64.47 -18.52
CA PRO E 124 -11.47 -63.99 -17.39
C PRO E 124 -10.78 -64.37 -16.08
N PRO E 125 -11.18 -63.76 -14.96
CA PRO E 125 -10.57 -64.15 -13.68
C PRO E 125 -11.12 -65.46 -13.16
N GLU E 126 -10.25 -66.18 -12.43
CA GLU E 126 -10.71 -67.13 -11.45
C GLU E 126 -10.86 -66.39 -10.13
N VAL E 127 -11.90 -66.74 -9.37
CA VAL E 127 -12.25 -66.03 -8.14
C VAL E 127 -12.40 -67.04 -7.01
N ALA E 128 -11.79 -66.74 -5.86
CA ALA E 128 -11.89 -67.59 -4.69
C ALA E 128 -12.00 -66.71 -3.43
N VAL E 129 -12.77 -67.18 -2.46
CA VAL E 129 -12.92 -66.52 -1.17
C VAL E 129 -12.21 -67.35 -0.12
N PHE E 130 -11.46 -66.68 0.74
CA PHE E 130 -10.70 -67.34 1.79
C PHE E 130 -11.31 -66.98 3.14
N GLU E 131 -11.67 -68.01 3.91
CA GLU E 131 -12.39 -67.82 5.15
C GLU E 131 -11.47 -67.25 6.24
N PRO E 132 -12.04 -66.50 7.19
CA PRO E 132 -11.20 -65.85 8.20
C PRO E 132 -10.39 -66.84 9.01
N SER E 133 -9.22 -66.38 9.46
CA SER E 133 -8.38 -67.19 10.31
C SER E 133 -9.04 -67.40 11.66
N GLU E 134 -8.91 -68.62 12.20
CA GLU E 134 -9.38 -68.87 13.56
C GLU E 134 -8.59 -68.05 14.57
N ALA E 135 -7.28 -67.89 14.34
CA ALA E 135 -6.45 -67.12 15.26
C ALA E 135 -6.82 -65.64 15.28
N GLU E 136 -7.28 -65.09 14.15
CA GLU E 136 -7.73 -63.70 14.14
C GLU E 136 -8.99 -63.51 14.97
N ILE E 137 -9.92 -64.46 14.86
CA ILE E 137 -11.18 -64.36 15.59
C ILE E 137 -10.95 -64.33 17.10
N SER E 138 -10.06 -65.21 17.59
CA SER E 138 -9.82 -65.26 19.03
C SER E 138 -9.00 -64.06 19.50
N HIS E 139 -8.11 -63.54 18.65
CA HIS E 139 -7.19 -62.51 19.07
C HIS E 139 -7.83 -61.12 19.06
N THR E 140 -8.74 -60.87 18.12
CA THR E 140 -9.29 -59.53 17.93
C THR E 140 -10.82 -59.47 17.94
N GLN E 141 -11.51 -60.61 17.95
CA GLN E 141 -12.97 -60.67 17.85
CA GLN E 141 -12.97 -60.66 17.85
C GLN E 141 -13.46 -60.02 16.55
N LYS E 142 -12.62 -60.02 15.52
CA LYS E 142 -13.00 -59.58 14.18
C LYS E 142 -12.61 -60.67 13.20
N ALA E 143 -13.21 -60.65 12.01
CA ALA E 143 -13.00 -61.70 11.02
C ALA E 143 -12.85 -61.08 9.64
N THR E 144 -11.70 -61.30 9.01
CA THR E 144 -11.42 -60.77 7.68
C THR E 144 -11.52 -61.89 6.66
N LEU E 145 -12.40 -61.71 5.68
CA LEU E 145 -12.43 -62.55 4.50
C LEU E 145 -11.60 -61.91 3.40
N VAL E 146 -10.92 -62.73 2.62
CA VAL E 146 -10.10 -62.26 1.52
C VAL E 146 -10.63 -62.85 0.22
N CYS E 147 -10.78 -62.01 -0.79
CA CYS E 147 -11.14 -62.45 -2.12
C CYS E 147 -9.96 -62.27 -3.06
N LEU E 148 -9.76 -63.25 -3.94
CA LEU E 148 -8.63 -63.24 -4.86
C LEU E 148 -9.15 -63.48 -6.28
N ALA E 149 -8.93 -62.51 -7.15
CA ALA E 149 -9.22 -62.64 -8.58
C ALA E 149 -7.89 -62.75 -9.31
N THR E 150 -7.68 -63.85 -10.03
CA THR E 150 -6.35 -64.14 -10.54
C THR E 150 -6.42 -64.55 -12.01
N GLY E 151 -5.30 -64.33 -12.70
CA GLY E 151 -5.14 -64.82 -14.05
C GLY E 151 -5.96 -64.12 -15.10
N PHE E 152 -6.47 -62.91 -14.83
CA PHE E 152 -7.27 -62.25 -15.84
C PHE E 152 -6.43 -61.32 -16.70
N TYR E 153 -6.93 -61.06 -17.89
CA TYR E 153 -6.29 -60.20 -18.88
C TYR E 153 -7.31 -59.80 -19.93
N PRO E 154 -7.41 -58.52 -20.29
CA PRO E 154 -6.59 -57.41 -19.77
C PRO E 154 -7.12 -56.95 -18.41
N ASP E 155 -6.61 -55.85 -17.87
CA ASP E 155 -7.03 -55.36 -16.55
C ASP E 155 -8.33 -54.57 -16.71
N HIS E 156 -9.43 -55.32 -16.88
CA HIS E 156 -10.78 -54.78 -17.08
C HIS E 156 -11.72 -55.50 -16.12
N VAL E 157 -11.63 -55.19 -14.82
CA VAL E 157 -12.47 -55.83 -13.81
C VAL E 157 -13.00 -54.81 -12.82
N GLU E 158 -14.15 -55.15 -12.22
CA GLU E 158 -14.70 -54.44 -11.07
C GLU E 158 -15.10 -55.47 -10.02
N LEU E 159 -14.51 -55.38 -8.84
CA LEU E 159 -14.79 -56.33 -7.77
C LEU E 159 -15.73 -55.69 -6.76
N SER E 160 -16.65 -56.49 -6.23
CA SER E 160 -17.61 -56.02 -5.23
C SER E 160 -17.97 -57.15 -4.27
N TRP E 161 -18.38 -56.77 -3.06
CA TRP E 161 -18.78 -57.69 -2.01
C TRP E 161 -20.28 -57.66 -1.80
N TRP E 162 -20.88 -58.83 -1.57
CA TRP E 162 -22.31 -58.93 -1.30
C TRP E 162 -22.52 -59.85 -0.10
N VAL E 163 -23.13 -59.32 0.96
CA VAL E 163 -23.50 -60.11 2.12
C VAL E 163 -25.01 -60.23 2.16
N ASN E 164 -25.49 -61.46 2.28
CA ASN E 164 -26.93 -61.76 2.38
C ASN E 164 -27.72 -61.08 1.28
N GLY E 165 -27.11 -60.92 0.10
CA GLY E 165 -27.80 -60.42 -1.08
C GLY E 165 -27.66 -58.93 -1.32
N LYS E 166 -26.96 -58.20 -0.47
CA LYS E 166 -26.82 -56.76 -0.60
C LYS E 166 -25.35 -56.37 -0.64
N GLU E 167 -25.01 -55.41 -1.49
CA GLU E 167 -23.62 -54.98 -1.62
C GLU E 167 -23.22 -54.14 -0.42
N VAL E 168 -22.01 -54.38 0.08
CA VAL E 168 -21.50 -53.65 1.24
C VAL E 168 -20.28 -52.86 0.82
N HIS E 169 -20.11 -51.70 1.45
CA HIS E 169 -18.90 -50.91 1.33
C HIS E 169 -18.14 -50.78 2.65
N SER E 170 -18.82 -50.94 3.78
CA SER E 170 -18.15 -50.82 5.07
C SER E 170 -17.31 -52.05 5.35
N GLY E 171 -16.10 -51.84 5.85
CA GLY E 171 -15.21 -52.94 6.13
C GLY E 171 -14.60 -53.58 4.91
N VAL E 172 -14.53 -52.85 3.79
CA VAL E 172 -14.04 -53.38 2.53
C VAL E 172 -12.89 -52.50 2.05
N CYS E 173 -11.85 -53.13 1.52
CA CYS E 173 -10.78 -52.43 0.81
CA CYS E 173 -10.85 -52.41 0.77
C CYS E 173 -10.31 -53.33 -0.32
N THR E 174 -10.32 -52.81 -1.54
CA THR E 174 -9.89 -53.52 -2.73
C THR E 174 -8.66 -52.81 -3.27
N ASP E 175 -7.70 -53.59 -3.75
CA ASP E 175 -6.48 -52.98 -4.25
C ASP E 175 -6.82 -51.98 -5.36
N PRO E 176 -6.26 -50.77 -5.31
CA PRO E 176 -6.56 -49.81 -6.39
C PRO E 176 -5.97 -50.21 -7.74
N GLN E 177 -4.91 -51.01 -7.75
CA GLN E 177 -4.32 -51.51 -8.97
C GLN E 177 -4.02 -53.00 -8.81
N PRO E 178 -4.20 -53.80 -9.86
CA PRO E 178 -3.85 -55.22 -9.77
C PRO E 178 -2.34 -55.40 -9.82
N LEU E 179 -1.91 -56.60 -9.43
CA LEU E 179 -0.52 -57.02 -9.53
CA LEU E 179 -0.51 -56.91 -9.60
C LEU E 179 -0.32 -57.79 -10.82
N LYS E 180 0.90 -57.71 -11.38
CA LYS E 180 1.26 -58.52 -12.52
C LYS E 180 1.73 -59.87 -12.02
N GLU E 181 1.09 -60.94 -12.48
CA GLU E 181 1.47 -62.28 -12.07
C GLU E 181 2.79 -62.72 -12.67
N GLN E 182 3.17 -62.17 -13.82
CA GLN E 182 4.43 -62.49 -14.49
CA GLN E 182 4.46 -62.49 -14.46
C GLN E 182 5.10 -61.17 -14.86
N PRO E 183 5.71 -60.48 -13.89
CA PRO E 183 6.16 -59.10 -14.16
C PRO E 183 7.17 -58.99 -15.30
N ALA E 184 7.88 -60.06 -15.62
CA ALA E 184 8.85 -59.99 -16.70
C ALA E 184 8.20 -60.01 -18.09
N LEU E 185 6.95 -60.47 -18.19
CA LEU E 185 6.30 -60.64 -19.48
C LEU E 185 5.56 -59.38 -19.91
N ASN E 186 5.64 -59.07 -21.21
CA ASN E 186 4.91 -57.91 -21.74
C ASN E 186 3.40 -58.09 -21.63
N ASP E 187 2.92 -59.33 -21.70
CA ASP E 187 1.49 -59.63 -21.63
C ASP E 187 1.16 -60.38 -20.33
N SER E 188 1.76 -59.97 -19.22
CA SER E 188 1.44 -60.61 -17.95
C SER E 188 -0.05 -60.55 -17.67
N ARG E 189 -0.59 -61.64 -17.12
CA ARG E 189 -1.95 -61.60 -16.59
C ARG E 189 -1.94 -60.96 -15.21
N TYR E 190 -3.12 -60.74 -14.66
CA TYR E 190 -3.27 -59.88 -13.50
C TYR E 190 -3.95 -60.61 -12.36
N ALA E 191 -3.70 -60.10 -11.14
CA ALA E 191 -4.38 -60.56 -9.95
C ALA E 191 -4.79 -59.33 -9.13
N LEU E 192 -5.89 -59.48 -8.39
CA LEU E 192 -6.45 -58.40 -7.60
C LEU E 192 -7.02 -59.01 -6.33
N SER E 193 -6.68 -58.43 -5.18
CA SER E 193 -7.20 -58.89 -3.90
C SER E 193 -8.16 -57.87 -3.31
N SER E 194 -9.01 -58.34 -2.40
CA SER E 194 -9.89 -57.48 -1.63
C SER E 194 -10.17 -58.13 -0.29
N ARG E 195 -10.44 -57.31 0.72
CA ARG E 195 -10.75 -57.79 2.05
C ARG E 195 -12.13 -57.28 2.45
N LEU E 196 -12.83 -58.08 3.25
CA LEU E 196 -14.07 -57.70 3.89
C LEU E 196 -13.95 -58.09 5.35
N ARG E 197 -14.05 -57.11 6.25
CA ARG E 197 -13.89 -57.37 7.67
C ARG E 197 -15.22 -57.12 8.39
N VAL E 198 -15.65 -58.11 9.16
CA VAL E 198 -16.84 -58.04 9.98
C VAL E 198 -16.49 -58.53 11.38
N SER E 199 -17.43 -58.36 12.31
CA SER E 199 -17.22 -58.82 13.67
C SER E 199 -17.18 -60.33 13.72
N ALA E 200 -16.47 -60.86 14.73
CA ALA E 200 -16.43 -62.31 14.93
C ALA E 200 -17.84 -62.88 15.08
N THR E 201 -18.71 -62.16 15.80
CA THR E 201 -20.08 -62.59 15.97
C THR E 201 -20.80 -62.70 14.62
N PHE E 202 -20.57 -61.72 13.74
CA PHE E 202 -21.26 -61.73 12.46
C PHE E 202 -20.81 -62.90 11.58
N TRP E 203 -19.50 -63.20 11.57
CA TRP E 203 -19.01 -64.32 10.79
C TRP E 203 -19.43 -65.66 11.39
N GLN E 204 -19.62 -65.71 12.71
CA GLN E 204 -19.97 -66.97 13.35
C GLN E 204 -21.42 -67.39 13.08
N ASN E 205 -22.31 -66.43 12.79
CA ASN E 205 -23.69 -66.75 12.45
C ASN E 205 -23.70 -67.69 11.26
N PRO E 206 -24.25 -68.91 11.39
CA PRO E 206 -24.31 -69.82 10.24
C PRO E 206 -25.29 -69.38 9.16
N ARG E 207 -26.11 -68.35 9.41
CA ARG E 207 -27.10 -67.89 8.46
C ARG E 207 -26.58 -66.80 7.53
N ASN E 208 -25.32 -66.41 7.66
CA ASN E 208 -24.76 -65.28 6.91
C ASN E 208 -24.01 -65.76 5.67
N HIS E 209 -24.29 -65.12 4.55
CA HIS E 209 -23.77 -65.52 3.24
C HIS E 209 -22.91 -64.39 2.67
N PHE E 210 -21.66 -64.71 2.32
CA PHE E 210 -20.73 -63.74 1.78
C PHE E 210 -20.33 -64.20 0.38
N ARG E 211 -20.44 -63.30 -0.61
CA ARG E 211 -20.02 -63.62 -1.96
C ARG E 211 -19.18 -62.47 -2.51
N CYS E 212 -18.06 -62.84 -3.14
CA CYS E 212 -17.20 -61.90 -3.84
CA CYS E 212 -17.22 -61.90 -3.85
C CYS E 212 -17.54 -61.98 -5.33
N GLN E 213 -17.86 -60.83 -5.93
CA GLN E 213 -18.28 -60.77 -7.33
C GLN E 213 -17.28 -59.95 -8.14
N VAL E 214 -16.85 -60.50 -9.28
CA VAL E 214 -15.90 -59.84 -10.16
C VAL E 214 -16.51 -59.74 -11.54
N GLN E 215 -16.92 -58.54 -11.93
CA GLN E 215 -17.32 -58.29 -13.30
C GLN E 215 -16.08 -58.18 -14.17
N PHE E 216 -16.02 -58.98 -15.23
CA PHE E 216 -14.91 -58.98 -16.18
C PHE E 216 -15.42 -58.41 -17.50
N TYR E 217 -14.65 -57.51 -18.10
CA TYR E 217 -14.99 -56.94 -19.39
C TYR E 217 -14.04 -57.50 -20.44
N GLY E 218 -14.57 -58.35 -21.30
CA GLY E 218 -13.76 -59.11 -22.24
C GLY E 218 -14.24 -58.91 -23.65
N LEU E 219 -14.32 -60.01 -24.40
CA LEU E 219 -14.73 -59.95 -25.79
C LEU E 219 -16.25 -59.82 -25.90
N SER E 220 -16.69 -59.36 -27.06
CA SER E 220 -18.12 -59.22 -27.34
C SER E 220 -18.63 -60.42 -28.11
N GLU E 221 -19.96 -60.47 -28.28
CA GLU E 221 -20.56 -61.56 -29.03
C GLU E 221 -20.09 -61.59 -30.48
N ASN E 222 -19.82 -60.41 -31.05
CA ASN E 222 -19.43 -60.30 -32.44
C ASN E 222 -17.93 -60.43 -32.67
N ASP E 223 -17.17 -60.86 -31.67
CA ASP E 223 -15.76 -61.17 -31.85
C ASP E 223 -15.63 -62.63 -32.28
N GLU E 224 -14.72 -62.89 -33.21
CA GLU E 224 -14.48 -64.26 -33.61
C GLU E 224 -13.46 -64.90 -32.67
N TRP E 225 -13.57 -66.21 -32.53
CA TRP E 225 -12.75 -66.96 -31.58
C TRP E 225 -12.50 -68.35 -32.13
N THR E 226 -11.22 -68.70 -32.29
CA THR E 226 -10.82 -69.97 -32.86
C THR E 226 -10.19 -70.92 -31.85
N GLN E 227 -9.70 -70.42 -30.71
CA GLN E 227 -9.05 -71.27 -29.72
C GLN E 227 -10.02 -72.33 -29.20
N ASP E 228 -9.43 -73.38 -28.61
CA ASP E 228 -10.25 -74.47 -28.09
C ASP E 228 -10.94 -74.10 -26.79
N ARG E 229 -10.31 -73.28 -25.96
CA ARG E 229 -10.90 -72.92 -24.67
C ARG E 229 -12.12 -72.03 -24.86
N ALA E 230 -12.92 -71.91 -23.80
CA ALA E 230 -14.12 -71.11 -23.82
C ALA E 230 -13.79 -69.64 -24.15
N LYS E 231 -14.62 -69.04 -25.00
CA LYS E 231 -14.41 -67.68 -25.43
C LYS E 231 -14.42 -66.73 -24.22
N PRO E 232 -13.38 -65.89 -24.04
CA PRO E 232 -13.30 -65.03 -22.85
C PRO E 232 -14.20 -63.79 -22.95
N VAL E 233 -15.51 -64.05 -22.92
CA VAL E 233 -16.50 -62.99 -23.05
C VAL E 233 -16.66 -62.24 -21.73
N THR E 234 -17.17 -61.01 -21.83
CA THR E 234 -17.64 -60.25 -20.68
C THR E 234 -18.56 -61.10 -19.83
N GLN E 235 -18.27 -61.15 -18.52
CA GLN E 235 -18.96 -62.13 -17.66
C GLN E 235 -18.69 -61.75 -16.22
N ILE E 236 -19.47 -62.33 -15.32
CA ILE E 236 -19.28 -62.18 -13.89
C ILE E 236 -18.77 -63.51 -13.34
N VAL E 237 -17.70 -63.45 -12.55
CA VAL E 237 -17.18 -64.63 -11.85
C VAL E 237 -17.25 -64.34 -10.36
N SER E 238 -17.77 -65.30 -9.59
CA SER E 238 -17.99 -65.08 -8.18
C SER E 238 -17.61 -66.29 -7.36
N ALA E 239 -17.32 -66.05 -6.09
CA ALA E 239 -17.02 -67.08 -5.10
C ALA E 239 -17.83 -66.78 -3.85
N GLU E 240 -18.26 -67.83 -3.16
CA GLU E 240 -19.17 -67.68 -2.03
C GLU E 240 -18.64 -68.44 -0.82
N ALA E 241 -19.19 -68.09 0.34
CA ALA E 241 -18.82 -68.73 1.60
C ALA E 241 -19.92 -68.47 2.62
N TRP E 242 -20.22 -69.47 3.43
CA TRP E 242 -21.16 -69.35 4.53
C TRP E 242 -20.43 -69.27 5.86
N GLY E 243 -21.00 -68.51 6.79
CA GLY E 243 -20.42 -68.41 8.11
C GLY E 243 -20.43 -69.75 8.83
N ARG E 244 -19.36 -70.01 9.58
CA ARG E 244 -19.17 -71.25 10.32
C ARG E 244 -19.06 -70.95 11.82
N ALA E 245 -19.25 -71.99 12.62
CA ALA E 245 -19.13 -71.89 14.06
C ALA E 245 -17.93 -72.69 14.57
N MET F 1 -37.22 2.26 -31.14
CA MET F 1 -36.33 2.02 -32.28
C MET F 1 -35.76 3.32 -32.85
N ILE F 2 -34.52 3.64 -32.50
CA ILE F 2 -33.86 4.86 -32.95
C ILE F 2 -32.91 4.52 -34.09
N GLN F 3 -33.14 5.12 -35.25
CA GLN F 3 -32.25 5.03 -36.38
C GLN F 3 -31.54 6.36 -36.55
N ARG F 4 -30.34 6.32 -37.12
CA ARG F 4 -29.51 7.51 -37.24
C ARG F 4 -29.03 7.61 -38.67
N THR F 5 -29.35 8.71 -39.34
CA THR F 5 -29.03 8.85 -40.75
C THR F 5 -27.55 9.22 -40.92
N PRO F 6 -26.93 8.81 -42.02
CA PRO F 6 -25.48 9.01 -42.13
C PRO F 6 -25.09 10.46 -42.36
N LYS F 7 -24.01 10.86 -41.68
CA LYS F 7 -23.23 12.04 -42.05
C LYS F 7 -22.31 11.69 -43.22
N ILE F 8 -22.24 12.61 -44.19
CA ILE F 8 -21.56 12.34 -45.46
C ILE F 8 -20.66 13.53 -45.77
N GLN F 9 -19.36 13.26 -45.87
CA GLN F 9 -18.35 14.29 -46.04
C GLN F 9 -17.46 13.90 -47.19
N VAL F 10 -17.34 14.80 -48.17
CA VAL F 10 -16.57 14.56 -49.39
C VAL F 10 -15.46 15.56 -49.46
N TYR F 11 -14.23 15.08 -49.66
CA TYR F 11 -13.04 15.91 -49.56
C TYR F 11 -11.87 15.20 -50.23
N SER F 12 -10.87 15.98 -50.64
CA SER F 12 -9.68 15.42 -51.27
C SER F 12 -8.62 15.10 -50.22
N ARG F 13 -7.74 14.17 -50.57
CA ARG F 13 -6.70 13.75 -49.62
C ARG F 13 -5.72 14.90 -49.35
N HIS F 14 -5.28 15.58 -50.39
CA HIS F 14 -4.41 16.74 -50.39
C HIS F 14 -5.16 17.96 -50.89
N PRO F 15 -4.74 19.18 -50.49
CA PRO F 15 -5.32 20.40 -51.08
C PRO F 15 -5.40 20.31 -52.60
N ALA F 16 -6.58 20.51 -53.16
CA ALA F 16 -6.78 20.20 -54.56
C ALA F 16 -6.24 21.32 -55.43
N GLU F 17 -5.72 20.94 -56.59
CA GLU F 17 -5.32 21.89 -57.61
C GLU F 17 -5.60 21.27 -58.96
N ASN F 18 -6.33 21.98 -59.82
CA ASN F 18 -6.69 21.47 -61.14
C ASN F 18 -5.45 21.02 -61.90
N GLY F 19 -5.47 19.77 -62.37
CA GLY F 19 -4.39 19.23 -63.16
C GLY F 19 -3.46 18.31 -62.41
N LYS F 20 -3.54 18.26 -61.07
CA LYS F 20 -2.63 17.47 -60.26
C LYS F 20 -3.35 16.26 -59.72
N SER F 21 -2.75 15.08 -59.87
CA SER F 21 -3.36 13.86 -59.38
C SER F 21 -3.59 13.94 -57.87
N ASN F 22 -4.67 13.32 -57.42
CA ASN F 22 -5.14 13.44 -56.05
C ASN F 22 -6.01 12.21 -55.74
N PHE F 23 -6.61 12.20 -54.56
CA PHE F 23 -7.58 11.18 -54.17
C PHE F 23 -8.82 11.86 -53.61
N LEU F 24 -9.99 11.36 -54.01
CA LEU F 24 -11.26 11.86 -53.53
C LEU F 24 -11.81 10.90 -52.50
N ASN F 25 -12.15 11.44 -51.33
CA ASN F 25 -12.64 10.67 -50.18
C ASN F 25 -14.11 10.93 -49.94
N CYS F 26 -14.84 9.89 -49.54
CA CYS F 26 -16.19 10.03 -49.01
C CYS F 26 -16.26 9.27 -47.69
N TYR F 27 -16.40 10.01 -46.60
CA TYR F 27 -16.43 9.48 -45.25
C TYR F 27 -17.88 9.50 -44.80
N VAL F 28 -18.43 8.32 -44.52
CA VAL F 28 -19.84 8.16 -44.20
C VAL F 28 -19.89 7.64 -42.78
N SER F 29 -20.53 8.38 -41.88
CA SER F 29 -20.32 8.09 -40.47
C SER F 29 -21.58 8.34 -39.66
N GLY F 30 -21.56 7.80 -38.44
CA GLY F 30 -22.59 8.03 -37.45
C GLY F 30 -23.96 7.48 -37.77
N PHE F 31 -24.06 6.47 -38.63
CA PHE F 31 -25.34 5.88 -38.99
C PHE F 31 -25.61 4.60 -38.19
N HIS F 32 -26.89 4.27 -38.07
CA HIS F 32 -27.38 3.04 -37.47
C HIS F 32 -28.77 2.81 -38.06
N PRO F 33 -29.12 1.59 -38.52
CA PRO F 33 -28.34 0.36 -38.48
C PRO F 33 -27.29 0.27 -39.58
N SER F 34 -26.63 -0.89 -39.72
CA SER F 34 -25.36 -1.00 -40.45
C SER F 34 -25.48 -1.09 -41.96
N ASP F 35 -26.64 -1.43 -42.49
CA ASP F 35 -26.77 -1.62 -43.94
C ASP F 35 -26.67 -0.28 -44.64
N ILE F 36 -25.75 -0.16 -45.61
CA ILE F 36 -25.52 1.10 -46.29
C ILE F 36 -24.98 0.80 -47.69
N GLU F 37 -25.21 1.75 -48.61
CA GLU F 37 -24.68 1.67 -49.97
C GLU F 37 -24.06 3.00 -50.35
N VAL F 38 -22.81 2.96 -50.80
CA VAL F 38 -22.04 4.14 -51.15
C VAL F 38 -21.46 3.96 -52.55
N ASP F 39 -21.63 4.97 -53.41
CA ASP F 39 -20.93 5.04 -54.68
C ASP F 39 -20.33 6.43 -54.87
N LEU F 40 -19.18 6.49 -55.52
CA LEU F 40 -18.59 7.74 -55.98
C LEU F 40 -19.00 7.99 -57.42
N LEU F 41 -19.27 9.27 -57.73
CA LEU F 41 -19.86 9.68 -59.00
C LEU F 41 -18.98 10.73 -59.66
N LYS F 42 -18.78 10.59 -60.97
CA LYS F 42 -18.10 11.60 -61.79
C LYS F 42 -19.08 12.07 -62.85
N ASN F 43 -19.51 13.32 -62.75
CA ASN F 43 -20.50 13.90 -63.67
C ASN F 43 -21.75 13.04 -63.71
N GLY F 44 -22.16 12.53 -62.55
CA GLY F 44 -23.36 11.73 -62.45
C GLY F 44 -23.18 10.24 -62.70
N GLU F 45 -22.07 9.82 -63.28
CA GLU F 45 -21.84 8.41 -63.60
C GLU F 45 -21.02 7.73 -62.51
N ARG F 46 -21.36 6.48 -62.22
CA ARG F 46 -20.69 5.74 -61.15
C ARG F 46 -19.26 5.41 -61.53
N ILE F 47 -18.33 5.71 -60.63
CA ILE F 47 -16.92 5.41 -60.83
C ILE F 47 -16.68 3.94 -60.45
N GLU F 48 -15.97 3.21 -61.31
CA GLU F 48 -15.81 1.77 -61.08
C GLU F 48 -14.59 1.42 -60.21
N LYS F 49 -13.48 2.14 -60.34
CA LYS F 49 -12.29 1.83 -59.55
C LYS F 49 -12.34 2.61 -58.23
N VAL F 50 -13.09 2.06 -57.27
CA VAL F 50 -13.31 2.70 -55.98
C VAL F 50 -12.93 1.74 -54.86
N GLU F 51 -12.03 2.17 -53.99
CA GLU F 51 -11.63 1.40 -52.82
C GLU F 51 -12.45 1.83 -51.61
N HIS F 52 -12.53 0.94 -50.62
CA HIS F 52 -13.29 1.27 -49.43
C HIS F 52 -12.84 0.40 -48.26
N SER F 53 -12.87 0.98 -47.07
CA SER F 53 -12.56 0.23 -45.88
C SER F 53 -13.74 -0.63 -45.49
N ASP F 54 -13.50 -1.59 -44.59
CA ASP F 54 -14.60 -2.36 -44.05
C ASP F 54 -15.46 -1.49 -43.13
N LEU F 55 -16.70 -1.92 -42.95
CA LEU F 55 -17.56 -1.35 -41.92
C LEU F 55 -16.80 -1.25 -40.60
N SER F 56 -16.84 -0.07 -39.97
CA SER F 56 -16.09 0.19 -38.76
C SER F 56 -17.03 0.59 -37.63
N PHE F 57 -16.60 0.34 -36.39
CA PHE F 57 -17.46 0.50 -35.22
C PHE F 57 -17.02 1.70 -34.40
N SER F 58 -17.97 2.54 -34.01
CA SER F 58 -17.72 3.63 -33.09
C SER F 58 -18.24 3.29 -31.68
N LYS F 59 -17.67 3.96 -30.67
CA LYS F 59 -18.06 3.66 -29.31
CA LYS F 59 -18.04 3.74 -29.27
C LYS F 59 -19.49 4.11 -28.97
N ASP F 60 -20.11 4.98 -29.77
CA ASP F 60 -21.52 5.32 -29.54
C ASP F 60 -22.47 4.36 -30.24
N TRP F 61 -21.96 3.22 -30.71
CA TRP F 61 -22.66 2.13 -31.38
C TRP F 61 -23.01 2.45 -32.83
N SER F 62 -22.63 3.61 -33.36
CA SER F 62 -22.84 3.88 -34.77
C SER F 62 -21.69 3.29 -35.59
N PHE F 63 -21.77 3.43 -36.90
CA PHE F 63 -20.83 2.82 -37.84
C PHE F 63 -20.30 3.88 -38.78
N TYR F 64 -19.14 3.61 -39.38
CA TYR F 64 -18.56 4.50 -40.38
C TYR F 64 -17.76 3.70 -41.40
N LEU F 65 -17.48 4.38 -42.53
CA LEU F 65 -16.83 3.78 -43.69
C LEU F 65 -16.12 4.88 -44.45
N LEU F 66 -15.06 4.51 -45.16
CA LEU F 66 -14.34 5.44 -46.02
C LEU F 66 -14.26 4.85 -47.43
N TYR F 67 -14.83 5.57 -48.40
CA TYR F 67 -14.70 5.25 -49.81
C TYR F 67 -13.76 6.25 -50.48
N TYR F 68 -12.93 5.79 -51.41
CA TYR F 68 -12.01 6.73 -52.04
C TYR F 68 -11.62 6.21 -53.42
N THR F 69 -11.12 7.14 -54.24
CA THR F 69 -10.68 6.84 -55.59
C THR F 69 -9.65 7.88 -56.03
N GLU F 70 -8.66 7.43 -56.78
CA GLU F 70 -7.66 8.35 -57.31
C GLU F 70 -8.29 9.17 -58.44
N PHE F 71 -8.05 10.48 -58.42
CA PHE F 71 -8.66 11.32 -59.44
C PHE F 71 -7.77 12.53 -59.68
N THR F 72 -7.92 13.11 -60.86
CA THR F 72 -7.24 14.35 -61.22
C THR F 72 -8.31 15.42 -61.41
N PRO F 73 -8.47 16.37 -60.49
CA PRO F 73 -9.56 17.34 -60.60
C PRO F 73 -9.35 18.34 -61.72
N THR F 74 -10.45 18.73 -62.36
CA THR F 74 -10.44 19.74 -63.41
C THR F 74 -11.61 20.70 -63.17
N GLU F 75 -11.61 21.80 -63.93
CA GLU F 75 -12.65 22.81 -63.76
C GLU F 75 -14.02 22.30 -64.17
N LYS F 76 -14.08 21.40 -65.16
CA LYS F 76 -15.37 20.95 -65.70
C LYS F 76 -15.97 19.77 -64.94
N ASP F 77 -15.13 18.90 -64.37
CA ASP F 77 -15.62 17.64 -63.80
C ASP F 77 -16.17 17.86 -62.39
N GLU F 78 -17.41 17.42 -62.17
CA GLU F 78 -18.08 17.52 -60.89
C GLU F 78 -18.13 16.13 -60.25
N TYR F 79 -17.70 16.04 -59.00
CA TYR F 79 -17.67 14.78 -58.29
C TYR F 79 -18.68 14.79 -57.16
N ALA F 80 -19.16 13.60 -56.79
CA ALA F 80 -20.17 13.50 -55.75
C ALA F 80 -20.06 12.15 -55.07
N CYS F 81 -20.75 12.03 -53.94
CA CYS F 81 -20.88 10.79 -53.20
C CYS F 81 -22.37 10.48 -53.10
N ARG F 82 -22.78 9.27 -53.48
CA ARG F 82 -24.17 8.86 -53.44
C ARG F 82 -24.35 7.78 -52.37
N VAL F 83 -25.27 8.02 -51.43
CA VAL F 83 -25.42 7.14 -50.28
C VAL F 83 -26.88 6.75 -50.15
N ASN F 84 -27.13 5.48 -49.84
CA ASN F 84 -28.47 5.05 -49.49
C ASN F 84 -28.42 4.31 -48.17
N HIS F 85 -29.51 4.41 -47.42
CA HIS F 85 -29.60 3.90 -46.06
C HIS F 85 -31.08 3.88 -45.72
N VAL F 86 -31.45 3.01 -44.77
CA VAL F 86 -32.87 2.81 -44.47
C VAL F 86 -33.52 4.12 -44.03
N THR F 87 -32.74 5.06 -43.50
CA THR F 87 -33.32 6.33 -43.06
C THR F 87 -33.64 7.29 -44.21
N LEU F 88 -33.17 7.00 -45.43
CA LEU F 88 -33.36 7.89 -46.57
C LEU F 88 -34.40 7.28 -47.52
N SER F 89 -35.39 8.08 -47.91
CA SER F 89 -36.40 7.62 -48.86
C SER F 89 -35.78 7.39 -50.24
N GLN F 90 -34.73 8.13 -50.55
CA GLN F 90 -34.11 8.21 -51.86
C GLN F 90 -32.62 8.32 -51.64
N PRO F 91 -31.80 7.79 -52.55
CA PRO F 91 -30.34 7.96 -52.43
C PRO F 91 -29.98 9.45 -52.38
N LYS F 92 -29.07 9.78 -51.47
CA LYS F 92 -28.59 11.14 -51.29
C LYS F 92 -27.31 11.33 -52.07
N ILE F 93 -27.29 12.29 -52.98
CA ILE F 93 -26.11 12.62 -53.78
C ILE F 93 -25.49 13.87 -53.17
N VAL F 94 -24.29 13.74 -52.60
CA VAL F 94 -23.60 14.83 -51.93
C VAL F 94 -22.44 15.28 -52.81
N LYS F 95 -22.47 16.55 -53.24
CA LYS F 95 -21.47 17.07 -54.16
C LYS F 95 -20.17 17.40 -53.44
N TRP F 96 -19.05 17.15 -54.11
CA TRP F 96 -17.77 17.66 -53.63
C TRP F 96 -17.72 19.18 -53.81
N ASP F 97 -17.31 19.89 -52.76
CA ASP F 97 -17.25 21.34 -52.76
CA ASP F 97 -17.28 21.35 -52.83
C ASP F 97 -15.99 21.89 -53.44
N ARG F 98 -15.21 21.02 -54.10
CA ARG F 98 -13.99 21.40 -54.81
C ARG F 98 -13.00 22.12 -53.89
N ASP F 99 -12.91 21.64 -52.65
CA ASP F 99 -11.94 22.10 -51.65
C ASP F 99 -12.13 23.59 -51.34
N MET F 100 -13.37 24.04 -51.26
CA MET F 100 -13.66 25.45 -50.99
C MET F 100 -14.39 25.64 -49.65
N GLN G 3 -0.63 21.87 32.91
CA GLN G 3 -0.20 22.62 31.74
C GLN G 3 -1.29 22.57 30.69
N ASN G 4 -1.61 23.72 30.12
CA ASN G 4 -2.84 23.85 29.33
C ASN G 4 -2.66 24.98 28.32
N ILE G 5 -3.16 24.77 27.10
CA ILE G 5 -3.16 25.78 26.07
C ILE G 5 -4.53 25.79 25.42
N ASP G 6 -5.08 26.98 25.18
CA ASP G 6 -6.45 27.08 24.68
C ASP G 6 -6.49 28.04 23.52
N GLN G 7 -7.18 27.64 22.46
CA GLN G 7 -7.42 28.52 21.32
C GLN G 7 -8.75 28.11 20.72
N PRO G 8 -9.49 29.04 20.13
CA PRO G 8 -10.81 28.69 19.58
C PRO G 8 -10.72 27.60 18.52
N THR G 9 -11.79 26.82 18.42
CA THR G 9 -11.82 25.70 17.47
C THR G 9 -11.83 26.20 16.03
N GLU G 10 -12.63 27.22 15.73
CA GLU G 10 -12.80 27.61 14.35
C GLU G 10 -13.13 29.10 14.31
N MET G 11 -12.66 29.77 13.27
CA MET G 11 -13.02 31.14 13.04
C MET G 11 -13.29 31.34 11.56
N THR G 12 -14.22 32.24 11.24
CA THR G 12 -14.56 32.56 9.86
C THR G 12 -14.51 34.07 9.67
N ALA G 13 -13.77 34.53 8.66
CA ALA G 13 -13.71 35.94 8.32
C ALA G 13 -13.76 36.11 6.80
N THR G 14 -13.91 37.34 6.33
CA THR G 14 -14.06 37.62 4.90
C THR G 14 -12.72 37.99 4.27
N GLU G 15 -12.52 37.55 3.02
CA GLU G 15 -11.38 37.95 2.20
C GLU G 15 -11.15 39.46 2.27
N GLY G 16 -9.89 39.87 2.43
CA GLY G 16 -9.53 41.27 2.53
C GLY G 16 -9.58 41.85 3.94
N ALA G 17 -10.24 41.18 4.87
CA ALA G 17 -10.41 41.72 6.21
C ALA G 17 -9.22 41.32 7.10
N ILE G 18 -9.39 41.48 8.39
CA ILE G 18 -8.36 41.22 9.40
C ILE G 18 -8.96 40.19 10.36
N VAL G 19 -8.14 39.27 10.87
CA VAL G 19 -8.61 38.34 11.89
C VAL G 19 -7.53 38.18 12.94
N GLN G 20 -7.93 38.03 14.19
CA GLN G 20 -7.00 37.88 15.29
C GLN G 20 -7.26 36.53 15.94
N ILE G 21 -6.25 35.65 15.94
CA ILE G 21 -6.39 34.32 16.52
C ILE G 21 -5.70 34.32 17.89
N ASN G 22 -6.47 34.03 18.94
CA ASN G 22 -6.01 34.12 20.32
C ASN G 22 -5.53 32.78 20.83
N CYS G 23 -4.56 32.85 21.74
CA CYS G 23 -3.99 31.66 22.36
C CYS G 23 -3.67 32.02 23.80
N THR G 24 -4.24 31.27 24.74
CA THR G 24 -3.93 31.47 26.15
CA THR G 24 -4.00 31.45 26.16
C THR G 24 -3.30 30.20 26.68
N TYR G 25 -2.38 30.37 27.64
CA TYR G 25 -1.61 29.23 28.11
C TYR G 25 -1.33 29.35 29.61
N GLN G 26 -1.28 28.20 30.28
CA GLN G 26 -0.79 28.08 31.64
C GLN G 26 0.21 26.95 31.64
N THR G 27 1.47 27.27 31.93
CA THR G 27 2.53 26.28 31.81
C THR G 27 3.43 26.38 33.03
N SER G 28 4.24 25.35 33.23
CA SER G 28 5.26 25.36 34.27
C SER G 28 6.49 26.01 33.65
N GLY G 29 6.55 27.32 33.75
CA GLY G 29 7.66 28.07 33.19
C GLY G 29 7.43 28.39 31.72
N PHE G 30 8.30 29.24 31.18
CA PHE G 30 8.04 29.76 29.84
C PHE G 30 9.36 30.05 29.14
N ASN G 31 9.54 29.43 27.98
CA ASN G 31 10.72 29.63 27.15
C ASN G 31 10.35 30.03 25.72
N GLY G 32 9.12 30.47 25.50
CA GLY G 32 8.72 31.04 24.22
C GLY G 32 7.45 30.43 23.69
N LEU G 33 6.79 31.16 22.79
CA LEU G 33 5.52 30.76 22.20
C LEU G 33 5.66 30.81 20.69
N PHE G 34 5.29 29.70 20.05
CA PHE G 34 5.37 29.51 18.61
C PHE G 34 3.99 29.48 17.98
N TRP G 35 3.87 30.00 16.76
CA TRP G 35 2.69 29.80 15.93
C TRP G 35 3.13 29.04 14.69
N TYR G 36 2.34 28.03 14.30
CA TYR G 36 2.57 27.28 13.08
C TYR G 36 1.32 27.32 12.21
N GLN G 37 1.51 27.26 10.91
CA GLN G 37 0.41 27.18 9.96
C GLN G 37 0.36 25.74 9.43
N GLN G 38 -0.85 25.19 9.29
CA GLN G 38 -0.99 23.83 8.74
C GLN G 38 -2.17 23.82 7.77
N HIS G 39 -1.86 23.82 6.49
CA HIS G 39 -2.89 23.62 5.49
C HIS G 39 -3.44 22.21 5.59
N ALA G 40 -4.73 22.06 5.23
CA ALA G 40 -5.40 20.78 5.38
C ALA G 40 -4.65 19.71 4.59
N GLY G 41 -4.39 18.59 5.25
CA GLY G 41 -3.66 17.51 4.60
C GLY G 41 -2.17 17.72 4.46
N GLU G 42 -1.61 18.79 5.03
CA GLU G 42 -0.21 19.15 4.84
C GLU G 42 0.49 19.22 6.19
N ALA G 43 1.79 19.47 6.13
CA ALA G 43 2.66 19.58 7.30
C ALA G 43 2.53 20.97 7.92
N PRO G 44 2.62 21.06 9.23
CA PRO G 44 2.74 22.37 9.87
C PRO G 44 4.04 23.03 9.45
N THR G 45 3.99 24.35 9.25
CA THR G 45 5.20 25.13 9.01
C THR G 45 5.27 26.30 9.98
N PHE G 46 6.49 26.64 10.35
CA PHE G 46 6.75 27.68 11.35
C PHE G 46 6.31 29.05 10.84
N LEU G 47 5.58 29.79 11.70
CA LEU G 47 5.19 31.17 11.40
C LEU G 47 5.94 32.20 12.25
N SER G 48 6.01 32.00 13.57
CA SER G 48 6.50 33.06 14.43
C SER G 48 6.93 32.50 15.78
N TYR G 49 7.78 33.27 16.46
CA TYR G 49 8.23 32.98 17.81
C TYR G 49 8.27 34.28 18.60
N ASN G 50 7.67 34.27 19.79
CA ASN G 50 7.75 35.40 20.71
C ASN G 50 8.25 34.87 22.05
N VAL G 51 9.05 35.68 22.77
CA VAL G 51 9.44 35.25 24.11
C VAL G 51 9.42 36.45 25.07
N LEU G 52 9.70 37.64 24.57
CA LEU G 52 9.49 38.86 25.34
C LEU G 52 8.17 39.50 24.95
N ASP G 53 7.72 40.44 25.78
CA ASP G 53 6.41 41.05 25.57
C ASP G 53 6.42 41.97 24.35
N GLY G 54 5.30 42.04 23.65
CA GLY G 54 5.15 42.99 22.57
C GLY G 54 4.74 42.36 21.27
N LEU G 55 4.79 43.16 20.21
CA LEU G 55 4.30 42.81 18.89
C LEU G 55 5.47 42.66 17.91
N GLU G 56 5.43 41.60 17.11
CA GLU G 56 6.42 41.37 16.06
C GLU G 56 5.73 41.17 14.72
N GLU G 57 6.27 41.76 13.65
CA GLU G 57 5.62 41.72 12.33
CA GLU G 57 5.61 41.72 12.33
C GLU G 57 6.46 40.94 11.34
N LYS G 58 5.77 40.15 10.48
CA LYS G 58 6.40 39.34 9.43
C LYS G 58 5.46 39.32 8.22
N GLY G 59 5.64 40.27 7.31
CA GLY G 59 4.77 40.34 6.15
C GLY G 59 3.37 40.73 6.59
N ARG G 60 2.35 39.98 6.15
CA ARG G 60 0.97 40.27 6.52
C ARG G 60 0.58 39.72 7.89
N PHE G 61 1.49 39.03 8.56
CA PHE G 61 1.20 38.41 9.84
C PHE G 61 1.96 39.15 10.93
N SER G 62 1.32 39.36 12.06
CA SER G 62 2.04 39.80 13.25
CA SER G 62 1.99 39.83 13.26
C SER G 62 1.66 38.90 14.41
N SER G 63 2.58 38.79 15.36
CA SER G 63 2.37 37.97 16.55
CA SER G 63 2.38 37.97 16.56
C SER G 63 2.67 38.80 17.79
N PHE G 64 1.76 38.75 18.75
CA PHE G 64 1.79 39.50 20.00
C PHE G 64 1.91 38.55 21.18
N LEU G 65 2.68 38.95 22.20
CA LEU G 65 2.79 38.18 23.43
C LEU G 65 2.66 39.07 24.67
N SER G 66 1.88 38.61 25.65
CA SER G 66 1.91 39.16 27.00
C SER G 66 2.23 38.05 27.99
N ARG G 67 3.45 38.03 28.52
CA ARG G 67 3.82 36.97 29.46
C ARG G 67 3.02 37.05 30.75
N SER G 68 2.73 38.27 31.23
CA SER G 68 2.00 38.38 32.49
C SER G 68 0.57 37.86 32.35
N LYS G 69 -0.04 38.06 31.18
CA LYS G 69 -1.40 37.56 30.96
C LYS G 69 -1.42 36.13 30.44
N GLY G 70 -0.27 35.59 30.02
CA GLY G 70 -0.23 34.25 29.46
C GLY G 70 -1.08 34.21 28.20
N TYR G 71 -0.83 35.15 27.28
CA TYR G 71 -1.71 35.41 26.17
C TYR G 71 -0.89 35.79 24.95
N SER G 72 -1.29 35.24 23.80
CA SER G 72 -0.70 35.60 22.52
C SER G 72 -1.84 35.71 21.51
N TYR G 73 -1.65 36.53 20.49
CA TYR G 73 -2.51 36.44 19.32
C TYR G 73 -1.66 36.47 18.07
N LEU G 74 -2.19 35.83 17.03
CA LEU G 74 -1.64 35.88 15.69
C LEU G 74 -2.59 36.73 14.87
N LEU G 75 -2.07 37.79 14.26
CA LEU G 75 -2.87 38.77 13.54
C LEU G 75 -2.62 38.60 12.05
N LEU G 76 -3.68 38.30 11.29
CA LEU G 76 -3.59 38.17 9.83
C LEU G 76 -4.34 39.32 9.18
N LYS G 77 -3.65 40.15 8.40
CA LYS G 77 -4.32 41.26 7.75
C LYS G 77 -4.43 40.98 6.24
N GLU G 78 -5.34 41.70 5.60
CA GLU G 78 -5.58 41.56 4.16
C GLU G 78 -5.71 40.08 3.79
N LEU G 79 -6.68 39.44 4.44
CA LEU G 79 -6.87 38.01 4.28
C LEU G 79 -7.02 37.63 2.82
N GLN G 80 -6.35 36.55 2.44
CA GLN G 80 -6.48 35.94 1.13
C GLN G 80 -7.00 34.53 1.31
N MET G 81 -7.55 33.97 0.23
CA MET G 81 -8.04 32.59 0.27
C MET G 81 -6.95 31.62 0.68
N LYS G 82 -5.70 31.91 0.33
CA LYS G 82 -4.59 31.03 0.68
C LYS G 82 -4.33 30.96 2.18
N ASP G 83 -4.91 31.87 2.96
CA ASP G 83 -4.77 31.85 4.42
C ASP G 83 -5.70 30.84 5.09
N SER G 84 -6.64 30.24 4.36
CA SER G 84 -7.48 29.17 4.92
CA SER G 84 -7.47 29.18 4.92
C SER G 84 -6.59 28.01 5.33
N ALA G 85 -6.57 27.69 6.62
CA ALA G 85 -5.66 26.70 7.18
C ALA G 85 -5.97 26.60 8.65
N SER G 86 -5.31 25.69 9.32
CA SER G 86 -5.33 25.67 10.77
C SER G 86 -4.10 26.37 11.30
N TYR G 87 -4.25 27.03 12.43
CA TYR G 87 -3.13 27.76 13.05
C TYR G 87 -2.91 27.19 14.44
N LEU G 88 -1.70 26.71 14.70
CA LEU G 88 -1.37 26.01 15.93
C LEU G 88 -0.47 26.88 16.79
N CYS G 89 -0.82 27.03 18.04
CA CYS G 89 0.00 27.71 19.02
CA CYS G 89 0.07 27.70 18.97
C CYS G 89 0.69 26.67 19.89
N ALA G 90 1.96 26.89 20.22
CA ALA G 90 2.73 25.98 21.06
C ALA G 90 3.69 26.75 21.95
N VAL G 91 3.85 26.27 23.18
CA VAL G 91 4.64 26.93 24.20
C VAL G 91 5.70 25.96 24.70
N LYS G 92 6.96 26.42 24.76
CA LYS G 92 8.02 25.67 25.44
C LYS G 92 7.98 25.98 26.93
N ASP G 93 7.96 24.94 27.76
CA ASP G 93 7.90 25.11 29.21
C ASP G 93 9.31 25.11 29.82
N SER G 94 9.39 25.02 31.16
CA SER G 94 10.67 25.17 31.86
CA SER G 94 10.67 25.18 31.84
C SER G 94 11.65 24.05 31.52
N ASN G 95 11.14 22.89 31.10
CA ASN G 95 12.00 21.78 30.74
C ASN G 95 12.16 21.69 29.22
N TYR G 96 11.81 22.76 28.50
CA TYR G 96 11.96 22.86 27.05
C TYR G 96 11.04 21.90 26.30
N GLN G 97 9.96 21.48 26.94
CA GLN G 97 8.97 20.65 26.28
CA GLN G 97 8.95 20.64 26.31
C GLN G 97 7.92 21.53 25.61
N LEU G 98 7.57 21.18 24.38
CA LEU G 98 6.55 21.92 23.64
C LEU G 98 5.18 21.41 24.03
N ILE G 99 4.32 22.30 24.51
CA ILE G 99 2.91 21.99 24.74
C ILE G 99 2.13 22.56 23.57
N TRP G 100 1.31 21.74 22.90
CA TRP G 100 0.63 22.13 21.66
C TRP G 100 -0.84 22.44 21.89
N GLY G 101 -1.30 23.61 21.43
CA GLY G 101 -2.72 23.85 21.31
C GLY G 101 -3.37 22.95 20.27
N ALA G 102 -4.69 22.81 20.37
CA ALA G 102 -5.44 21.96 19.45
C ALA G 102 -5.63 22.59 18.08
N GLY G 103 -5.32 23.88 17.93
CA GLY G 103 -5.40 24.49 16.61
C GLY G 103 -6.70 25.22 16.38
N THR G 104 -6.62 26.30 15.61
CA THR G 104 -7.79 27.05 15.16
C THR G 104 -7.90 26.91 13.65
N LYS G 105 -9.04 26.42 13.18
CA LYS G 105 -9.29 26.34 11.75
C LYS G 105 -9.83 27.67 11.26
N LEU G 106 -9.10 28.31 10.36
CA LEU G 106 -9.49 29.60 9.80
C LEU G 106 -10.17 29.36 8.45
N ILE G 107 -11.43 29.75 8.35
CA ILE G 107 -12.20 29.68 7.11
C ILE G 107 -12.34 31.09 6.56
N ILE G 108 -12.09 31.26 5.27
CA ILE G 108 -12.13 32.58 4.63
C ILE G 108 -13.25 32.59 3.62
N LYS G 109 -14.13 33.59 3.72
CA LYS G 109 -15.22 33.76 2.76
CA LYS G 109 -15.21 33.75 2.77
C LYS G 109 -14.74 34.62 1.60
N PRO G 110 -14.84 34.14 0.35
CA PRO G 110 -14.44 35.00 -0.78
C PRO G 110 -15.40 36.15 -0.93
N ASP G 111 -14.92 37.22 -1.56
CA ASP G 111 -15.77 38.35 -1.87
C ASP G 111 -16.35 38.11 -3.26
N ILE G 112 -17.63 37.75 -3.33
CA ILE G 112 -18.27 37.50 -4.61
C ILE G 112 -18.86 38.81 -5.11
N GLN G 113 -18.28 39.34 -6.19
CA GLN G 113 -18.68 40.70 -6.59
C GLN G 113 -19.93 40.70 -7.46
N ASN G 114 -20.19 39.63 -8.20
CA ASN G 114 -21.37 39.53 -9.06
C ASN G 114 -22.06 38.19 -8.84
N PRO G 115 -22.76 38.02 -7.72
CA PRO G 115 -23.40 36.72 -7.43
C PRO G 115 -24.52 36.40 -8.39
N ASP G 116 -24.57 35.14 -8.80
CA ASP G 116 -25.52 34.66 -9.80
C ASP G 116 -26.05 33.29 -9.38
N PRO G 117 -26.71 33.19 -8.22
CA PRO G 117 -27.05 31.88 -7.66
C PRO G 117 -27.91 31.05 -8.61
N ALA G 118 -27.56 29.76 -8.72
CA ALA G 118 -28.30 28.89 -9.62
C ALA G 118 -28.08 27.45 -9.20
N VAL G 119 -29.07 26.60 -9.47
CA VAL G 119 -28.95 25.16 -9.30
C VAL G 119 -29.03 24.52 -10.69
N TYR G 120 -27.97 23.83 -11.10
CA TYR G 120 -27.89 23.23 -12.42
C TYR G 120 -27.92 21.71 -12.34
N GLN G 121 -28.62 21.08 -13.27
CA GLN G 121 -28.57 19.62 -13.42
C GLN G 121 -27.42 19.24 -14.35
N LEU G 122 -26.46 18.48 -13.85
CA LEU G 122 -25.39 18.05 -14.73
CA LEU G 122 -25.37 18.01 -14.70
C LEU G 122 -25.84 16.86 -15.59
N ARG G 123 -25.13 16.65 -16.69
CA ARG G 123 -25.49 15.56 -17.59
C ARG G 123 -25.20 14.22 -16.94
N ASP G 124 -26.11 13.26 -17.13
CA ASP G 124 -25.89 11.92 -16.60
C ASP G 124 -24.64 11.30 -17.21
N SER G 125 -24.01 10.41 -16.44
CA SER G 125 -22.93 9.58 -16.96
C SER G 125 -23.49 8.21 -17.31
N LYS G 126 -23.12 7.68 -18.49
CA LYS G 126 -23.63 6.35 -18.81
C LYS G 126 -23.07 5.29 -17.87
N SER G 127 -22.04 5.61 -17.08
CA SER G 127 -21.43 4.66 -16.18
C SER G 127 -21.90 4.81 -14.73
N SER G 128 -22.94 5.60 -14.49
CA SER G 128 -23.38 5.81 -13.12
C SER G 128 -24.89 5.99 -13.10
N ASP G 129 -25.51 5.49 -12.04
CA ASP G 129 -26.94 5.67 -11.81
C ASP G 129 -27.28 6.96 -11.08
N LYS G 130 -26.29 7.81 -10.79
CA LYS G 130 -26.51 9.02 -10.00
C LYS G 130 -27.05 10.17 -10.83
N SER G 131 -27.90 10.97 -10.22
CA SER G 131 -28.27 12.28 -10.74
CA SER G 131 -28.28 12.28 -10.73
C SER G 131 -27.53 13.31 -9.90
N VAL G 132 -26.91 14.29 -10.56
CA VAL G 132 -26.00 15.23 -9.90
C VAL G 132 -26.47 16.66 -10.17
N CYS G 133 -26.58 17.45 -9.10
CA CYS G 133 -27.02 18.84 -9.16
C CYS G 133 -25.93 19.72 -8.58
N LEU G 134 -25.73 20.89 -9.18
CA LEU G 134 -24.69 21.81 -8.75
C LEU G 134 -25.32 23.14 -8.34
N PHE G 135 -25.21 23.49 -7.05
CA PHE G 135 -25.58 24.81 -6.56
C PHE G 135 -24.34 25.68 -6.62
N THR G 136 -24.37 26.77 -7.42
CA THR G 136 -23.16 27.52 -7.69
C THR G 136 -23.46 29.02 -7.77
N ASP G 137 -22.38 29.80 -7.66
CA ASP G 137 -22.32 31.24 -7.92
C ASP G 137 -23.09 32.08 -6.90
N PHE G 138 -23.38 31.52 -5.74
CA PHE G 138 -24.03 32.24 -4.66
C PHE G 138 -23.01 33.03 -3.83
N ASP G 139 -23.48 34.09 -3.19
CA ASP G 139 -22.56 34.87 -2.37
C ASP G 139 -22.23 34.10 -1.07
N SER G 140 -21.17 34.55 -0.40
CA SER G 140 -20.58 33.75 0.66
C SER G 140 -21.39 33.71 1.95
N GLN G 141 -22.44 34.52 2.08
CA GLN G 141 -23.31 34.44 3.25
C GLN G 141 -24.21 33.21 3.22
N THR G 142 -24.38 32.59 2.06
CA THR G 142 -25.20 31.40 1.96
C THR G 142 -24.52 30.21 2.64
N ASN G 143 -25.30 29.45 3.39
CA ASN G 143 -24.85 28.23 4.04
C ASN G 143 -25.56 27.04 3.42
N VAL G 144 -24.81 25.98 3.16
CA VAL G 144 -25.35 24.77 2.57
C VAL G 144 -25.53 23.73 3.67
N SER G 145 -26.78 23.34 3.92
CA SER G 145 -27.04 22.34 4.95
C SER G 145 -26.86 20.93 4.40
N GLN G 146 -26.51 20.02 5.30
CA GLN G 146 -26.42 18.63 4.92
CA GLN G 146 -26.41 18.62 4.91
C GLN G 146 -27.81 18.09 4.54
N SER G 147 -27.81 16.92 3.92
CA SER G 147 -29.07 16.31 3.50
C SER G 147 -29.91 15.89 4.70
N LYS G 148 -31.23 16.05 4.55
CA LYS G 148 -32.18 15.47 5.48
C LYS G 148 -32.55 14.04 5.11
N ASP G 149 -32.13 13.58 3.93
CA ASP G 149 -32.51 12.29 3.37
C ASP G 149 -31.26 11.43 3.27
N SER G 150 -31.34 10.21 3.77
CA SER G 150 -30.14 9.39 3.88
C SER G 150 -29.69 8.82 2.53
N ASP G 151 -30.54 8.83 1.51
CA ASP G 151 -30.13 8.42 0.17
C ASP G 151 -29.75 9.63 -0.71
N VAL G 152 -29.57 10.81 -0.12
CA VAL G 152 -29.19 12.03 -0.82
C VAL G 152 -27.93 12.58 -0.16
N TYR G 153 -26.96 12.96 -0.97
CA TYR G 153 -25.64 13.35 -0.48
C TYR G 153 -25.37 14.78 -0.92
N ILE G 154 -24.93 15.62 0.01
CA ILE G 154 -24.66 17.03 -0.26
C ILE G 154 -23.30 17.38 0.35
N THR G 155 -22.40 17.90 -0.47
CA THR G 155 -21.12 18.37 0.02
C THR G 155 -21.24 19.76 0.60
N ASP G 156 -20.23 20.16 1.35
CA ASP G 156 -20.22 21.53 1.82
C ASP G 156 -19.74 22.44 0.67
N LYS G 157 -19.85 23.74 0.88
CA LYS G 157 -19.47 24.66 -0.18
C LYS G 157 -17.95 24.68 -0.32
N CYS G 158 -17.51 24.97 -1.54
CA CYS G 158 -16.12 24.90 -1.99
C CYS G 158 -15.87 26.15 -2.83
N VAL G 159 -14.70 26.76 -2.70
CA VAL G 159 -14.38 27.98 -3.45
C VAL G 159 -13.42 27.58 -4.55
N LEU G 160 -13.76 27.87 -5.80
CA LEU G 160 -12.83 27.60 -6.88
C LEU G 160 -12.36 28.91 -7.48
N ASP G 161 -11.11 28.95 -7.91
CA ASP G 161 -10.49 30.17 -8.44
C ASP G 161 -10.16 29.95 -9.92
N MET G 162 -10.84 30.67 -10.79
CA MET G 162 -10.49 30.65 -12.21
C MET G 162 -9.47 31.77 -12.41
N ARG G 163 -8.20 31.40 -12.39
CA ARG G 163 -7.13 32.39 -12.21
C ARG G 163 -7.05 33.34 -13.41
N SER G 164 -7.05 32.79 -14.63
CA SER G 164 -6.90 33.64 -15.79
C SER G 164 -8.02 34.67 -15.93
N MET G 165 -9.19 34.40 -15.32
CA MET G 165 -10.31 35.32 -15.31
CA MET G 165 -10.27 35.36 -15.34
C MET G 165 -10.41 36.13 -14.03
N ASP G 166 -9.55 35.86 -13.06
CA ASP G 166 -9.64 36.44 -11.71
C ASP G 166 -11.07 36.35 -11.19
N PHE G 167 -11.60 35.13 -11.19
CA PHE G 167 -13.00 34.88 -10.91
C PHE G 167 -13.11 33.76 -9.89
N LYS G 168 -13.79 34.01 -8.77
CA LYS G 168 -14.01 32.97 -7.76
C LYS G 168 -15.49 32.70 -7.63
N SER G 169 -15.84 31.44 -7.37
CA SER G 169 -17.23 31.10 -7.16
C SER G 169 -17.33 30.05 -6.08
N ASN G 170 -18.42 30.10 -5.32
CA ASN G 170 -18.79 29.08 -4.36
C ASN G 170 -19.60 28.00 -5.08
N SER G 171 -19.46 26.75 -4.64
CA SER G 171 -20.38 25.73 -5.14
C SER G 171 -20.53 24.60 -4.13
N ALA G 172 -21.66 23.91 -4.23
CA ALA G 172 -21.97 22.71 -3.48
C ALA G 172 -22.56 21.71 -4.46
N VAL G 173 -22.31 20.43 -4.21
CA VAL G 173 -22.83 19.36 -5.08
C VAL G 173 -23.83 18.54 -4.30
N ALA G 174 -24.93 18.13 -4.95
CA ALA G 174 -25.89 17.17 -4.41
C ALA G 174 -26.11 16.04 -5.40
N TRP G 175 -26.20 14.80 -4.89
CA TRP G 175 -26.48 13.67 -5.77
C TRP G 175 -27.30 12.60 -5.06
N SER G 176 -27.92 11.75 -5.87
CA SER G 176 -28.71 10.63 -5.36
C SER G 176 -29.03 9.70 -6.52
N ASN G 177 -29.38 8.47 -6.20
CA ASN G 177 -29.91 7.57 -7.22
C ASN G 177 -31.41 7.32 -7.05
N LYS G 178 -32.07 8.02 -6.13
CA LYS G 178 -33.51 7.90 -5.95
C LYS G 178 -34.27 8.47 -7.16
N SER G 179 -35.40 7.83 -7.49
CA SER G 179 -36.17 8.26 -8.66
C SER G 179 -36.88 9.58 -8.43
N ASP G 180 -37.18 9.94 -7.18
CA ASP G 180 -37.88 11.17 -6.87
C ASP G 180 -36.94 12.33 -6.56
N PHE G 181 -35.65 12.18 -6.82
CA PHE G 181 -34.69 13.25 -6.59
C PHE G 181 -34.71 14.21 -7.77
N ALA G 182 -34.73 15.50 -7.49
CA ALA G 182 -34.70 16.49 -8.55
C ALA G 182 -33.93 17.71 -8.06
N CYS G 183 -33.22 18.36 -8.99
CA CYS G 183 -32.50 19.56 -8.63
C CYS G 183 -33.41 20.65 -8.05
N ALA G 184 -34.70 20.65 -8.40
CA ALA G 184 -35.60 21.64 -7.82
C ALA G 184 -35.83 21.42 -6.32
N ASN G 185 -35.62 20.20 -5.81
CA ASN G 185 -35.75 19.92 -4.39
C ASN G 185 -34.42 19.57 -3.71
N ALA G 186 -33.32 19.42 -4.47
CA ALA G 186 -32.07 18.93 -3.89
C ALA G 186 -31.68 19.72 -2.65
N PHE G 187 -31.77 21.04 -2.70
CA PHE G 187 -31.28 21.88 -1.62
C PHE G 187 -32.41 22.48 -0.77
N ASN G 188 -33.55 21.79 -0.70
CA ASN G 188 -34.70 22.26 0.07
C ASN G 188 -34.39 22.43 1.55
N ASN G 189 -33.39 21.73 2.09
CA ASN G 189 -33.06 21.88 3.50
C ASN G 189 -32.14 23.08 3.78
N SER G 190 -31.71 23.80 2.74
CA SER G 190 -30.89 24.98 2.92
C SER G 190 -31.73 26.23 2.73
N ILE G 191 -31.24 27.35 3.28
CA ILE G 191 -31.80 28.66 3.00
C ILE G 191 -31.01 29.25 1.82
N ILE G 192 -31.65 29.31 0.66
CA ILE G 192 -30.94 29.71 -0.55
C ILE G 192 -31.51 31.04 -1.02
N PRO G 193 -30.77 31.81 -1.81
CA PRO G 193 -31.28 33.14 -2.21
C PRO G 193 -32.61 33.05 -2.93
N GLU G 194 -33.47 34.02 -2.63
CA GLU G 194 -34.78 34.10 -3.27
C GLU G 194 -34.67 34.10 -4.79
N ASP G 195 -33.62 34.71 -5.33
CA ASP G 195 -33.43 34.87 -6.76
C ASP G 195 -32.62 33.74 -7.39
N THR G 196 -32.47 32.61 -6.70
CA THR G 196 -31.74 31.48 -7.28
C THR G 196 -32.41 31.04 -8.59
N PHE G 197 -31.61 30.92 -9.64
CA PHE G 197 -32.07 30.53 -10.97
C PHE G 197 -32.19 29.01 -11.05
N PHE G 198 -33.42 28.52 -11.31
CA PHE G 198 -33.65 27.10 -11.60
C PHE G 198 -34.04 26.93 -13.06
N PRO G 199 -33.13 26.53 -13.95
CA PRO G 199 -33.51 26.37 -15.37
C PRO G 199 -34.54 25.27 -15.54
N SER G 200 -35.42 25.46 -16.52
CA SER G 200 -36.51 24.50 -16.73
C SER G 200 -35.97 23.18 -17.26
N PRO G 201 -36.50 22.04 -16.77
CA PRO G 201 -36.13 20.69 -17.22
C PRO G 201 -36.70 20.33 -18.60
N ALA H 3 16.17 18.50 0.58
CA ALA H 3 14.79 18.02 0.55
C ALA H 3 14.04 18.34 1.86
N GLY H 4 14.78 18.64 2.91
CA GLY H 4 14.17 18.87 4.22
C GLY H 4 13.95 17.55 4.93
N VAL H 5 12.72 17.30 5.37
CA VAL H 5 12.36 16.11 6.11
C VAL H 5 11.54 15.21 5.18
N THR H 6 11.98 13.96 5.00
CA THR H 6 11.30 13.00 4.14
CA THR H 6 11.26 13.02 4.14
C THR H 6 10.86 11.80 4.97
N GLN H 7 9.56 11.58 5.06
CA GLN H 7 9.05 10.44 5.79
C GLN H 7 8.19 9.60 4.85
N THR H 8 8.17 8.30 5.09
CA THR H 8 7.37 7.36 4.31
C THR H 8 6.78 6.33 5.25
N PRO H 9 5.65 5.69 4.86
CA PRO H 9 4.86 5.95 3.65
C PRO H 9 3.83 7.02 3.90
N LYS H 10 3.29 7.60 2.82
CA LYS H 10 2.27 8.63 2.98
C LYS H 10 0.98 8.05 3.54
N PHE H 11 0.64 6.79 3.18
CA PHE H 11 -0.60 6.15 3.58
C PHE H 11 -0.33 4.68 3.91
N GLN H 12 -1.04 4.14 4.89
CA GLN H 12 -0.92 2.71 5.20
C GLN H 12 -2.18 2.19 5.88
N VAL H 13 -2.69 1.06 5.38
CA VAL H 13 -3.75 0.31 6.05
C VAL H 13 -3.09 -0.90 6.73
N LEU H 14 -3.54 -1.20 7.96
CA LEU H 14 -2.97 -2.25 8.78
C LEU H 14 -4.08 -3.05 9.44
N LYS H 15 -3.87 -4.36 9.54
CA LYS H 15 -4.73 -5.18 10.37
C LYS H 15 -4.20 -5.17 11.80
N THR H 16 -5.11 -5.24 12.76
CA THR H 16 -4.72 -5.35 14.16
C THR H 16 -3.68 -6.45 14.34
N GLY H 17 -2.60 -6.14 15.06
CA GLY H 17 -1.53 -7.08 15.30
C GLY H 17 -0.40 -7.05 14.28
N GLN H 18 -0.62 -6.44 13.12
CA GLN H 18 0.42 -6.32 12.11
C GLN H 18 1.51 -5.35 12.59
N SER H 19 2.72 -5.52 12.06
CA SER H 19 3.85 -4.64 12.34
C SER H 19 4.01 -3.59 11.25
N MET H 20 4.65 -2.48 11.61
CA MET H 20 4.86 -1.40 10.66
C MET H 20 6.03 -0.53 11.11
N THR H 21 6.88 -0.12 10.18
CA THR H 21 7.95 0.83 10.46
C THR H 21 7.73 2.06 9.59
N LEU H 22 7.69 3.23 10.21
CA LEU H 22 7.66 4.49 9.47
C LEU H 22 9.10 5.00 9.37
N GLN H 23 9.49 5.47 8.20
CA GLN H 23 10.85 5.95 7.99
C GLN H 23 10.84 7.48 8.04
N CYS H 24 11.95 8.05 8.52
CA CYS H 24 12.13 9.49 8.44
C CYS H 24 13.60 9.81 8.31
N ALA H 25 13.94 10.63 7.33
CA ALA H 25 15.29 11.14 7.16
C ALA H 25 15.24 12.65 7.01
N GLN H 26 16.25 13.34 7.50
CA GLN H 26 16.40 14.77 7.29
C GLN H 26 17.80 15.05 6.76
N ASP H 27 17.90 15.92 5.77
CA ASP H 27 19.19 16.27 5.18
C ASP H 27 19.60 17.70 5.51
N MET H 28 19.17 18.21 6.66
CA MET H 28 19.46 19.57 7.09
CA MET H 28 19.47 19.57 7.09
C MET H 28 20.57 19.63 8.14
N ASN H 29 21.22 18.50 8.44
CA ASN H 29 22.27 18.39 9.45
C ASN H 29 21.76 18.80 10.83
N HIS H 30 20.48 18.52 11.08
CA HIS H 30 19.87 18.72 12.37
C HIS H 30 20.29 17.64 13.35
N ASN H 31 20.29 18.01 14.62
CA ASN H 31 20.67 17.06 15.67
C ASN H 31 19.48 16.41 16.35
N SER H 32 18.34 17.09 16.41
CA SER H 32 17.18 16.62 17.17
C SER H 32 16.08 16.16 16.24
N MET H 33 15.50 15.00 16.54
CA MET H 33 14.38 14.48 15.74
C MET H 33 13.26 14.00 16.66
N TYR H 34 12.05 13.94 16.10
CA TYR H 34 10.81 13.81 16.85
C TYR H 34 9.80 12.99 16.05
N TRP H 35 8.97 12.23 16.75
CA TRP H 35 7.79 11.60 16.14
C TRP H 35 6.55 12.02 16.92
N TYR H 36 5.59 12.61 16.21
CA TYR H 36 4.35 13.11 16.78
C TYR H 36 3.18 12.33 16.21
N ARG H 37 2.08 12.25 16.95
CA ARG H 37 0.82 11.89 16.30
C ARG H 37 -0.15 13.05 16.41
N GLN H 38 -1.01 13.20 15.40
CA GLN H 38 -2.03 14.25 15.37
C GLN H 38 -3.40 13.58 15.27
N ASP H 39 -4.28 13.94 16.19
CA ASP H 39 -5.62 13.37 16.28
C ASP H 39 -6.62 14.51 16.38
N PRO H 40 -7.83 14.33 15.87
CA PRO H 40 -8.80 15.44 15.87
C PRO H 40 -9.14 15.86 17.29
N GLY H 41 -9.29 17.16 17.49
CA GLY H 41 -9.71 17.66 18.79
C GLY H 41 -8.61 17.81 19.82
N MET H 42 -7.36 17.58 19.47
CA MET H 42 -6.31 17.71 20.46
C MET H 42 -5.04 18.20 19.78
N GLY H 43 -4.15 18.77 20.58
CA GLY H 43 -2.86 19.13 20.05
C GLY H 43 -1.98 17.92 19.80
N LEU H 44 -0.95 18.16 19.00
CA LEU H 44 0.09 17.19 18.71
C LEU H 44 0.63 16.56 19.98
N ARG H 45 0.77 15.23 19.97
CA ARG H 45 1.33 14.54 21.11
C ARG H 45 2.64 13.86 20.70
N LEU H 46 3.68 14.09 21.48
CA LEU H 46 4.99 13.54 21.17
C LEU H 46 5.03 12.07 21.56
N ILE H 47 5.51 11.22 20.64
CA ILE H 47 5.59 9.77 20.89
C ILE H 47 6.96 9.42 21.47
N TYR H 48 8.02 9.68 20.70
CA TYR H 48 9.41 9.56 21.14
C TYR H 48 10.20 10.69 20.49
N TYR H 49 11.36 10.98 21.05
CA TYR H 49 12.25 11.98 20.45
C TYR H 49 13.69 11.55 20.62
N SER H 50 14.57 12.24 19.90
CA SER H 50 16.00 11.92 19.87
C SER H 50 16.73 13.26 19.92
N ALA H 51 17.22 13.62 21.11
CA ALA H 51 17.73 14.97 21.29
C ALA H 51 19.04 15.18 20.54
N SER H 52 19.73 14.09 20.22
CA SER H 52 21.02 14.10 19.57
C SER H 52 21.25 12.70 19.01
N GLU H 53 22.13 12.61 18.01
CA GLU H 53 22.57 11.29 17.58
C GLU H 53 23.02 10.48 18.80
N GLY H 54 22.63 9.20 18.83
CA GLY H 54 23.01 8.31 19.91
C GLY H 54 22.18 8.38 21.17
N THR H 55 21.05 9.07 21.17
CA THR H 55 20.17 9.02 22.33
C THR H 55 18.73 9.18 21.88
N THR H 56 17.82 8.54 22.61
CA THR H 56 16.39 8.63 22.37
C THR H 56 15.69 8.57 23.72
N ASP H 57 14.44 9.00 23.76
CA ASP H 57 13.67 8.89 24.98
C ASP H 57 12.19 9.00 24.67
N LYS H 58 11.38 8.47 25.58
CA LYS H 58 9.93 8.51 25.48
C LYS H 58 9.41 9.95 25.51
N GLY H 59 8.32 10.18 24.78
CA GLY H 59 7.52 11.39 24.88
C GLY H 59 6.32 11.17 25.78
N GLU H 60 5.18 11.76 25.40
CA GLU H 60 3.96 11.67 26.18
C GLU H 60 3.18 10.38 25.93
N VAL H 61 3.23 9.82 24.73
CA VAL H 61 2.45 8.61 24.43
C VAL H 61 3.34 7.55 23.79
N PRO H 62 4.31 7.01 24.52
CA PRO H 62 5.22 6.01 23.94
C PRO H 62 4.68 4.58 23.89
N ASN H 63 3.57 4.27 24.55
CA ASN H 63 3.14 2.87 24.64
C ASN H 63 2.57 2.38 23.30
N GLY H 64 3.07 1.22 22.85
CA GLY H 64 2.74 0.71 21.53
C GLY H 64 3.74 1.04 20.44
N TYR H 65 4.78 1.82 20.76
CA TYR H 65 5.74 2.28 19.77
C TYR H 65 7.15 2.01 20.27
N ASN H 66 8.09 1.97 19.33
CA ASN H 66 9.50 2.10 19.66
C ASN H 66 10.17 2.88 18.53
N VAL H 67 11.38 3.36 18.79
CA VAL H 67 12.10 4.17 17.80
C VAL H 67 13.55 3.72 17.70
N SER H 68 14.18 4.09 16.58
CA SER H 68 15.60 3.87 16.39
CA SER H 68 15.60 3.87 16.39
C SER H 68 16.21 5.10 15.73
N ARG H 69 17.15 5.75 16.43
CA ARG H 69 17.95 6.81 15.81
C ARG H 69 19.12 6.10 15.15
N LEU H 70 18.95 5.74 13.88
CA LEU H 70 19.92 4.88 13.20
CA LEU H 70 19.92 4.88 13.20
C LEU H 70 21.22 5.61 12.92
N ASN H 71 21.17 6.93 12.76
CA ASN H 71 22.30 7.79 12.47
C ASN H 71 21.80 9.22 12.62
N LYS H 72 22.63 10.20 12.26
CA LYS H 72 22.24 11.60 12.45
C LYS H 72 21.05 11.99 11.57
N ARG H 73 20.92 11.34 10.41
CA ARG H 73 19.86 11.65 9.45
C ARG H 73 18.55 10.93 9.73
N GLU H 74 18.55 9.77 10.36
CA GLU H 74 17.41 8.87 10.28
C GLU H 74 16.84 8.50 11.63
N PHE H 75 15.52 8.53 11.73
CA PHE H 75 14.81 8.26 12.99
C PHE H 75 13.54 7.50 12.60
N SER H 76 13.53 6.19 12.81
CA SER H 76 12.40 5.39 12.40
C SER H 76 11.48 5.11 13.59
N LEU H 77 10.18 4.96 13.28
CA LEU H 77 9.15 4.65 14.26
C LEU H 77 8.55 3.28 13.96
N ARG H 78 8.45 2.45 14.99
CA ARG H 78 8.06 1.05 14.84
C ARG H 78 6.78 0.80 15.63
N LEU H 79 5.78 0.21 14.97
CA LEU H 79 4.57 -0.29 15.63
C LEU H 79 4.68 -1.81 15.59
N GLU H 80 5.07 -2.41 16.71
CA GLU H 80 5.30 -3.85 16.71
C GLU H 80 4.03 -4.63 16.46
N SER H 81 2.92 -4.21 17.06
CA SER H 81 1.63 -4.91 17.01
C SER H 81 0.52 -3.86 16.95
N ALA H 82 0.10 -3.52 15.74
CA ALA H 82 -0.76 -2.35 15.57
C ALA H 82 -2.09 -2.55 16.28
N ALA H 83 -2.59 -1.48 16.87
CA ALA H 83 -3.89 -1.46 17.51
C ALA H 83 -4.75 -0.38 16.88
N PRO H 84 -6.07 -0.58 16.83
CA PRO H 84 -6.96 0.44 16.28
C PRO H 84 -6.74 1.83 16.86
N SER H 85 -6.39 1.94 18.14
CA SER H 85 -6.16 3.23 18.74
C SER H 85 -4.99 3.97 18.11
N GLN H 86 -4.16 3.27 17.34
CA GLN H 86 -3.03 3.88 16.68
C GLN H 86 -3.38 4.42 15.30
N THR H 87 -4.64 4.33 14.89
CA THR H 87 -5.12 5.07 13.74
C THR H 87 -4.94 6.56 14.01
N SER H 88 -4.23 7.25 13.11
CA SER H 88 -3.80 8.61 13.37
C SER H 88 -3.01 9.12 12.18
N VAL H 89 -2.58 10.39 12.24
CA VAL H 89 -1.62 10.92 11.30
C VAL H 89 -0.32 11.15 12.05
N TYR H 90 0.78 10.63 11.50
CA TYR H 90 2.07 10.65 12.18
C TYR H 90 2.98 11.64 11.47
N PHE H 91 3.62 12.52 12.25
CA PHE H 91 4.56 13.48 11.71
C PHE H 91 5.92 13.29 12.36
N CYS H 92 6.93 13.17 11.53
CA CYS H 92 8.32 13.27 11.95
CA CYS H 92 8.27 13.29 12.06
C CYS H 92 8.74 14.73 11.85
N ALA H 93 9.63 15.15 12.74
CA ALA H 93 10.08 16.53 12.70
C ALA H 93 11.52 16.55 13.16
N SER H 94 12.22 17.64 12.85
CA SER H 94 13.60 17.79 13.28
C SER H 94 13.83 19.25 13.62
N SER H 95 14.86 19.50 14.41
CA SER H 95 15.27 20.86 14.74
C SER H 95 16.78 20.84 14.94
N VAL H 96 17.40 22.01 14.87
CA VAL H 96 18.86 22.04 14.96
C VAL H 96 19.32 21.41 16.27
N TRP H 97 18.73 21.86 17.40
CA TRP H 97 18.98 21.34 18.75
C TRP H 97 17.65 21.21 19.50
N THR H 98 17.70 20.60 20.70
CA THR H 98 16.54 20.52 21.60
C THR H 98 16.66 21.42 22.81
N GLY H 99 17.85 21.58 23.36
CA GLY H 99 17.95 22.36 24.58
C GLY H 99 18.07 23.86 24.38
N GLU H 100 17.49 24.39 23.32
CA GLU H 100 17.55 25.83 23.05
C GLU H 100 16.12 26.37 23.00
N GLY H 101 15.99 27.68 22.90
CA GLY H 101 14.67 28.24 23.05
C GLY H 101 13.93 28.56 21.76
N SER H 102 14.59 29.24 20.83
CA SER H 102 13.84 29.84 19.73
C SER H 102 13.80 28.98 18.47
N GLY H 103 14.61 27.93 18.37
CA GLY H 103 14.69 27.19 17.12
C GLY H 103 13.41 26.40 16.85
N GLU H 104 12.92 26.50 15.63
CA GLU H 104 11.64 25.91 15.28
C GLU H 104 11.78 24.45 14.83
N LEU H 105 10.63 23.81 14.68
CA LEU H 105 10.54 22.48 14.10
C LEU H 105 10.30 22.55 12.60
N PHE H 106 10.85 21.56 11.90
CA PHE H 106 10.65 21.30 10.49
C PHE H 106 9.99 19.94 10.36
N PHE H 107 8.82 19.90 9.74
CA PHE H 107 7.97 18.73 9.71
C PHE H 107 8.07 17.99 8.39
N GLY H 108 7.98 16.65 8.46
CA GLY H 108 7.73 15.83 7.29
C GLY H 108 6.28 15.92 6.83
N GLU H 109 6.00 15.23 5.73
CA GLU H 109 4.70 15.35 5.07
C GLU H 109 3.58 14.63 5.80
N GLY H 110 3.87 13.79 6.79
CA GLY H 110 2.83 13.06 7.48
C GLY H 110 2.59 11.69 6.90
N SER H 111 2.22 10.74 7.76
CA SER H 111 1.88 9.37 7.37
C SER H 111 0.52 9.05 7.97
N ARG H 112 -0.46 8.74 7.14
CA ARG H 112 -1.80 8.46 7.64
C ARG H 112 -1.98 6.96 7.79
N LEU H 113 -2.20 6.49 9.02
CA LEU H 113 -2.31 5.07 9.34
C LEU H 113 -3.73 4.77 9.76
N THR H 114 -4.31 3.72 9.19
CA THR H 114 -5.61 3.24 9.65
C THR H 114 -5.43 1.78 10.02
N VAL H 115 -5.74 1.47 11.28
CA VAL H 115 -5.60 0.12 11.80
C VAL H 115 -6.99 -0.45 11.99
N LEU H 116 -7.25 -1.62 11.40
CA LEU H 116 -8.58 -2.22 11.35
C LEU H 116 -8.55 -3.63 11.90
N GLU H 117 -9.63 -4.02 12.59
CA GLU H 117 -9.74 -5.39 13.09
C GLU H 117 -9.87 -6.38 11.95
N ASP H 118 -10.52 -5.99 10.85
CA ASP H 118 -10.78 -6.84 9.71
C ASP H 118 -10.66 -6.01 8.44
N LEU H 119 -9.91 -6.50 7.46
CA LEU H 119 -9.75 -5.77 6.22
C LEU H 119 -10.97 -5.85 5.30
N LYS H 120 -12.03 -6.55 5.70
CA LYS H 120 -13.20 -6.61 4.83
C LYS H 120 -13.95 -5.28 4.74
N ASN H 121 -13.55 -4.28 5.52
CA ASN H 121 -14.14 -2.94 5.43
C ASN H 121 -13.44 -2.04 4.41
N VAL H 122 -12.42 -2.54 3.73
CA VAL H 122 -11.61 -1.72 2.81
C VAL H 122 -12.26 -1.77 1.42
N PHE H 123 -12.59 -0.59 0.87
CA PHE H 123 -13.17 -0.52 -0.48
C PHE H 123 -12.49 0.56 -1.32
N PRO H 124 -12.25 0.30 -2.60
CA PRO H 124 -11.74 1.34 -3.50
C PRO H 124 -12.86 2.28 -3.89
N PRO H 125 -12.55 3.45 -4.43
CA PRO H 125 -13.61 4.35 -4.89
C PRO H 125 -14.17 3.93 -6.24
N GLU H 126 -15.46 4.16 -6.40
CA GLU H 126 -16.10 4.27 -7.70
C GLU H 126 -15.91 5.71 -8.16
N VAL H 127 -15.50 5.92 -9.40
CA VAL H 127 -15.24 7.26 -9.92
C VAL H 127 -16.11 7.49 -11.13
N ALA H 128 -16.82 8.62 -11.15
CA ALA H 128 -17.63 8.99 -12.30
C ALA H 128 -17.50 10.50 -12.57
N VAL H 129 -17.56 10.87 -13.85
CA VAL H 129 -17.50 12.28 -14.26
C VAL H 129 -18.83 12.68 -14.88
N PHE H 130 -19.28 13.88 -14.54
CA PHE H 130 -20.56 14.40 -15.01
C PHE H 130 -20.32 15.69 -15.80
N GLU H 131 -20.84 15.73 -17.03
CA GLU H 131 -20.49 16.80 -17.96
C GLU H 131 -21.34 18.04 -17.68
N PRO H 132 -20.88 19.21 -18.12
CA PRO H 132 -21.52 20.47 -17.72
C PRO H 132 -22.96 20.58 -18.19
N SER H 133 -23.75 21.26 -17.37
CA SER H 133 -25.11 21.68 -17.74
C SER H 133 -25.10 22.66 -18.89
N GLU H 134 -25.92 22.38 -19.91
CA GLU H 134 -26.09 23.33 -21.01
C GLU H 134 -26.70 24.63 -20.51
N ALA H 135 -27.57 24.58 -19.50
CA ALA H 135 -28.11 25.80 -18.93
C ALA H 135 -27.02 26.66 -18.31
N GLU H 136 -26.04 26.03 -17.64
CA GLU H 136 -24.91 26.80 -17.08
C GLU H 136 -24.13 27.48 -18.20
N ILE H 137 -23.85 26.73 -19.27
CA ILE H 137 -23.05 27.28 -20.36
C ILE H 137 -23.74 28.50 -20.96
N SER H 138 -25.05 28.44 -21.15
CA SER H 138 -25.73 29.57 -21.79
CA SER H 138 -25.75 29.56 -21.79
C SER H 138 -25.92 30.74 -20.85
N HIS H 139 -26.01 30.49 -19.55
CA HIS H 139 -26.27 31.55 -18.58
C HIS H 139 -25.00 32.27 -18.11
N THR H 140 -23.86 31.58 -18.10
CA THR H 140 -22.63 32.09 -17.48
C THR H 140 -21.43 32.09 -18.41
N GLN H 141 -21.53 31.45 -19.58
CA GLN H 141 -20.39 31.28 -20.48
CA GLN H 141 -20.40 31.24 -20.50
C GLN H 141 -19.26 30.49 -19.82
N LYS H 142 -19.60 29.67 -18.84
CA LYS H 142 -18.64 28.83 -18.13
C LYS H 142 -19.25 27.44 -18.02
N ALA H 143 -18.38 26.47 -17.76
CA ALA H 143 -18.79 25.05 -17.78
C ALA H 143 -18.11 24.33 -16.63
N THR H 144 -18.91 23.74 -15.72
CA THR H 144 -18.42 23.04 -14.55
C THR H 144 -18.61 21.53 -14.74
N LEU H 145 -17.51 20.78 -14.75
CA LEU H 145 -17.54 19.33 -14.67
C LEU H 145 -17.41 18.92 -13.21
N VAL H 146 -18.05 17.81 -12.85
CA VAL H 146 -18.00 17.29 -11.49
C VAL H 146 -17.47 15.86 -11.53
N CYS H 147 -16.57 15.56 -10.61
CA CYS H 147 -16.07 14.22 -10.38
C CYS H 147 -16.57 13.75 -9.02
N LEU H 148 -17.15 12.54 -8.97
CA LEU H 148 -17.54 11.92 -7.71
C LEU H 148 -16.75 10.65 -7.50
N ALA H 149 -16.11 10.54 -6.35
CA ALA H 149 -15.41 9.34 -5.91
C ALA H 149 -16.15 8.84 -4.68
N THR H 150 -16.80 7.68 -4.79
CA THR H 150 -17.81 7.27 -3.82
C THR H 150 -17.56 5.83 -3.37
N GLY H 151 -17.96 5.53 -2.14
CA GLY H 151 -17.87 4.17 -1.63
C GLY H 151 -16.52 3.71 -1.12
N PHE H 152 -15.57 4.61 -0.91
CA PHE H 152 -14.23 4.14 -0.55
C PHE H 152 -14.04 4.14 0.97
N TYR H 153 -13.09 3.33 1.41
CA TYR H 153 -12.70 3.24 2.82
C TYR H 153 -11.37 2.49 2.91
N PRO H 154 -10.40 2.98 3.71
CA PRO H 154 -10.45 4.20 4.48
C PRO H 154 -10.22 5.44 3.62
N ASP H 155 -10.20 6.61 4.25
CA ASP H 155 -10.06 7.87 3.53
C ASP H 155 -8.59 8.10 3.17
N HIS H 156 -8.10 7.24 2.28
CA HIS H 156 -6.74 7.30 1.76
C HIS H 156 -6.81 7.47 0.25
N VAL H 157 -7.16 8.69 -0.21
CA VAL H 157 -7.29 8.94 -1.65
C VAL H 157 -6.61 10.25 -2.02
N GLU H 158 -6.23 10.33 -3.30
CA GLU H 158 -5.70 11.55 -3.90
C GLU H 158 -6.36 11.74 -5.27
N LEU H 159 -7.19 12.77 -5.39
CA LEU H 159 -7.95 13.04 -6.61
C LEU H 159 -7.25 14.14 -7.42
N SER H 160 -7.13 13.91 -8.73
CA SER H 160 -6.49 14.87 -9.63
C SER H 160 -7.28 14.98 -10.93
N TRP H 161 -7.22 16.15 -11.54
CA TRP H 161 -7.83 16.37 -12.85
C TRP H 161 -6.73 16.46 -13.91
N TRP H 162 -7.02 15.92 -15.08
CA TRP H 162 -6.07 15.84 -16.19
C TRP H 162 -6.77 16.37 -17.44
N VAL H 163 -6.20 17.41 -18.02
CA VAL H 163 -6.76 18.03 -19.22
C VAL H 163 -5.76 17.88 -20.34
N ASN H 164 -6.18 17.22 -21.42
CA ASN H 164 -5.31 16.97 -22.56
C ASN H 164 -3.98 16.35 -22.12
N GLY H 165 -4.07 15.34 -21.26
CA GLY H 165 -2.92 14.59 -20.83
C GLY H 165 -2.11 15.20 -19.71
N LYS H 166 -2.38 16.45 -19.32
CA LYS H 166 -1.59 17.13 -18.29
C LYS H 166 -2.48 17.43 -17.08
N GLU H 167 -1.92 17.23 -15.89
CA GLU H 167 -2.65 17.56 -14.68
C GLU H 167 -2.82 19.08 -14.53
N VAL H 168 -4.01 19.51 -14.14
CA VAL H 168 -4.30 20.92 -13.97
C VAL H 168 -4.73 21.16 -12.53
N HIS H 169 -4.62 22.41 -12.11
CA HIS H 169 -4.98 22.83 -10.76
C HIS H 169 -5.83 24.08 -10.80
N SER H 170 -5.60 24.94 -11.78
CA SER H 170 -6.42 26.14 -11.91
C SER H 170 -7.86 25.76 -12.26
N GLY H 171 -8.81 26.38 -11.58
CA GLY H 171 -10.22 26.10 -11.81
C GLY H 171 -10.73 24.84 -11.15
N VAL H 172 -9.94 24.20 -10.30
CA VAL H 172 -10.32 22.99 -9.58
C VAL H 172 -10.63 23.32 -8.13
N CYS H 173 -11.71 22.77 -7.58
CA CYS H 173 -11.92 22.72 -6.13
CA CYS H 173 -11.80 22.67 -6.14
C CYS H 173 -12.35 21.30 -5.79
N THR H 174 -11.60 20.63 -4.92
CA THR H 174 -11.92 19.32 -4.36
C THR H 174 -12.29 19.50 -2.90
N ASP H 175 -13.34 18.82 -2.45
CA ASP H 175 -13.75 18.89 -1.06
C ASP H 175 -12.55 18.68 -0.14
N PRO H 176 -12.33 19.56 0.84
CA PRO H 176 -11.20 19.33 1.77
C PRO H 176 -11.36 18.10 2.63
N GLN H 177 -12.58 17.78 3.02
CA GLN H 177 -12.88 16.60 3.80
C GLN H 177 -13.88 15.73 3.06
N PRO H 178 -13.71 14.42 3.11
CA PRO H 178 -14.71 13.51 2.53
C PRO H 178 -16.01 13.55 3.34
N LEU H 179 -17.07 13.12 2.68
CA LEU H 179 -18.37 12.98 3.31
C LEU H 179 -18.59 11.54 3.74
N LYS H 180 -19.12 11.34 4.95
CA LYS H 180 -19.52 10.00 5.39
C LYS H 180 -20.83 9.62 4.75
N GLU H 181 -20.84 8.51 4.01
CA GLU H 181 -22.07 8.09 3.34
C GLU H 181 -23.14 7.67 4.35
N GLN H 182 -22.73 7.05 5.45
CA GLN H 182 -23.64 6.71 6.55
C GLN H 182 -23.08 7.31 7.83
N PRO H 183 -23.48 8.54 8.16
CA PRO H 183 -22.81 9.28 9.25
C PRO H 183 -22.86 8.59 10.61
N ALA H 184 -23.84 7.72 10.87
CA ALA H 184 -23.91 7.04 12.15
C ALA H 184 -22.93 5.87 12.23
N LEU H 185 -22.80 5.08 11.15
CA LEU H 185 -21.87 3.96 11.16
C LEU H 185 -20.44 4.46 11.42
N ASN H 186 -19.75 3.78 12.32
CA ASN H 186 -18.41 4.20 12.71
CA ASN H 186 -18.41 4.23 12.70
C ASN H 186 -17.40 4.01 11.59
N ASP H 187 -17.54 2.93 10.81
CA ASP H 187 -16.63 2.62 9.71
C ASP H 187 -17.22 2.98 8.35
N SER H 188 -18.06 4.02 8.32
CA SER H 188 -18.78 4.40 7.12
C SER H 188 -17.85 4.58 5.93
N ARG H 189 -18.27 4.11 4.77
CA ARG H 189 -17.54 4.46 3.56
C ARG H 189 -17.73 5.94 3.23
N TYR H 190 -16.84 6.47 2.40
CA TYR H 190 -16.72 7.91 2.16
C TYR H 190 -17.11 8.27 0.74
N ALA H 191 -17.41 9.55 0.55
CA ALA H 191 -17.58 10.12 -0.77
C ALA H 191 -16.83 11.44 -0.82
N LEU H 192 -16.30 11.75 -2.01
CA LEU H 192 -15.52 12.95 -2.24
C LEU H 192 -15.96 13.52 -3.58
N SER H 193 -16.25 14.82 -3.62
CA SER H 193 -16.59 15.48 -4.87
C SER H 193 -15.51 16.48 -5.26
N SER H 194 -15.42 16.77 -6.56
CA SER H 194 -14.50 17.79 -7.05
C SER H 194 -15.08 18.41 -8.30
N ARG H 195 -14.78 19.69 -8.50
CA ARG H 195 -15.28 20.42 -9.65
C ARG H 195 -14.11 20.96 -10.44
N LEU H 196 -14.27 20.99 -11.76
CA LEU H 196 -13.36 21.67 -12.65
C LEU H 196 -14.20 22.61 -13.50
N ARG H 197 -13.90 23.91 -13.45
CA ARG H 197 -14.67 24.87 -14.19
C ARG H 197 -13.78 25.48 -15.27
N VAL H 198 -14.27 25.51 -16.51
CA VAL H 198 -13.52 26.06 -17.63
C VAL H 198 -14.45 27.03 -18.36
N SER H 199 -13.87 27.80 -19.30
CA SER H 199 -14.69 28.63 -20.15
C SER H 199 -15.57 27.77 -21.06
N ALA H 200 -16.73 28.33 -21.42
CA ALA H 200 -17.57 27.67 -22.43
C ALA H 200 -16.79 27.40 -23.71
N THR H 201 -15.97 28.35 -24.16
CA THR H 201 -15.15 28.15 -25.36
C THR H 201 -14.23 26.94 -25.24
N PHE H 202 -13.58 26.77 -24.08
CA PHE H 202 -12.69 25.64 -23.87
C PHE H 202 -13.46 24.33 -23.87
N TRP H 203 -14.61 24.29 -23.20
CA TRP H 203 -15.45 23.11 -23.20
C TRP H 203 -15.97 22.77 -24.60
N GLN H 204 -16.25 23.79 -25.42
CA GLN H 204 -16.85 23.55 -26.73
C GLN H 204 -15.85 23.17 -27.82
N ASN H 205 -14.57 23.08 -27.50
CA ASN H 205 -13.55 22.55 -28.40
C ASN H 205 -13.58 21.02 -28.33
N PRO H 206 -13.98 20.34 -29.42
CA PRO H 206 -14.16 18.89 -29.36
C PRO H 206 -12.88 18.11 -29.20
N ARG H 207 -11.74 18.74 -29.35
CA ARG H 207 -10.45 18.09 -29.15
CA ARG H 207 -10.49 18.02 -29.14
C ARG H 207 -10.01 18.08 -27.69
N ASN H 208 -10.64 18.88 -26.83
CA ASN H 208 -10.23 18.91 -25.43
C ASN H 208 -10.76 17.69 -24.70
N HIS H 209 -9.91 17.11 -23.85
CA HIS H 209 -10.18 15.86 -23.18
C HIS H 209 -9.98 16.08 -21.69
N PHE H 210 -10.93 15.60 -20.88
CA PHE H 210 -10.95 15.79 -19.43
C PHE H 210 -10.97 14.43 -18.74
N ARG H 211 -10.13 14.27 -17.73
CA ARG H 211 -10.14 13.05 -16.94
C ARG H 211 -10.01 13.39 -15.47
N CYS H 212 -10.76 12.71 -14.62
CA CYS H 212 -10.56 12.75 -13.18
CA CYS H 212 -10.49 12.77 -13.19
C CYS H 212 -10.02 11.40 -12.73
N GLN H 213 -8.88 11.38 -12.03
CA GLN H 213 -8.29 10.14 -11.58
C GLN H 213 -8.11 10.19 -10.07
N VAL H 214 -8.39 9.05 -9.43
CA VAL H 214 -8.28 8.92 -7.99
C VAL H 214 -7.29 7.80 -7.69
N GLN H 215 -6.18 8.14 -7.03
CA GLN H 215 -5.27 7.16 -6.47
C GLN H 215 -5.81 6.72 -5.11
N PHE H 216 -5.99 5.41 -4.96
CA PHE H 216 -6.43 4.80 -3.72
C PHE H 216 -5.27 4.05 -3.12
N TYR H 217 -5.10 4.17 -1.80
CA TYR H 217 -4.05 3.43 -1.08
C TYR H 217 -4.73 2.35 -0.26
N GLY H 218 -4.49 1.09 -0.60
CA GLY H 218 -5.22 0.01 0.01
C GLY H 218 -4.31 -1.13 0.41
N LEU H 219 -4.68 -2.35 0.06
CA LEU H 219 -3.92 -3.52 0.47
C LEU H 219 -2.77 -3.78 -0.49
N SER H 220 -1.89 -4.70 -0.08
CA SER H 220 -0.77 -5.12 -0.93
C SER H 220 -0.75 -6.64 -0.97
N GLU H 221 0.27 -7.17 -1.69
CA GLU H 221 0.34 -8.60 -1.92
C GLU H 221 0.25 -9.39 -0.62
N ASN H 222 0.93 -8.94 0.42
CA ASN H 222 1.06 -9.75 1.62
C ASN H 222 -0.20 -9.73 2.48
N ASP H 223 -1.09 -8.78 2.29
CA ASP H 223 -2.34 -8.74 3.05
C ASP H 223 -3.21 -9.92 2.66
N GLU H 224 -3.80 -10.58 3.65
CA GLU H 224 -4.64 -11.74 3.37
C GLU H 224 -6.04 -11.29 2.96
N TRP H 225 -6.60 -11.95 1.95
CA TRP H 225 -7.93 -11.64 1.46
C TRP H 225 -8.77 -12.91 1.39
N THR H 226 -9.94 -12.89 2.01
CA THR H 226 -10.82 -14.04 2.05
C THR H 226 -12.24 -13.73 1.58
N GLN H 227 -12.52 -12.50 1.15
CA GLN H 227 -13.86 -12.12 0.73
C GLN H 227 -14.16 -12.57 -0.70
N ASP H 228 -15.45 -12.59 -1.04
CA ASP H 228 -15.90 -12.98 -2.38
C ASP H 228 -15.63 -11.90 -3.42
N ARG H 229 -15.60 -10.64 -2.99
CA ARG H 229 -15.31 -9.56 -3.89
C ARG H 229 -13.80 -9.45 -4.13
N ALA H 230 -13.45 -8.57 -5.06
CA ALA H 230 -12.06 -8.38 -5.44
C ALA H 230 -11.25 -7.73 -4.32
N LYS H 231 -10.01 -8.17 -4.18
CA LYS H 231 -9.10 -7.62 -3.19
C LYS H 231 -8.88 -6.13 -3.43
N PRO H 232 -9.16 -5.26 -2.46
CA PRO H 232 -9.05 -3.78 -2.67
C PRO H 232 -7.63 -3.26 -2.50
N VAL H 233 -6.79 -3.56 -3.49
CA VAL H 233 -5.39 -3.17 -3.48
C VAL H 233 -5.23 -1.70 -3.85
N THR H 234 -4.06 -1.15 -3.58
CA THR H 234 -3.69 0.16 -4.07
C THR H 234 -3.84 0.21 -5.58
N GLN H 235 -4.46 1.28 -6.08
CA GLN H 235 -4.86 1.31 -7.47
C GLN H 235 -5.34 2.70 -7.82
N ILE H 236 -5.34 3.00 -9.11
CA ILE H 236 -5.88 4.24 -9.65
C ILE H 236 -7.20 3.94 -10.34
N VAL H 237 -8.22 4.76 -10.09
CA VAL H 237 -9.54 4.62 -10.68
C VAL H 237 -9.86 5.94 -11.35
N SER H 238 -10.31 5.91 -12.60
CA SER H 238 -10.49 7.18 -13.31
C SER H 238 -11.76 7.17 -14.15
N ALA H 239 -12.13 8.38 -14.63
CA ALA H 239 -13.24 8.52 -15.55
C ALA H 239 -12.97 9.74 -16.42
N GLU H 240 -13.50 9.73 -17.64
CA GLU H 240 -13.17 10.80 -18.56
C GLU H 240 -14.42 11.41 -19.21
N ALA H 241 -14.19 12.55 -19.85
CA ALA H 241 -15.15 13.22 -20.73
C ALA H 241 -14.40 13.96 -21.83
N TRP H 242 -15.08 14.18 -22.94
CA TRP H 242 -14.55 14.97 -24.05
C TRP H 242 -15.39 16.23 -24.20
N GLY H 243 -14.73 17.32 -24.60
CA GLY H 243 -15.45 18.50 -24.98
C GLY H 243 -16.44 18.22 -26.09
N ARG H 244 -17.45 19.07 -26.21
CA ARG H 244 -18.52 18.80 -27.14
C ARG H 244 -18.88 20.09 -27.88
N ALA H 245 -18.98 19.99 -29.20
CA ALA H 245 -19.30 21.14 -30.05
C ALA H 245 -20.78 21.17 -30.40
#